data_9N6C
#
_entry.id   9N6C
#
_cell.length_a   1.00
_cell.length_b   1.00
_cell.length_c   1.00
_cell.angle_alpha   90.00
_cell.angle_beta   90.00
_cell.angle_gamma   90.00
#
_symmetry.space_group_name_H-M   'P 1'
#
loop_
_entity.id
_entity.type
_entity.pdbx_description
1 polymer 'AAA family ATPase'
2 polymer 'RNA-directed DNA polymerase'
3 polymer 'Retron IA msDNA'
4 polymer 'Retron IA ncRNA'
5 non-polymer "ADENOSINE-5'-TRIPHOSPHATE"
#
loop_
_entity_poly.entity_id
_entity_poly.type
_entity_poly.pdbx_seq_one_letter_code
_entity_poly.pdbx_strand_id
1 'polypeptide(L)'
;MWSHPQFEKINKMNLETCYVDFLELESHVINEDYLKESVELQKLISTLNESKFHLNKIGIHDFKRIRELQISLEDDLTVF
VGDNGFGKSTILDAIAIVLSWLRSNIEKESKPGTYIKSHEVNNSVDVEYASIDANIKLKDFNTSILITKAKEGAYYSRNN
ELLGVKKLASIYRLVNKYVDNASLPLMAYYSIARSYIGGGVDRKRKNAKTKTVWSKFDVYDEIEFDRNDFTDFFQWLVFL
HNRASQEKLSESQTTINALFSDIQSLKATLTQLSAIDNIDSTVIKGLELSLKEKLNYMKSLQSGEHKFNNAVSLYDSVIN
TILKFLPEFQWIKLVYGDDDYKIILKKGEVELDIQQLSQGEKTIFTLVGDLARRLILLNPNLSNPLLGYGIVLIDEIDLH
LHPQWQQTIIERLTSTFPNVQFVITTHSPQVLSTVSSRSVRILQEVEVDGVNDLIVSHPDYQIKGVSNQDALLYGMRTDP
IPSTKENGWLEEYKKLVELNRYSSDEALLLREKVIKHFGLDHPLVQECDDLISVLEFKNKINQHFSGSKDVK
;
A,B,C,D
2 'polypeptide(L)'
;MQLTSKIISKFNYNRLAFQLLLNEAPKKYKVYYIPKRGAGFRVIAQPTKELKNVQRFIVSLLQPKLPVHHKAMAYEYKKS
IKDNALLHKDNNYILKMDFQNFFNKIKPDIFFSKLENTGLKLDSFDENTLRNLLFWRPGKKRSTTLILSVGAPSSPFISN
FVMYDFDKSLDDWCRNNGITYSRYADDITFSTNIKDILCRVPKVVKKMLSLHVPGLSINESKTIFTSMAHNRHVTGVTLT
PQGNLSIGRDRKRMLFAKIHKYSLGLLSSEEINKTKGMIAFANYLEGDFLLRLQKKYGCELITKFLMEGNK
;
E
3 'polydeoxyribonucleotide'
;(DT)(DA)(DA)(DA)(DG)(DA)(DC)(DA)(DG)(DC)(DG)(DA)(DA)(DA)(DG)(DA)(DC)(DA)(DC)(DA)
(DG)(DA)(DT)(DT)(DT)(DC)(DT)(DC)(DC)(DT)(DT)(DC)(DG)(DC)(DA)(DT)(DA)(DT)(DC)(DT)
(DG)(DC)(DC)(DC)(DC)(DG)(DG)(DG)(DC)(DA)(DG)(DG)(DG)(DA)(DT)(DG)(DC)(DG)(DA)(DA)
(DG)(DG)(DA)(DG)(DA)(DA)(DA)(DT)(DC)(DT)(DG)(DT)(DG)(DT)(DC)(DT)(DT)(DT)(DC)(DG)
(DC)(DA)(DA)(DC)(DC)(DC)(DT)(DA)(DA)(DA)(DC)(DC)
;
H
4 'polyribonucleotide' UAGUGUAGGAACAUUGGUUCCAGCCGGGUGAUUAGCCAGGCUUAAAUUUAUUGUCCGGUUUAG I
#
loop_
_chem_comp.id
_chem_comp.type
_chem_comp.name
_chem_comp.formula
A RNA linking ADENOSINE-5'-MONOPHOSPHATE 'C10 H14 N5 O7 P'
ATP non-polymer ADENOSINE-5'-TRIPHOSPHATE 'C10 H16 N5 O13 P3'
C RNA linking CYTIDINE-5'-MONOPHOSPHATE 'C9 H14 N3 O8 P'
DA DNA linking 2'-DEOXYADENOSINE-5'-MONOPHOSPHATE 'C10 H14 N5 O6 P'
DC DNA linking 2'-DEOXYCYTIDINE-5'-MONOPHOSPHATE 'C9 H14 N3 O7 P'
DG DNA linking 2'-DEOXYGUANOSINE-5'-MONOPHOSPHATE 'C10 H14 N5 O7 P'
DT DNA linking THYMIDINE-5'-MONOPHOSPHATE 'C10 H15 N2 O8 P'
G RNA linking GUANOSINE-5'-MONOPHOSPHATE 'C10 H14 N5 O8 P'
U RNA linking URIDINE-5'-MONOPHOSPHATE 'C9 H13 N2 O9 P'
#
# COMPACT_ATOMS: atom_id res chain seq x y z
N MET A 13 23.65 22.67 43.03
CA MET A 13 22.31 22.08 43.06
C MET A 13 21.94 21.48 41.71
N ASN A 14 21.69 20.18 41.69
CA ASN A 14 21.31 19.51 40.46
C ASN A 14 19.93 19.98 39.98
N LEU A 15 19.76 20.03 38.66
CA LEU A 15 18.51 20.49 38.08
C LEU A 15 17.36 19.56 38.43
N GLU A 16 17.64 18.28 38.71
CA GLU A 16 16.59 17.36 39.15
C GLU A 16 15.98 17.81 40.48
N THR A 17 16.83 18.23 41.42
CA THR A 17 16.31 18.71 42.69
C THR A 17 15.51 19.99 42.51
N CYS A 18 15.98 20.89 41.63
CA CYS A 18 15.19 22.09 41.39
C CYS A 18 13.89 21.75 40.67
N TYR A 19 13.86 20.61 39.97
CA TYR A 19 12.66 20.19 39.27
C TYR A 19 11.61 19.71 40.26
N VAL A 20 12.02 18.91 41.24
CA VAL A 20 11.02 18.27 42.10
C VAL A 20 10.35 19.31 42.98
N ASP A 21 11.11 20.30 43.46
CA ASP A 21 10.49 21.26 44.36
C ASP A 21 9.55 22.17 43.60
N PHE A 22 9.85 22.41 42.32
CA PHE A 22 8.94 23.21 41.52
C PHE A 22 7.66 22.41 41.27
N LEU A 23 7.80 21.10 41.07
CA LEU A 23 6.60 20.30 40.87
C LEU A 23 5.71 20.34 42.09
N GLU A 24 6.32 20.24 43.29
CA GLU A 24 5.54 20.32 44.52
C GLU A 24 4.91 21.69 44.69
N LEU A 25 5.65 22.76 44.40
CA LEU A 25 5.11 24.11 44.55
C LEU A 25 3.97 24.34 43.57
N GLU A 26 4.10 23.85 42.34
CA GLU A 26 3.04 24.02 41.36
C GLU A 26 1.80 23.26 41.78
N SER A 27 1.98 22.06 42.34
CA SER A 27 0.82 21.30 42.78
C SER A 27 0.12 22.00 43.94
N HIS A 28 0.89 22.55 44.88
CA HIS A 28 0.31 23.21 46.04
C HIS A 28 -0.22 24.60 45.72
N VAL A 29 0.67 25.49 45.26
CA VAL A 29 0.29 26.86 44.96
C VAL A 29 -0.59 26.92 43.71
N ILE A 30 -1.46 27.93 43.66
CA ILE A 30 -2.37 28.12 42.55
C ILE A 30 -2.22 29.48 41.88
N ASN A 31 -1.69 30.49 42.58
CA ASN A 31 -1.55 31.83 42.02
C ASN A 31 -0.52 31.83 40.91
N GLU A 32 -0.95 32.20 39.69
CA GLU A 32 -0.02 32.25 38.56
C GLU A 32 1.06 33.29 38.77
N ASP A 33 0.69 34.46 39.31
CA ASP A 33 1.69 35.50 39.54
C ASP A 33 2.72 35.05 40.56
N TYR A 34 2.28 34.37 41.62
CA TYR A 34 3.21 33.85 42.62
C TYR A 34 4.14 32.83 42.01
N LEU A 35 3.60 31.95 41.14
CA LEU A 35 4.43 30.95 40.49
C LEU A 35 5.47 31.62 39.59
N LYS A 36 5.07 32.68 38.88
CA LYS A 36 6.00 33.38 38.01
C LYS A 36 7.10 34.04 38.84
N GLU A 37 6.75 34.62 39.99
CA GLU A 37 7.72 35.30 40.82
C GLU A 37 8.44 34.34 41.77
N SER A 38 8.08 33.06 41.75
CA SER A 38 8.68 32.07 42.64
C SER A 38 10.18 31.95 42.41
N VAL A 39 10.92 31.76 43.51
CA VAL A 39 12.37 31.63 43.43
C VAL A 39 12.74 30.38 42.64
N GLU A 40 11.97 29.30 42.81
CA GLU A 40 12.28 28.04 42.14
C GLU A 40 12.31 28.21 40.62
N LEU A 41 11.39 29.02 40.09
CA LEU A 41 11.39 29.27 38.65
C LEU A 41 12.68 29.95 38.21
N GLN A 42 13.14 30.95 38.98
CA GLN A 42 14.37 31.64 38.61
C GLN A 42 15.56 30.70 38.68
N LYS A 43 15.61 29.85 39.71
CA LYS A 43 16.72 28.89 39.82
C LYS A 43 16.70 27.91 38.66
N LEU A 44 15.52 27.42 38.29
CA LEU A 44 15.43 26.47 37.19
C LEU A 44 15.86 27.13 35.89
N ILE A 45 15.44 28.37 35.66
CA ILE A 45 15.82 29.07 34.44
C ILE A 45 17.33 29.27 34.41
N SER A 46 17.91 29.66 35.54
CA SER A 46 19.35 29.91 35.58
C SER A 46 20.12 28.63 35.28
N THR A 47 19.71 27.52 35.89
CA THR A 47 20.40 26.25 35.65
C THR A 47 20.26 25.81 34.20
N LEU A 48 19.05 25.92 33.64
CA LEU A 48 18.84 25.52 32.25
C LEU A 48 19.56 26.42 31.27
N ASN A 49 19.80 27.69 31.65
CA ASN A 49 20.39 28.65 30.73
C ASN A 49 21.79 28.23 30.28
N GLU A 50 22.60 27.73 31.21
CA GLU A 50 23.94 27.26 30.87
C GLU A 50 23.96 25.75 31.13
N SER A 51 23.83 24.99 30.04
CA SER A 51 23.92 23.53 30.10
C SER A 51 24.26 23.06 28.68
N LYS A 52 25.53 22.71 28.46
CA LYS A 52 25.99 22.41 27.11
C LYS A 52 25.43 21.06 26.67
N PHE A 53 24.59 21.08 25.65
CA PHE A 53 24.08 19.84 25.07
C PHE A 53 25.25 19.04 24.49
N HIS A 54 25.27 17.74 24.80
CA HIS A 54 26.44 16.92 24.48
C HIS A 54 26.02 15.47 24.39
N LEU A 55 26.48 14.78 23.35
CA LEU A 55 26.26 13.35 23.17
C LEU A 55 27.55 12.63 23.57
N ASN A 56 27.47 11.69 24.50
CA ASN A 56 28.70 11.07 24.97
C ASN A 56 29.18 9.96 24.04
N LYS A 57 28.37 8.92 23.85
CA LYS A 57 28.80 7.77 23.07
C LYS A 57 27.59 7.09 22.46
N ILE A 58 27.84 6.22 21.51
CA ILE A 58 26.76 5.51 20.82
C ILE A 58 27.27 4.15 20.35
N GLY A 59 26.40 3.17 20.46
CA GLY A 59 26.71 1.81 20.02
C GLY A 59 25.66 1.30 19.05
N ILE A 60 26.14 0.58 18.04
CA ILE A 60 25.30 0.04 16.98
C ILE A 60 25.47 -1.48 16.98
N HIS A 61 24.35 -2.18 16.83
CA HIS A 61 24.31 -3.64 16.93
C HIS A 61 23.39 -4.20 15.84
N ASP A 62 23.98 -4.82 14.83
CA ASP A 62 23.25 -5.51 13.76
C ASP A 62 22.28 -4.59 13.02
N PHE A 63 22.70 -3.36 12.75
CA PHE A 63 21.92 -2.40 11.98
C PHE A 63 22.54 -2.28 10.58
N LYS A 64 21.69 -2.40 9.56
CA LYS A 64 22.14 -2.36 8.17
C LYS A 64 23.22 -3.39 7.91
N ARG A 65 24.47 -2.92 7.77
CA ARG A 65 25.61 -3.79 7.52
C ARG A 65 26.56 -3.88 8.71
N ILE A 66 26.40 -3.03 9.72
CA ILE A 66 27.29 -3.03 10.88
C ILE A 66 26.87 -4.15 11.82
N ARG A 67 27.84 -4.94 12.28
CA ARG A 67 27.57 -6.00 13.24
C ARG A 67 27.68 -5.52 14.67
N GLU A 68 28.77 -4.84 15.01
CA GLU A 68 28.97 -4.31 16.36
C GLU A 68 29.91 -3.13 16.28
N LEU A 69 29.56 -2.05 16.97
CA LEU A 69 30.40 -0.85 16.94
C LEU A 69 30.08 0.02 18.15
N GLN A 70 31.10 0.42 18.89
CA GLN A 70 30.94 1.32 20.02
C GLN A 70 31.91 2.48 19.85
N ILE A 71 31.39 3.71 19.90
CA ILE A 71 32.22 4.88 19.62
C ILE A 71 31.86 6.00 20.58
N SER A 72 32.85 6.80 20.92
CA SER A 72 32.69 7.97 21.78
C SER A 72 32.90 9.25 20.98
N LEU A 73 32.04 10.23 21.22
CA LEU A 73 32.04 11.48 20.46
C LEU A 73 32.59 12.62 21.31
N GLU A 74 33.40 13.46 20.68
CA GLU A 74 33.96 14.62 21.37
C GLU A 74 32.89 15.69 21.54
N ASP A 75 33.18 16.65 22.43
CA ASP A 75 32.20 17.67 22.78
C ASP A 75 32.20 18.86 21.83
N ASP A 76 33.25 19.03 21.02
CA ASP A 76 33.34 20.19 20.14
C ASP A 76 33.40 19.82 18.66
N LEU A 77 34.16 18.79 18.30
CA LEU A 77 34.30 18.39 16.91
C LEU A 77 34.86 16.98 16.85
N THR A 78 34.38 16.20 15.88
CA THR A 78 34.90 14.85 15.65
C THR A 78 34.81 14.55 14.16
N VAL A 79 35.89 14.05 13.60
CA VAL A 79 35.99 13.76 12.17
C VAL A 79 36.07 12.25 11.99
N PHE A 80 35.22 11.72 11.12
CA PHE A 80 35.14 10.28 10.87
C PHE A 80 35.86 9.99 9.55
N VAL A 81 37.16 9.72 9.65
CA VAL A 81 37.98 9.43 8.49
C VAL A 81 38.20 7.92 8.42
N GLY A 82 38.58 7.46 7.23
CA GLY A 82 38.82 6.04 7.03
C GLY A 82 37.67 5.35 6.32
N ASP A 83 37.83 5.10 5.03
CA ASP A 83 36.78 4.44 4.26
C ASP A 83 36.65 2.97 4.63
N ASN A 84 35.43 2.45 4.51
CA ASN A 84 35.16 1.05 4.76
C ASN A 84 33.84 0.70 4.10
N GLY A 85 33.61 -0.61 3.93
CA GLY A 85 32.44 -1.06 3.19
C GLY A 85 31.12 -0.71 3.84
N PHE A 86 31.07 -0.69 5.18
CA PHE A 86 29.80 -0.48 5.87
C PHE A 86 29.21 0.90 5.57
N GLY A 87 30.05 1.88 5.24
CA GLY A 87 29.56 3.20 4.88
C GLY A 87 29.37 4.15 6.05
N LYS A 88 29.98 5.34 5.95
CA LYS A 88 29.91 6.30 7.04
C LYS A 88 28.50 6.86 7.23
N SER A 89 27.71 6.94 6.16
CA SER A 89 26.39 7.55 6.22
C SER A 89 25.47 6.83 7.20
N THR A 90 25.64 5.52 7.34
CA THR A 90 24.77 4.75 8.22
C THR A 90 24.86 5.25 9.65
N ILE A 91 26.06 5.63 10.09
CA ILE A 91 26.21 6.15 11.45
C ILE A 91 25.40 7.44 11.60
N LEU A 92 25.47 8.30 10.59
CA LEU A 92 24.80 9.59 10.69
C LEU A 92 23.30 9.39 10.77
N ASP A 93 22.76 8.50 9.94
CA ASP A 93 21.31 8.34 10.02
C ASP A 93 20.91 7.56 11.26
N ALA A 94 21.83 6.77 11.82
CA ALA A 94 21.55 6.10 13.08
C ALA A 94 21.36 7.14 14.17
N ILE A 95 22.22 8.16 14.19
CA ILE A 95 22.04 9.22 15.17
C ILE A 95 20.76 10.00 14.88
N ALA A 96 20.44 10.17 13.59
CA ALA A 96 19.24 10.92 13.23
C ALA A 96 17.98 10.23 13.76
N ILE A 97 17.98 8.89 13.78
CA ILE A 97 16.83 8.17 14.30
C ILE A 97 16.65 8.46 15.79
N VAL A 98 17.76 8.47 16.54
CA VAL A 98 17.69 8.73 17.97
C VAL A 98 17.20 10.14 18.23
N LEU A 99 17.75 11.11 17.49
CA LEU A 99 17.37 12.51 17.69
C LEU A 99 15.92 12.77 17.32
N SER A 100 15.37 11.97 16.39
CA SER A 100 14.00 12.19 15.95
C SER A 100 12.98 12.06 17.08
N TRP A 101 13.26 11.21 18.08
CA TRP A 101 12.31 10.99 19.17
C TRP A 101 12.22 12.17 20.13
N LEU A 102 13.29 12.95 20.28
CA LEU A 102 13.27 14.04 21.25
C LEU A 102 12.34 15.17 20.82
N ARG A 103 12.43 15.59 19.55
CA ARG A 103 11.62 16.72 19.11
C ARG A 103 10.13 16.35 19.13
N SER A 104 9.80 15.12 18.75
CA SER A 104 8.39 14.76 18.70
C SER A 104 7.78 14.84 20.09
N ASN A 105 8.51 14.39 21.11
CA ASN A 105 7.99 14.45 22.47
C ASN A 105 7.94 15.90 22.95
N ILE A 106 8.86 16.74 22.45
CA ILE A 106 8.85 18.15 22.84
C ILE A 106 7.59 18.82 22.33
N GLU A 107 7.20 18.54 21.08
CA GLU A 107 6.00 19.15 20.52
C GLU A 107 4.76 18.76 21.30
N LYS A 108 4.61 17.48 21.61
CA LYS A 108 3.47 17.02 22.41
C LYS A 108 3.87 15.72 23.09
N GLU A 109 3.28 15.48 24.26
CA GLU A 109 3.63 14.30 25.04
C GLU A 109 3.17 13.03 24.32
N SER A 110 3.98 11.98 24.45
CA SER A 110 3.69 10.63 23.95
C SER A 110 3.58 10.58 22.44
N LYS A 111 4.01 11.61 21.75
CA LYS A 111 4.03 11.60 20.28
C LYS A 111 5.03 10.57 19.79
N PRO A 112 4.67 9.74 18.82
CA PRO A 112 5.61 8.74 18.30
C PRO A 112 6.66 9.41 17.42
N GLY A 113 7.66 8.62 17.03
CA GLY A 113 8.74 9.08 16.19
C GLY A 113 8.98 8.14 15.03
N THR A 114 10.25 8.05 14.64
CA THR A 114 10.64 7.19 13.53
C THR A 114 10.99 5.80 14.04
N TYR A 115 10.29 4.80 13.53
CA TYR A 115 10.54 3.41 13.88
C TYR A 115 11.60 2.83 12.96
N ILE A 116 12.19 1.71 13.38
CA ILE A 116 13.11 0.97 12.52
C ILE A 116 12.28 0.07 11.62
N LYS A 117 12.47 0.20 10.31
CA LYS A 117 11.74 -0.63 9.36
C LYS A 117 12.34 -2.02 9.31
N SER A 118 11.49 -3.01 9.06
CA SER A 118 11.91 -4.40 9.11
C SER A 118 12.86 -4.75 7.98
N HIS A 119 12.98 -3.92 6.96
CA HIS A 119 13.79 -4.24 5.80
C HIS A 119 15.24 -3.80 5.95
N GLU A 120 15.62 -3.23 7.10
CA GLU A 120 17.00 -2.84 7.35
C GLU A 120 17.71 -3.72 8.36
N VAL A 121 16.99 -4.65 9.01
CA VAL A 121 17.64 -5.58 9.90
C VAL A 121 18.58 -6.47 9.10
N ASN A 122 19.66 -6.92 9.75
CA ASN A 122 20.68 -7.71 9.05
C ASN A 122 20.07 -9.00 8.51
N ASN A 123 20.53 -9.39 7.32
CA ASN A 123 20.00 -10.55 6.63
C ASN A 123 20.68 -11.86 7.00
N SER A 124 21.76 -11.81 7.78
CA SER A 124 22.43 -13.02 8.21
C SER A 124 21.52 -13.84 9.10
N VAL A 125 21.60 -15.18 8.97
CA VAL A 125 20.69 -16.06 9.68
C VAL A 125 20.92 -16.02 11.19
N ASP A 126 22.12 -15.65 11.63
CA ASP A 126 22.41 -15.67 13.07
C ASP A 126 21.58 -14.64 13.83
N VAL A 127 21.42 -13.45 13.26
CA VAL A 127 20.80 -12.36 14.00
C VAL A 127 19.29 -12.60 14.14
N GLU A 128 18.71 -11.96 15.16
CA GLU A 128 17.28 -11.99 15.39
C GLU A 128 16.66 -10.63 15.67
N TYR A 129 17.44 -9.62 16.03
CA TYR A 129 16.90 -8.29 16.32
C TYR A 129 18.02 -7.27 16.20
N ALA A 130 17.63 -6.01 16.08
CA ALA A 130 18.57 -4.90 15.98
C ALA A 130 18.26 -3.86 17.05
N SER A 131 19.32 -3.18 17.50
CA SER A 131 19.18 -2.19 18.57
C SER A 131 20.24 -1.11 18.42
N ILE A 132 19.86 0.12 18.76
CA ILE A 132 20.75 1.28 18.81
C ILE A 132 20.54 1.97 20.15
N ASP A 133 21.63 2.32 20.82
CA ASP A 133 21.53 2.98 22.11
C ASP A 133 22.51 4.14 22.19
N ALA A 134 22.17 5.13 23.02
CA ALA A 134 23.02 6.31 23.15
C ALA A 134 22.75 7.00 24.48
N ASN A 135 23.67 7.88 24.86
CA ASN A 135 23.59 8.61 26.12
C ASN A 135 23.84 10.09 25.92
N ILE A 136 23.01 10.90 26.58
CA ILE A 136 23.09 12.36 26.55
C ILE A 136 23.44 12.85 27.94
N LYS A 137 24.50 13.66 28.03
CA LYS A 137 24.96 14.24 29.29
C LYS A 137 24.70 15.74 29.25
N LEU A 138 23.97 16.23 30.23
CA LEU A 138 23.69 17.66 30.39
C LEU A 138 24.25 18.10 31.74
N LYS A 139 25.45 18.68 31.72
CA LYS A 139 26.20 18.97 32.94
C LYS A 139 26.41 17.68 33.74
N ASP A 140 25.58 17.46 34.77
CA ASP A 140 25.64 16.23 35.53
C ASP A 140 24.48 15.28 35.23
N PHE A 141 23.41 15.78 34.64
CA PHE A 141 22.29 14.95 34.25
C PHE A 141 22.73 13.94 33.20
N ASN A 142 22.18 12.73 33.28
CA ASN A 142 22.53 11.67 32.34
C ASN A 142 21.27 10.93 31.94
N THR A 143 21.01 10.85 30.64
CA THR A 143 19.88 10.11 30.11
C THR A 143 20.36 9.14 29.06
N SER A 144 19.68 8.00 28.95
CA SER A 144 20.04 6.97 27.99
C SER A 144 18.79 6.52 27.25
N ILE A 145 18.96 6.17 25.98
CA ILE A 145 17.84 5.74 25.16
C ILE A 145 18.26 4.54 24.31
N LEU A 146 17.38 3.54 24.22
CA LEU A 146 17.58 2.37 23.38
C LEU A 146 16.37 2.17 22.48
N ILE A 147 16.62 1.98 21.19
CA ILE A 147 15.60 1.74 20.17
C ILE A 147 15.89 0.38 19.56
N THR A 148 14.90 -0.51 19.56
CA THR A 148 15.14 -1.87 19.12
C THR A 148 13.94 -2.40 18.36
N LYS A 149 14.19 -3.40 17.51
CA LYS A 149 13.13 -4.07 16.78
C LYS A 149 13.60 -5.46 16.38
N ALA A 150 12.71 -6.44 16.58
CA ALA A 150 12.99 -7.84 16.27
C ALA A 150 12.41 -8.23 14.92
N LYS A 151 12.99 -9.29 14.35
CA LYS A 151 12.55 -9.79 13.05
C LYS A 151 11.15 -10.40 13.15
N GLU A 152 10.47 -10.45 12.01
CA GLU A 152 9.12 -10.98 11.96
C GLU A 152 9.10 -12.47 12.33
N GLY A 153 8.15 -12.85 13.17
CA GLY A 153 8.01 -14.24 13.57
C GLY A 153 8.94 -14.68 14.67
N ALA A 154 9.60 -13.76 15.36
CA ALA A 154 10.50 -14.13 16.43
C ALA A 154 9.72 -14.61 17.66
N TYR A 155 10.36 -15.47 18.45
CA TYR A 155 9.72 -16.00 19.64
C TYR A 155 9.49 -14.91 20.68
N TYR A 156 10.46 -14.03 20.88
CA TYR A 156 10.38 -12.95 21.86
C TYR A 156 10.28 -11.61 21.16
N SER A 157 9.52 -10.69 21.75
CA SER A 157 9.36 -9.34 21.23
C SER A 157 10.17 -8.36 22.07
N ARG A 158 10.64 -7.29 21.42
CA ARG A 158 11.44 -6.26 22.04
C ARG A 158 10.78 -4.91 21.89
N ASN A 159 10.84 -4.09 22.94
CA ASN A 159 10.23 -2.77 22.94
C ASN A 159 11.25 -1.72 23.38
N ASN A 160 11.06 -0.50 22.86
CA ASN A 160 11.90 0.63 23.24
C ASN A 160 11.57 1.12 24.65
N GLU A 161 12.57 1.73 25.29
CA GLU A 161 12.38 2.40 26.58
C GLU A 161 12.53 3.89 26.38
N LEU A 162 11.49 4.65 26.73
CA LEU A 162 11.47 6.09 26.49
C LEU A 162 11.26 6.89 27.77
N LEU A 163 11.55 6.32 28.94
CA LEU A 163 11.36 7.06 30.19
C LEU A 163 12.33 8.25 30.29
N GLY A 164 13.58 8.06 29.90
CA GLY A 164 14.55 9.13 29.99
C GLY A 164 14.24 10.29 29.06
N VAL A 165 13.86 9.99 27.81
CA VAL A 165 13.59 11.05 26.86
C VAL A 165 12.35 11.81 27.28
N LYS A 166 11.31 11.11 27.73
CA LYS A 166 10.09 11.78 28.14
C LYS A 166 10.37 12.69 29.33
N LYS A 167 11.19 12.22 30.27
CA LYS A 167 11.52 13.04 31.42
C LYS A 167 12.27 14.29 31.00
N LEU A 168 13.22 14.14 30.08
CA LEU A 168 14.00 15.29 29.65
C LEU A 168 13.11 16.30 28.92
N ALA A 169 12.19 15.81 28.08
CA ALA A 169 11.31 16.70 27.34
C ALA A 169 10.31 17.42 28.24
N SER A 170 10.04 16.87 29.42
CA SER A 170 9.05 17.51 30.29
C SER A 170 9.54 18.87 30.77
N ILE A 171 10.81 18.98 31.12
CA ILE A 171 11.29 20.25 31.66
C ILE A 171 11.27 21.33 30.58
N TYR A 172 11.56 20.94 29.34
CA TYR A 172 11.47 21.89 28.22
C TYR A 172 10.04 22.34 28.04
N ARG A 173 9.10 21.40 28.12
CA ARG A 173 7.71 21.79 27.89
C ARG A 173 7.25 22.76 28.97
N LEU A 174 7.60 22.43 30.22
CA LEU A 174 7.16 23.27 31.37
C LEU A 174 7.75 24.68 31.26
N VAL A 175 9.00 24.79 30.83
CA VAL A 175 9.65 26.10 30.80
C VAL A 175 8.91 27.00 29.82
N ASN A 176 8.60 26.47 28.63
CA ASN A 176 7.86 27.26 27.65
C ASN A 176 6.44 27.52 28.12
N LYS A 177 5.91 26.64 28.98
CA LYS A 177 4.53 26.80 29.44
C LYS A 177 4.43 27.94 30.44
N TYR A 178 5.45 28.07 31.30
CA TYR A 178 5.46 29.19 32.29
C TYR A 178 6.12 30.41 31.66
N VAL A 179 7.45 30.38 31.51
CA VAL A 179 8.19 31.54 30.93
C VAL A 179 7.93 31.62 29.42
N ASP A 180 8.17 32.79 28.81
CA ASP A 180 7.93 32.97 27.36
C ASP A 180 9.22 33.45 26.70
N ASN A 181 9.34 33.28 25.38
CA ASN A 181 10.57 33.67 24.62
C ASN A 181 11.71 32.71 24.98
N ALA A 182 11.38 31.50 25.42
CA ALA A 182 12.41 30.48 25.77
C ALA A 182 13.04 29.91 24.51
N SER A 183 14.25 29.33 24.63
CA SER A 183 14.98 28.80 23.45
C SER A 183 15.05 27.26 23.52
N LEU A 184 14.97 26.60 22.36
CA LEU A 184 14.97 25.11 22.32
C LEU A 184 16.21 24.63 21.54
N PRO A 185 16.77 23.43 21.85
CA PRO A 185 18.02 22.92 21.20
C PRO A 185 17.90 22.85 19.69
N LEU A 186 19.03 22.96 18.98
CA LEU A 186 19.03 22.88 17.53
C LEU A 186 19.52 21.51 17.09
N MET A 187 18.80 20.89 16.17
CA MET A 187 19.21 19.62 15.56
C MET A 187 19.01 19.73 14.06
N ALA A 188 20.08 19.49 13.30
CA ALA A 188 20.04 19.61 11.85
C ALA A 188 20.86 18.49 11.23
N TYR A 189 20.61 18.22 9.96
CA TYR A 189 21.31 17.16 9.25
C TYR A 189 21.34 17.52 7.77
N TYR A 190 22.54 17.66 7.21
CA TYR A 190 22.72 18.03 5.81
C TYR A 190 23.25 16.81 5.07
N SER A 191 22.42 16.25 4.20
CA SER A 191 22.79 15.06 3.45
C SER A 191 23.59 15.45 2.20
N ILE A 192 23.78 14.50 1.30
CA ILE A 192 24.57 14.74 0.09
C ILE A 192 23.73 15.24 -1.07
N ALA A 193 22.41 15.29 -0.91
CA ALA A 193 21.51 15.75 -1.97
C ALA A 193 21.34 17.26 -1.98
N ARG A 194 22.03 17.97 -1.08
CA ARG A 194 21.86 19.42 -1.00
C ARG A 194 22.32 20.10 -2.28
N SER A 195 23.15 19.42 -3.07
CA SER A 195 23.61 20.02 -4.32
C SER A 195 22.42 20.26 -5.25
N TYR A 196 21.51 19.27 -5.34
CA TYR A 196 20.35 19.43 -6.21
C TYR A 196 19.38 20.46 -5.66
N ILE A 197 19.04 20.35 -4.37
CA ILE A 197 18.07 21.27 -3.76
C ILE A 197 18.61 22.69 -3.77
N GLY A 198 19.87 22.86 -3.38
CA GLY A 198 20.49 24.17 -3.42
C GLY A 198 20.64 24.73 -4.82
N GLY A 199 20.81 23.84 -5.80
CA GLY A 199 20.99 24.27 -7.18
C GLY A 199 19.73 24.75 -7.87
N GLY A 200 18.58 24.62 -7.22
CA GLY A 200 17.32 25.05 -7.81
C GLY A 200 17.10 26.55 -7.78
N VAL A 201 18.19 27.30 -7.66
CA VAL A 201 18.11 28.76 -7.52
C VAL A 201 17.50 29.41 -8.77
N ASP A 202 17.59 28.75 -9.92
CA ASP A 202 17.29 29.37 -11.20
C ASP A 202 15.86 29.91 -11.28
N ARG A 203 14.87 29.02 -11.30
CA ARG A 203 13.48 29.45 -11.25
C ARG A 203 12.73 28.88 -10.05
N LYS A 204 12.69 27.55 -9.90
CA LYS A 204 11.96 26.87 -8.83
C LYS A 204 10.62 27.52 -8.54
N ARG A 205 9.86 27.78 -9.60
CA ARG A 205 8.56 28.43 -9.47
C ARG A 205 7.49 27.69 -10.26
N LYS A 211 2.92 32.27 7.27
CA LYS A 211 4.12 32.82 6.64
C LYS A 211 4.43 34.21 7.17
N THR A 212 3.39 35.05 7.28
CA THR A 212 3.60 36.40 7.79
C THR A 212 4.09 36.39 9.23
N VAL A 213 3.52 35.52 10.06
CA VAL A 213 3.91 35.40 11.46
C VAL A 213 4.82 34.19 11.58
N TRP A 214 6.13 34.42 11.61
CA TRP A 214 7.10 33.34 11.73
C TRP A 214 7.17 32.89 13.18
N SER A 215 6.60 31.73 13.47
CA SER A 215 6.59 31.20 14.82
C SER A 215 7.89 30.44 15.09
N LYS A 216 7.94 29.72 16.21
CA LYS A 216 9.12 28.96 16.61
C LYS A 216 9.06 27.51 16.12
N PHE A 217 7.88 26.91 16.14
CA PHE A 217 7.73 25.49 15.84
C PHE A 217 7.77 25.18 14.35
N ASP A 218 7.83 26.20 13.49
CA ASP A 218 7.87 25.95 12.05
C ASP A 218 9.13 25.17 11.67
N VAL A 219 10.27 25.53 12.26
CA VAL A 219 11.51 24.80 12.01
C VAL A 219 11.51 23.46 12.72
N TYR A 220 10.72 23.31 13.77
CA TYR A 220 10.65 22.06 14.51
C TYR A 220 9.67 21.10 13.84
N ASP A 221 9.87 20.85 12.55
CA ASP A 221 9.04 19.96 11.75
C ASP A 221 9.85 18.90 11.04
N GLU A 222 11.06 19.23 10.60
CA GLU A 222 11.92 18.29 9.89
C GLU A 222 13.36 18.50 10.31
N ILE A 223 14.17 17.46 10.12
CA ILE A 223 15.58 17.51 10.46
C ILE A 223 16.49 17.55 9.23
N GLU A 224 16.01 17.09 8.08
CA GLU A 224 16.83 17.01 6.88
C GLU A 224 16.59 18.23 6.00
N PHE A 225 17.67 18.81 5.49
CA PHE A 225 17.56 19.98 4.63
C PHE A 225 16.85 19.66 3.32
N ASP A 226 16.06 20.61 2.84
CA ASP A 226 15.23 20.43 1.66
C ASP A 226 15.14 21.72 0.87
N ARG A 227 14.54 21.61 -0.32
CA ARG A 227 14.32 22.78 -1.19
C ARG A 227 13.43 23.80 -0.49
N ASN A 228 12.35 23.33 0.13
CA ASN A 228 11.39 24.25 0.73
C ASN A 228 12.05 25.08 1.82
N ASP A 229 13.17 24.61 2.39
CA ASP A 229 13.86 25.40 3.40
C ASP A 229 14.40 26.69 2.78
N PHE A 230 15.00 26.58 1.59
CA PHE A 230 15.53 27.76 0.93
C PHE A 230 14.39 28.65 0.42
N THR A 231 13.29 28.02 -0.02
CA THR A 231 12.13 28.81 -0.41
C THR A 231 11.61 29.62 0.77
N ASP A 232 11.56 29.00 1.95
CA ASP A 232 11.16 29.70 3.16
C ASP A 232 12.18 30.78 3.49
N PHE A 233 13.45 30.54 3.20
CA PHE A 233 14.51 31.49 3.52
C PHE A 233 14.30 32.80 2.77
N PHE A 234 13.96 32.71 1.48
CA PHE A 234 13.77 33.92 0.69
C PHE A 234 12.61 34.75 1.25
N GLN A 235 11.48 34.10 1.54
CA GLN A 235 10.34 34.82 2.08
C GLN A 235 10.66 35.43 3.43
N TRP A 236 11.42 34.70 4.26
CA TRP A 236 11.80 35.23 5.56
C TRP A 236 12.64 36.49 5.38
N LEU A 237 13.53 36.49 4.39
CA LEU A 237 14.37 37.65 4.17
C LEU A 237 13.52 38.83 3.75
N VAL A 238 12.53 38.60 2.87
CA VAL A 238 11.68 39.69 2.43
C VAL A 238 10.89 40.27 3.60
N PHE A 239 10.34 39.38 4.43
CA PHE A 239 9.55 39.84 5.58
C PHE A 239 10.41 40.66 6.54
N LEU A 240 11.64 40.21 6.79
CA LEU A 240 12.53 40.95 7.67
C LEU A 240 12.90 42.29 7.07
N HIS A 241 13.12 42.33 5.75
CA HIS A 241 13.47 43.59 5.11
C HIS A 241 12.34 44.59 5.23
N ASN A 242 11.12 44.17 4.89
CA ASN A 242 9.99 45.10 4.95
C ASN A 242 9.73 45.57 6.37
N ARG A 243 9.79 44.66 7.34
CA ARG A 243 9.57 45.04 8.73
C ARG A 243 10.63 46.03 9.20
N ALA A 244 11.89 45.78 8.85
CA ALA A 244 12.96 46.68 9.25
C ALA A 244 12.81 48.04 8.58
N SER A 245 12.43 48.05 7.30
CA SER A 245 12.31 49.31 6.58
C SER A 245 11.18 50.15 7.15
N GLN A 246 10.04 49.51 7.47
CA GLN A 246 8.92 50.24 8.03
C GLN A 246 9.26 50.77 9.43
N GLU A 247 9.95 49.96 10.25
CA GLU A 247 10.36 50.44 11.57
C GLU A 247 11.35 51.59 11.46
N LYS A 248 12.29 51.50 10.51
CA LYS A 248 13.26 52.57 10.30
C LYS A 248 12.58 53.85 9.84
N LEU A 249 11.58 53.74 8.97
CA LEU A 249 10.84 54.92 8.54
C LEU A 249 10.05 55.56 9.68
N SER A 250 9.87 54.84 10.80
CA SER A 250 9.22 55.38 11.99
C SER A 250 7.79 55.83 11.67
N GLU A 251 6.95 54.86 11.31
CA GLU A 251 5.53 55.13 11.11
C GLU A 251 4.92 55.66 12.40
N SER A 252 4.02 56.63 12.25
CA SER A 252 3.40 57.31 13.39
C SER A 252 2.75 56.32 14.34
N GLN A 253 3.02 56.50 15.64
CA GLN A 253 2.42 55.62 16.64
C GLN A 253 0.90 55.76 16.63
N THR A 254 0.41 56.98 16.39
CA THR A 254 -1.02 57.18 16.23
C THR A 254 -1.53 56.42 15.02
N THR A 255 -0.76 56.42 13.93
CA THR A 255 -1.13 55.63 12.76
C THR A 255 -1.12 54.14 13.06
N ILE A 256 -0.17 53.68 13.87
CA ILE A 256 -0.13 52.27 14.24
C ILE A 256 -1.37 51.90 15.06
N ASN A 257 -1.75 52.76 16.01
CA ASN A 257 -2.99 52.52 16.75
C ASN A 257 -4.21 52.60 15.84
N ALA A 258 -4.16 53.44 14.80
CA ALA A 258 -5.26 53.44 13.83
C ALA A 258 -5.28 52.16 12.99
N LEU A 259 -4.12 51.54 12.80
CA LEU A 259 -4.07 50.24 12.14
C LEU A 259 -4.65 49.15 13.05
N PHE A 260 -4.40 49.25 14.35
CA PHE A 260 -5.04 48.34 15.29
C PHE A 260 -6.56 48.54 15.31
N SER A 261 -7.01 49.80 15.26
CA SER A 261 -8.44 50.06 15.13
C SER A 261 -9.00 49.59 13.80
N ASP A 262 -8.17 49.56 12.74
CA ASP A 262 -8.60 48.99 11.48
C ASP A 262 -8.73 47.46 11.57
N ILE A 263 -7.87 46.83 12.36
CA ILE A 263 -8.02 45.40 12.63
C ILE A 263 -9.29 45.14 13.43
N GLN A 264 -9.60 46.03 14.37
CA GLN A 264 -10.87 45.91 15.09
C GLN A 264 -12.06 46.14 14.17
N SER A 265 -11.94 47.05 13.20
CA SER A 265 -12.99 47.25 12.22
C SER A 265 -13.16 46.02 11.34
N LEU A 266 -12.05 45.37 10.96
CA LEU A 266 -12.15 44.12 10.22
C LEU A 266 -12.82 43.03 11.05
N LYS A 267 -12.51 42.97 12.35
CA LYS A 267 -13.21 42.02 13.22
C LYS A 267 -14.70 42.34 13.31
N ALA A 268 -15.05 43.63 13.30
CA ALA A 268 -16.45 44.03 13.28
C ALA A 268 -17.13 43.60 11.98
N THR A 269 -16.42 43.73 10.86
CA THR A 269 -16.96 43.25 9.58
C THR A 269 -17.15 41.75 9.59
N LEU A 270 -16.20 41.01 10.20
CA LEU A 270 -16.36 39.57 10.32
C LEU A 270 -17.57 39.22 11.19
N THR A 271 -17.78 39.99 12.27
CA THR A 271 -18.97 39.78 13.10
C THR A 271 -20.25 40.05 12.31
N GLN A 272 -20.23 41.08 11.46
CA GLN A 272 -21.38 41.35 10.59
C GLN A 272 -21.60 40.20 9.62
N LEU A 273 -20.52 39.63 9.10
CA LEU A 273 -20.63 38.48 8.20
C LEU A 273 -21.24 37.29 8.92
N SER A 274 -20.84 37.06 10.16
CA SER A 274 -21.46 36.00 10.96
C SER A 274 -22.93 36.28 11.20
N ALA A 275 -23.27 37.53 11.49
CA ALA A 275 -24.67 37.94 11.70
C ALA A 275 -25.30 38.33 10.37
N ILE A 276 -25.32 37.37 9.45
CA ILE A 276 -25.89 37.59 8.13
C ILE A 276 -27.40 37.65 8.20
N ASP A 280 -20.35 28.45 4.27
CA ASP A 280 -19.38 29.53 4.30
C ASP A 280 -18.06 29.06 4.91
N SER A 281 -17.58 27.89 4.46
CA SER A 281 -16.32 27.38 4.97
C SER A 281 -15.15 28.30 4.62
N THR A 282 -15.13 28.81 3.39
CA THR A 282 -14.06 29.73 2.99
C THR A 282 -14.11 31.02 3.81
N VAL A 283 -15.32 31.53 4.05
CA VAL A 283 -15.47 32.75 4.85
C VAL A 283 -14.98 32.51 6.27
N ILE A 284 -15.32 31.34 6.84
CA ILE A 284 -14.89 31.02 8.20
C ILE A 284 -13.37 30.92 8.25
N LYS A 285 -12.77 30.27 7.25
CA LYS A 285 -11.31 30.13 7.21
C LYS A 285 -10.64 31.49 7.10
N GLY A 286 -11.19 32.37 6.26
CA GLY A 286 -10.62 33.70 6.14
C GLY A 286 -10.75 34.51 7.41
N LEU A 287 -11.90 34.39 8.09
CA LEU A 287 -12.08 35.10 9.36
C LEU A 287 -11.10 34.57 10.41
N GLU A 288 -10.90 33.26 10.46
CA GLU A 288 -9.95 32.69 11.41
C GLU A 288 -8.53 33.17 11.12
N LEU A 289 -8.15 33.22 9.84
CA LEU A 289 -6.82 33.70 9.48
C LEU A 289 -6.66 35.18 9.85
N SER A 290 -7.70 35.98 9.61
CA SER A 290 -7.64 37.39 9.97
C SER A 290 -7.53 37.56 11.48
N LEU A 291 -8.27 36.76 12.25
CA LEU A 291 -8.18 36.85 13.70
C LEU A 291 -6.79 36.45 14.19
N LYS A 292 -6.21 35.42 13.59
CA LYS A 292 -4.84 35.03 13.96
C LYS A 292 -3.85 36.13 13.63
N GLU A 293 -4.02 36.77 12.47
CA GLU A 293 -3.15 37.89 12.11
C GLU A 293 -3.31 39.05 13.09
N LYS A 294 -4.54 39.34 13.50
CA LYS A 294 -4.77 40.39 14.48
C LYS A 294 -4.12 40.07 15.81
N LEU A 295 -4.20 38.81 16.24
CA LEU A 295 -3.55 38.40 17.49
C LEU A 295 -2.05 38.54 17.39
N ASN A 296 -1.48 38.15 16.25
CA ASN A 296 -0.03 38.30 16.05
C ASN A 296 0.36 39.78 16.05
N TYR A 297 -0.46 40.63 15.42
CA TYR A 297 -0.18 42.06 15.43
C TYR A 297 -0.25 42.63 16.84
N MET A 298 -1.22 42.18 17.64
CA MET A 298 -1.31 42.64 19.03
C MET A 298 -0.09 42.21 19.82
N LYS A 299 0.38 40.98 19.62
CA LYS A 299 1.59 40.53 20.28
C LYS A 299 2.80 41.34 19.86
N SER A 300 2.88 41.67 18.56
CA SER A 300 3.97 42.51 18.08
C SER A 300 3.91 43.89 18.71
N LEU A 301 2.70 44.45 18.86
CA LEU A 301 2.55 45.75 19.51
C LEU A 301 3.00 45.68 20.97
N GLN A 302 2.66 44.58 21.65
CA GLN A 302 3.11 44.42 23.03
C GLN A 302 4.62 44.35 23.11
N SER A 303 5.26 43.64 22.19
CA SER A 303 6.71 43.61 22.17
C SER A 303 7.27 44.99 21.86
N GLY A 304 6.63 45.72 20.94
CA GLY A 304 7.07 47.06 20.60
C GLY A 304 7.00 48.01 21.77
N GLU A 305 6.08 47.75 22.70
CA GLU A 305 5.98 48.58 23.90
C GLU A 305 7.27 48.51 24.71
N HIS A 306 7.87 47.33 24.78
CA HIS A 306 9.14 47.13 25.47
C HIS A 306 10.34 47.37 24.55
N LYS A 307 10.16 48.16 23.49
CA LYS A 307 11.19 48.57 22.54
C LYS A 307 11.59 47.42 21.61
N PHE A 308 11.07 46.21 21.88
CA PHE A 308 11.31 45.04 21.04
C PHE A 308 12.80 44.78 20.80
N ASN A 309 13.11 44.02 19.75
CA ASN A 309 14.48 43.77 19.34
C ASN A 309 14.88 44.81 18.29
N ASN A 310 16.03 44.60 17.65
CA ASN A 310 16.53 45.49 16.60
C ASN A 310 16.46 44.75 15.27
N ALA A 311 15.45 45.07 14.46
CA ALA A 311 15.27 44.40 13.18
C ALA A 311 16.46 44.68 12.26
N VAL A 312 16.95 45.92 12.25
CA VAL A 312 18.05 46.27 11.36
C VAL A 312 19.30 45.53 11.76
N SER A 313 19.52 45.29 13.05
CA SER A 313 20.74 44.61 13.47
C SER A 313 20.74 43.16 13.01
N LEU A 314 19.60 42.47 13.19
CA LEU A 314 19.51 41.08 12.76
C LEU A 314 19.63 40.96 11.24
N TYR A 315 18.98 41.87 10.51
CA TYR A 315 19.09 41.85 9.06
C TYR A 315 20.51 42.16 8.61
N ASP A 316 21.25 42.95 9.39
CA ASP A 316 22.63 43.22 9.06
C ASP A 316 23.48 41.98 9.32
N SER A 317 23.27 41.34 10.48
CA SER A 317 24.09 40.19 10.87
C SER A 317 23.94 39.03 9.90
N VAL A 318 22.70 38.76 9.47
CA VAL A 318 22.48 37.62 8.58
C VAL A 318 23.21 37.83 7.27
N ILE A 319 23.25 39.07 6.78
CA ILE A 319 24.00 39.36 5.56
C ILE A 319 25.50 39.29 5.84
N ASN A 320 25.90 39.78 7.01
CA ASN A 320 27.32 39.90 7.33
C ASN A 320 28.00 38.54 7.38
N THR A 321 27.34 37.54 7.97
CA THR A 321 27.98 36.22 8.04
C THR A 321 28.18 35.63 6.65
N ILE A 322 27.18 35.79 5.77
CA ILE A 322 27.33 35.30 4.40
C ILE A 322 28.48 36.01 3.72
N LEU A 323 28.57 37.32 3.89
CA LEU A 323 29.67 38.05 3.27
C LEU A 323 31.00 37.61 3.87
N LYS A 324 30.99 37.20 5.14
CA LYS A 324 32.19 36.68 5.78
C LYS A 324 32.66 35.41 5.12
N PHE A 325 31.73 34.61 4.60
CA PHE A 325 32.11 33.34 3.98
C PHE A 325 32.48 33.47 2.51
N LEU A 326 32.19 34.62 1.88
CA LEU A 326 32.50 34.86 0.47
C LEU A 326 33.24 36.19 0.37
N PRO A 327 34.55 36.18 0.58
CA PRO A 327 35.27 37.46 0.70
C PRO A 327 35.33 38.29 -0.58
N GLU A 328 35.06 37.69 -1.75
CA GLU A 328 35.19 38.46 -2.99
C GLU A 328 34.08 39.49 -3.13
N PHE A 329 32.84 39.09 -2.86
CA PHE A 329 31.70 39.97 -3.01
C PHE A 329 31.77 41.16 -2.07
N GLN A 330 31.44 42.34 -2.58
CA GLN A 330 31.54 43.56 -1.79
C GLN A 330 30.34 43.71 -0.86
N TRP A 331 29.12 43.61 -1.39
CA TRP A 331 27.92 43.84 -0.60
C TRP A 331 26.76 43.07 -1.20
N ILE A 332 25.71 42.90 -0.41
CA ILE A 332 24.47 42.27 -0.86
C ILE A 332 23.30 43.16 -0.46
N LYS A 333 22.41 43.43 -1.40
CA LYS A 333 21.21 44.23 -1.15
C LYS A 333 20.01 43.50 -1.73
N LEU A 334 18.86 43.66 -1.07
CA LEU A 334 17.65 43.03 -1.57
C LEU A 334 17.21 43.64 -2.89
N VAL A 335 17.31 44.96 -3.03
CA VAL A 335 16.98 45.69 -4.26
C VAL A 335 15.74 45.12 -4.91
N TYR A 336 14.59 45.26 -4.23
CA TYR A 336 13.36 44.64 -4.73
C TYR A 336 12.99 45.14 -6.11
N GLY A 337 13.10 46.46 -6.35
CA GLY A 337 12.74 47.01 -7.63
C GLY A 337 11.28 46.78 -7.95
N ASP A 338 10.41 47.08 -6.98
CA ASP A 338 8.97 46.77 -7.05
C ASP A 338 8.83 45.25 -7.20
N ASP A 339 7.90 44.77 -8.03
CA ASP A 339 7.59 43.35 -8.14
C ASP A 339 7.54 42.70 -6.76
N ASP A 340 8.27 41.59 -6.59
CA ASP A 340 8.42 40.96 -5.28
C ASP A 340 9.78 41.27 -4.66
N TYR A 341 10.86 40.89 -5.33
CA TYR A 341 12.23 41.14 -4.91
C TYR A 341 13.16 40.57 -5.96
N LYS A 342 14.43 40.98 -5.91
CA LYS A 342 15.46 40.42 -6.77
C LYS A 342 16.81 40.65 -6.09
N ILE A 343 17.31 39.62 -5.40
CA ILE A 343 18.55 39.76 -4.66
C ILE A 343 19.71 39.90 -5.64
N ILE A 344 20.58 40.87 -5.37
CA ILE A 344 21.70 41.21 -6.25
C ILE A 344 22.99 41.22 -5.45
N LEU A 345 24.03 40.57 -5.98
CA LEU A 345 25.35 40.58 -5.38
C LEU A 345 26.32 41.28 -6.31
N LYS A 346 27.23 42.06 -5.73
CA LYS A 346 28.17 42.88 -6.49
C LYS A 346 29.53 42.20 -6.47
N LYS A 347 29.87 41.53 -7.57
CA LYS A 347 31.18 40.92 -7.77
C LYS A 347 32.04 41.90 -8.56
N GLY A 348 33.08 42.43 -7.91
CA GLY A 348 33.93 43.41 -8.56
C GLY A 348 33.16 44.66 -8.95
N GLU A 349 32.96 44.83 -10.26
CA GLU A 349 32.20 45.96 -10.79
C GLU A 349 30.99 45.47 -11.57
N VAL A 350 30.48 44.28 -11.24
CA VAL A 350 29.34 43.68 -11.92
C VAL A 350 28.31 43.30 -10.87
N GLU A 351 27.06 43.19 -11.33
CA GLU A 351 25.93 42.80 -10.49
C GLU A 351 25.31 41.53 -11.04
N LEU A 352 25.13 40.53 -10.18
CA LEU A 352 24.60 39.25 -10.58
C LEU A 352 23.58 38.75 -9.58
N ASP A 353 22.53 38.11 -10.07
CA ASP A 353 21.58 37.46 -9.19
C ASP A 353 22.06 36.05 -8.82
N ILE A 354 21.34 35.42 -7.89
CA ILE A 354 21.76 34.11 -7.40
C ILE A 354 21.66 33.04 -8.48
N GLN A 355 20.77 33.22 -9.46
CA GLN A 355 20.68 32.26 -10.56
C GLN A 355 21.90 32.33 -11.48
N GLN A 356 22.72 33.36 -11.37
CA GLN A 356 23.89 33.54 -12.21
C GLN A 356 25.19 33.17 -11.49
N LEU A 357 25.10 32.66 -10.27
CA LEU A 357 26.28 32.39 -9.46
C LEU A 357 26.94 31.07 -9.88
N SER A 358 28.05 30.76 -9.24
CA SER A 358 28.79 29.53 -9.51
C SER A 358 28.30 28.38 -8.64
N GLN A 359 28.63 27.16 -9.07
CA GLN A 359 28.19 25.97 -8.34
C GLN A 359 28.79 25.90 -6.94
N GLY A 360 30.09 26.21 -6.82
CA GLY A 360 30.72 26.16 -5.51
C GLY A 360 30.16 27.17 -4.52
N GLU A 361 29.85 28.38 -4.99
CA GLU A 361 29.35 29.42 -4.10
C GLU A 361 27.92 29.13 -3.64
N LYS A 362 27.12 28.46 -4.46
CA LYS A 362 25.74 28.19 -4.09
C LYS A 362 25.63 27.33 -2.84
N THR A 363 26.48 26.30 -2.73
CA THR A 363 26.39 25.41 -1.58
C THR A 363 26.69 26.15 -0.28
N ILE A 364 27.72 27.01 -0.30
CA ILE A 364 28.05 27.78 0.89
C ILE A 364 26.92 28.75 1.21
N PHE A 365 26.36 29.37 0.18
CA PHE A 365 25.29 30.34 0.38
C PHE A 365 24.10 29.70 1.07
N THR A 366 23.72 28.51 0.61
CA THR A 366 22.54 27.86 1.18
C THR A 366 22.84 27.33 2.58
N LEU A 367 24.03 26.76 2.78
CA LEU A 367 24.34 26.18 4.08
C LEU A 367 24.34 27.24 5.16
N VAL A 368 25.09 28.33 4.94
CA VAL A 368 25.16 29.37 5.96
C VAL A 368 23.82 30.07 6.09
N GLY A 369 23.11 30.31 4.98
CA GLY A 369 21.82 30.96 5.10
C GLY A 369 20.78 30.12 5.80
N ASP A 370 21.02 28.81 5.91
CA ASP A 370 20.07 27.94 6.60
C ASP A 370 20.41 27.84 8.08
N LEU A 371 21.69 27.70 8.40
CA LEU A 371 22.08 27.64 9.80
C LEU A 371 21.80 28.96 10.51
N ALA A 372 22.06 30.10 9.85
CA ALA A 372 21.80 31.38 10.50
C ALA A 372 20.31 31.55 10.77
N ARG A 373 19.46 31.18 9.81
CA ARG A 373 18.02 31.30 10.02
C ARG A 373 17.57 30.40 11.16
N ARG A 374 18.12 29.19 11.24
CA ARG A 374 17.66 28.28 12.29
C ARG A 374 18.03 28.83 13.66
N LEU A 375 19.22 29.44 13.78
CA LEU A 375 19.59 29.96 15.09
C LEU A 375 18.81 31.23 15.42
N ILE A 376 18.44 32.01 14.41
CA ILE A 376 17.67 33.23 14.67
C ILE A 376 16.28 32.87 15.19
N LEU A 377 15.61 31.93 14.52
CA LEU A 377 14.25 31.59 14.94
C LEU A 377 14.23 30.77 16.23
N LEU A 378 15.13 29.79 16.36
CA LEU A 378 15.08 28.91 17.52
C LEU A 378 15.45 29.64 18.81
N ASN A 379 16.30 30.66 18.75
CA ASN A 379 16.83 31.31 19.94
C ASN A 379 16.55 32.81 19.89
N PRO A 380 15.32 33.24 20.20
CA PRO A 380 15.05 34.67 20.33
C PRO A 380 15.51 35.20 21.68
N ASN A 381 15.18 36.46 21.99
CA ASN A 381 15.52 37.09 23.26
C ASN A 381 17.02 37.38 23.33
N LEU A 382 17.82 36.32 23.48
CA LEU A 382 19.27 36.42 23.63
C LEU A 382 19.86 37.50 22.75
N SER A 383 20.71 38.35 23.35
CA SER A 383 21.25 39.51 22.66
C SER A 383 21.93 39.13 21.34
N ASN A 384 22.76 38.09 21.37
CA ASN A 384 23.36 37.56 20.15
C ASN A 384 22.79 36.17 19.91
N PRO A 385 21.78 36.02 19.05
CA PRO A 385 21.14 34.72 18.87
C PRO A 385 21.99 33.74 18.08
N LEU A 386 23.24 34.11 17.80
CA LEU A 386 24.15 33.27 17.07
C LEU A 386 25.01 32.39 17.99
N LEU A 387 24.75 32.42 19.29
CA LEU A 387 25.51 31.67 20.28
C LEU A 387 24.69 30.56 20.92
N GLY A 388 23.85 29.90 20.13
CA GLY A 388 22.96 28.88 20.65
C GLY A 388 23.64 27.55 20.88
N TYR A 389 22.85 26.59 21.36
CA TYR A 389 23.30 25.24 21.64
C TYR A 389 22.63 24.26 20.70
N GLY A 390 23.35 23.20 20.34
CA GLY A 390 22.78 22.18 19.48
C GLY A 390 23.85 21.28 18.91
N ILE A 391 23.42 20.45 17.97
CA ILE A 391 24.29 19.48 17.31
C ILE A 391 23.97 19.49 15.82
N VAL A 392 25.02 19.49 15.00
CA VAL A 392 24.89 19.57 13.54
C VAL A 392 25.62 18.39 12.92
N LEU A 393 24.94 17.67 12.02
CA LEU A 393 25.51 16.54 11.31
C LEU A 393 25.60 16.92 9.83
N ILE A 394 26.82 16.99 9.30
CA ILE A 394 27.04 17.36 7.91
C ILE A 394 27.96 16.35 7.26
N ASP A 395 27.59 15.90 6.06
CA ASP A 395 28.31 14.85 5.34
C ASP A 395 28.97 15.43 4.10
N GLU A 396 30.15 14.92 3.77
CA GLU A 396 30.90 15.32 2.57
C GLU A 396 31.20 16.82 2.59
N ILE A 397 32.02 17.21 3.58
CA ILE A 397 32.33 18.61 3.80
C ILE A 397 33.04 19.25 2.62
N ASP A 398 33.75 18.46 1.82
CA ASP A 398 34.64 18.96 0.78
C ASP A 398 34.03 18.88 -0.61
N LEU A 399 32.74 19.13 -0.74
CA LEU A 399 32.05 19.06 -2.03
C LEU A 399 32.20 20.39 -2.77
N HIS A 400 32.74 20.32 -3.98
CA HIS A 400 32.84 21.48 -4.88
C HIS A 400 33.61 22.64 -4.28
N LEU A 401 34.73 22.33 -3.60
CA LEU A 401 35.58 23.36 -3.03
C LEU A 401 37.02 23.15 -3.50
N HIS A 402 37.64 24.22 -3.99
CA HIS A 402 39.04 24.15 -4.37
C HIS A 402 39.92 24.11 -3.11
N PRO A 403 41.17 23.64 -3.25
CA PRO A 403 42.00 23.44 -2.06
C PRO A 403 42.22 24.68 -1.21
N GLN A 404 42.19 25.87 -1.79
CA GLN A 404 42.36 27.08 -0.98
C GLN A 404 41.23 27.23 0.03
N TRP A 405 40.00 26.94 -0.39
CA TRP A 405 38.86 27.04 0.53
C TRP A 405 38.80 25.87 1.51
N GLN A 406 39.48 24.77 1.22
CA GLN A 406 39.37 23.57 2.06
C GLN A 406 40.15 23.70 3.36
N GLN A 407 41.16 24.55 3.42
CA GLN A 407 41.99 24.69 4.60
C GLN A 407 41.47 25.73 5.59
N THR A 408 40.40 26.44 5.26
CA THR A 408 39.87 27.48 6.14
C THR A 408 38.43 27.25 6.59
N ILE A 409 37.75 26.23 6.08
CA ILE A 409 36.33 26.05 6.39
C ILE A 409 36.13 25.67 7.85
N ILE A 410 37.04 24.87 8.41
CA ILE A 410 36.88 24.46 9.80
C ILE A 410 37.06 25.64 10.73
N GLU A 411 38.01 26.53 10.43
CA GLU A 411 38.27 27.64 11.34
C GLU A 411 37.04 28.52 11.42
N ARG A 412 36.39 28.77 10.28
CA ARG A 412 35.27 29.69 10.31
C ARG A 412 34.05 29.02 10.93
N LEU A 413 33.85 27.71 10.71
CA LEU A 413 32.72 27.07 11.34
C LEU A 413 32.87 27.06 12.86
N THR A 414 34.09 26.79 13.35
CA THR A 414 34.32 26.74 14.78
C THR A 414 34.48 28.12 15.40
N SER A 415 34.53 29.18 14.60
CA SER A 415 34.63 30.54 15.12
C SER A 415 33.31 31.29 15.09
N THR A 416 32.50 31.10 14.05
CA THR A 416 31.20 31.76 13.99
C THR A 416 30.21 31.15 14.97
N PHE A 417 30.25 29.83 15.17
CA PHE A 417 29.35 29.12 16.07
C PHE A 417 30.17 28.31 17.06
N PRO A 418 30.63 28.94 18.15
CA PRO A 418 31.55 28.26 19.07
C PRO A 418 30.89 27.29 20.03
N ASN A 419 29.57 27.27 20.14
CA ASN A 419 28.90 26.45 21.16
C ASN A 419 28.05 25.34 20.55
N VAL A 420 28.34 24.94 19.31
CA VAL A 420 27.57 23.92 18.61
C VAL A 420 28.47 22.71 18.40
N GLN A 421 28.00 21.54 18.79
CA GLN A 421 28.73 20.29 18.57
C GLN A 421 28.61 19.89 17.11
N PHE A 422 29.75 19.52 16.51
CA PHE A 422 29.84 19.23 15.09
C PHE A 422 30.29 17.79 14.88
N VAL A 423 29.62 17.10 13.96
CA VAL A 423 30.04 15.77 13.51
C VAL A 423 30.22 15.85 12.00
N ILE A 424 31.41 15.47 11.52
CA ILE A 424 31.81 15.69 10.15
C ILE A 424 32.52 14.45 9.62
N THR A 425 32.20 14.04 8.40
CA THR A 425 32.96 13.02 7.69
C THR A 425 33.73 13.68 6.55
N THR A 426 35.02 13.39 6.47
CA THR A 426 35.90 14.01 5.50
C THR A 426 36.45 12.97 4.53
N HIS A 427 37.02 13.46 3.43
CA HIS A 427 37.54 12.60 2.38
C HIS A 427 38.91 12.99 1.86
N SER A 428 39.37 14.22 2.08
CA SER A 428 40.60 14.70 1.45
C SER A 428 41.66 15.02 2.49
N PRO A 429 42.94 14.88 2.15
CA PRO A 429 44.01 15.17 3.12
C PRO A 429 44.07 16.63 3.54
N GLN A 430 43.60 17.56 2.70
CA GLN A 430 43.70 18.98 3.05
C GLN A 430 42.90 19.29 4.31
N VAL A 431 41.69 18.74 4.41
CA VAL A 431 40.89 18.94 5.61
C VAL A 431 41.54 18.22 6.79
N LEU A 432 42.08 17.02 6.54
CA LEU A 432 42.64 16.21 7.62
C LEU A 432 43.82 16.88 8.28
N SER A 433 44.67 17.54 7.49
CA SER A 433 45.90 18.12 8.04
C SER A 433 45.58 19.21 9.06
N THR A 434 44.58 20.05 8.80
CA THR A 434 44.29 21.16 9.69
C THR A 434 43.82 20.69 11.06
N VAL A 435 43.01 19.63 11.10
CA VAL A 435 42.46 19.18 12.38
C VAL A 435 43.55 18.56 13.25
N SER A 436 43.28 18.49 14.54
CA SER A 436 44.23 17.96 15.50
C SER A 436 44.17 16.43 15.50
N SER A 437 44.86 15.80 16.46
CA SER A 437 44.91 14.35 16.55
C SER A 437 43.94 13.76 17.55
N ARG A 438 43.41 14.56 18.48
CA ARG A 438 42.47 14.06 19.47
C ARG A 438 41.03 14.08 18.99
N SER A 439 40.77 14.57 17.78
CA SER A 439 39.42 14.68 17.25
C SER A 439 39.19 13.81 16.02
N VAL A 440 40.12 12.91 15.69
CA VAL A 440 40.03 12.09 14.50
C VAL A 440 39.83 10.63 14.91
N ARG A 441 38.81 9.99 14.35
CA ARG A 441 38.54 8.58 14.57
C ARG A 441 38.68 7.85 13.23
N ILE A 442 39.47 6.78 13.23
CA ILE A 442 39.78 6.01 12.04
C ILE A 442 39.06 4.67 12.12
N LEU A 443 38.27 4.36 11.10
CA LEU A 443 37.54 3.10 11.01
C LEU A 443 38.28 2.16 10.06
N GLN A 444 38.58 0.95 10.54
CA GLN A 444 39.32 -0.03 9.76
C GLN A 444 38.55 -1.34 9.74
N GLU A 445 38.70 -2.08 8.65
CA GLU A 445 38.03 -3.36 8.49
C GLU A 445 38.79 -4.46 9.23
N MET B 13 43.31 11.49 -51.79
CA MET B 13 42.38 12.23 -52.63
C MET B 13 41.47 13.12 -51.80
N ASN B 14 41.13 14.29 -52.34
CA ASN B 14 40.26 15.22 -51.64
C ASN B 14 38.88 14.62 -51.45
N LEU B 15 38.34 14.75 -50.23
CA LEU B 15 37.00 14.26 -49.96
C LEU B 15 35.95 15.01 -50.77
N GLU B 16 36.14 16.32 -50.94
CA GLU B 16 35.20 17.12 -51.72
C GLU B 16 35.17 16.68 -53.19
N THR B 17 36.34 16.38 -53.77
CA THR B 17 36.38 15.94 -55.16
C THR B 17 35.66 14.60 -55.32
N CYS B 18 35.90 13.67 -54.41
CA CYS B 18 35.23 12.37 -54.48
C CYS B 18 33.73 12.53 -54.30
N TYR B 19 33.31 13.40 -53.36
CA TYR B 19 31.88 13.60 -53.15
C TYR B 19 31.23 14.21 -54.39
N VAL B 20 31.91 15.17 -55.03
CA VAL B 20 31.35 15.81 -56.22
C VAL B 20 31.22 14.79 -57.35
N ASP B 21 32.26 13.98 -57.55
CA ASP B 21 32.22 12.98 -58.61
C ASP B 21 31.12 11.96 -58.36
N PHE B 22 31.02 11.47 -57.13
CA PHE B 22 30.01 10.47 -56.80
C PHE B 22 28.61 11.05 -56.97
N LEU B 23 28.38 12.26 -56.49
CA LEU B 23 27.06 12.86 -56.60
C LEU B 23 26.68 13.08 -58.06
N GLU B 24 27.61 13.59 -58.86
CA GLU B 24 27.32 13.85 -60.27
C GLU B 24 27.00 12.55 -60.99
N LEU B 25 27.81 11.51 -60.77
CA LEU B 25 27.57 10.24 -61.43
C LEU B 25 26.23 9.65 -60.99
N GLU B 26 25.95 9.68 -59.69
CA GLU B 26 24.71 9.09 -59.21
C GLU B 26 23.50 9.82 -59.78
N SER B 27 23.55 11.15 -59.79
CA SER B 27 22.43 11.94 -60.29
C SER B 27 22.19 11.65 -61.77
N HIS B 28 23.26 11.65 -62.57
CA HIS B 28 23.10 11.38 -64.00
C HIS B 28 22.68 9.94 -64.25
N VAL B 29 23.27 8.99 -63.53
CA VAL B 29 23.02 7.57 -63.79
C VAL B 29 21.66 7.16 -63.24
N ILE B 30 21.21 5.98 -63.68
CA ILE B 30 19.97 5.36 -63.21
C ILE B 30 20.35 3.93 -62.84
N ASN B 31 19.35 3.09 -62.55
CA ASN B 31 19.58 1.70 -62.16
C ASN B 31 20.47 1.64 -60.91
N GLU B 32 19.87 2.11 -59.81
CA GLU B 32 20.54 2.26 -58.52
C GLU B 32 21.44 1.09 -58.14
N ASP B 33 21.08 -0.13 -58.54
CA ASP B 33 21.94 -1.27 -58.24
C ASP B 33 23.34 -1.05 -58.81
N TYR B 34 23.42 -0.59 -60.06
CA TYR B 34 24.71 -0.26 -60.64
C TYR B 34 25.35 0.92 -59.93
N LEU B 35 24.55 1.88 -59.47
CA LEU B 35 25.12 3.03 -58.78
C LEU B 35 25.82 2.57 -57.51
N LYS B 36 25.21 1.62 -56.80
CA LYS B 36 25.86 1.03 -55.63
C LYS B 36 27.12 0.29 -56.04
N GLU B 37 27.05 -0.44 -57.16
CA GLU B 37 28.22 -1.19 -57.63
C GLU B 37 29.33 -0.28 -58.11
N SER B 38 29.02 0.99 -58.41
CA SER B 38 30.00 1.92 -58.93
C SER B 38 31.17 2.11 -57.97
N VAL B 39 32.37 2.21 -58.54
CA VAL B 39 33.59 2.36 -57.75
C VAL B 39 33.62 3.68 -57.00
N GLU B 40 32.85 4.68 -57.45
CA GLU B 40 32.83 5.97 -56.78
C GLU B 40 32.34 5.85 -55.34
N LEU B 41 31.30 5.04 -55.10
CA LEU B 41 30.82 4.84 -53.74
C LEU B 41 31.89 4.18 -52.88
N GLN B 42 32.60 3.20 -53.43
CA GLN B 42 33.64 2.54 -52.66
C GLN B 42 34.74 3.53 -52.32
N LYS B 43 35.11 4.38 -53.27
CA LYS B 43 36.16 5.36 -53.03
C LYS B 43 35.75 6.33 -51.93
N LEU B 44 34.49 6.78 -51.98
CA LEU B 44 34.00 7.71 -50.96
C LEU B 44 34.02 7.06 -49.60
N ILE B 45 33.58 5.80 -49.50
CA ILE B 45 33.56 5.12 -48.21
C ILE B 45 34.98 4.97 -47.68
N SER B 46 35.89 4.54 -48.55
CA SER B 46 37.27 4.32 -48.13
C SER B 46 37.90 5.60 -47.63
N THR B 47 37.67 6.72 -48.33
CA THR B 47 38.21 7.99 -47.86
C THR B 47 37.56 8.40 -46.53
N LEU B 48 36.25 8.19 -46.40
CA LEU B 48 35.54 8.60 -45.19
C LEU B 48 36.04 7.85 -43.97
N ASN B 49 36.30 6.55 -44.10
CA ASN B 49 36.76 5.76 -42.96
C ASN B 49 38.13 6.24 -42.47
N GLU B 50 39.02 6.60 -43.39
CA GLU B 50 40.34 7.10 -43.02
C GLU B 50 40.23 8.58 -42.66
N SER B 51 39.82 8.83 -41.43
CA SER B 51 39.64 10.19 -40.93
C SER B 51 39.58 10.14 -39.41
N LYS B 52 39.72 11.32 -38.78
CA LYS B 52 39.70 11.44 -37.33
C LYS B 52 38.97 12.73 -36.97
N PHE B 53 37.73 12.61 -36.52
CA PHE B 53 36.94 13.75 -36.07
C PHE B 53 37.59 14.41 -34.86
N HIS B 54 38.05 15.65 -35.02
CA HIS B 54 38.65 16.37 -33.90
C HIS B 54 38.53 17.87 -34.15
N LEU B 55 38.20 18.61 -33.09
CA LEU B 55 38.10 20.06 -33.16
C LEU B 55 39.50 20.67 -33.22
N ASN B 56 39.57 21.90 -33.73
CA ASN B 56 40.87 22.55 -33.85
C ASN B 56 40.96 23.85 -33.06
N LYS B 57 39.99 24.75 -33.18
CA LYS B 57 40.07 26.03 -32.52
C LYS B 57 38.67 26.46 -32.10
N ILE B 58 38.61 27.31 -31.07
CA ILE B 58 37.34 27.81 -30.57
C ILE B 58 37.52 29.29 -30.24
N GLY B 59 36.56 30.11 -30.67
CA GLY B 59 36.57 31.52 -30.36
C GLY B 59 35.34 31.96 -29.60
N ILE B 60 35.53 32.75 -28.55
CA ILE B 60 34.45 33.18 -27.67
C ILE B 60 34.43 34.69 -27.68
N HIS B 61 33.23 35.27 -27.84
CA HIS B 61 33.02 36.71 -27.92
C HIS B 61 31.85 37.09 -27.02
N ASP B 62 32.16 37.60 -25.82
CA ASP B 62 31.17 38.13 -24.88
C ASP B 62 30.16 37.07 -24.45
N PHE B 63 30.70 35.98 -23.90
CA PHE B 63 29.88 34.91 -23.32
C PHE B 63 30.14 34.88 -21.81
N LYS B 64 29.11 35.22 -21.03
CA LYS B 64 29.18 35.20 -19.58
C LYS B 64 30.37 36.00 -19.05
N ARG B 65 31.33 35.32 -18.46
CA ARG B 65 32.42 35.99 -17.76
C ARG B 65 33.59 36.35 -18.67
N ILE B 66 33.59 35.86 -19.91
CA ILE B 66 34.69 36.09 -20.84
C ILE B 66 34.14 36.76 -22.08
N ARG B 67 34.90 37.74 -22.59
CA ARG B 67 34.47 38.54 -23.74
C ARG B 67 35.30 38.36 -24.99
N GLU B 68 36.51 37.83 -24.90
CA GLU B 68 37.34 37.62 -26.09
C GLU B 68 38.35 36.53 -25.78
N LEU B 69 38.26 35.41 -26.48
CA LEU B 69 39.21 34.32 -26.21
C LEU B 69 39.33 33.42 -27.43
N GLN B 70 40.58 33.06 -27.76
CA GLN B 70 40.90 32.13 -28.83
C GLN B 70 41.67 30.95 -28.24
N ILE B 71 41.02 29.79 -28.12
CA ILE B 71 41.60 28.62 -27.48
C ILE B 71 41.80 27.52 -28.52
N SER B 72 42.99 26.93 -28.51
CA SER B 72 43.32 25.81 -29.40
C SER B 72 43.43 24.53 -28.57
N LEU B 73 42.77 23.47 -29.04
CA LEU B 73 42.72 22.20 -28.33
C LEU B 73 43.66 21.19 -28.95
N GLU B 74 44.00 20.17 -28.17
CA GLU B 74 44.84 19.08 -28.62
C GLU B 74 43.96 18.00 -29.24
N ASP B 75 44.54 16.83 -29.52
CA ASP B 75 43.81 15.73 -30.12
C ASP B 75 43.67 14.52 -29.21
N ASP B 76 44.36 14.49 -28.07
CA ASP B 76 44.24 13.40 -27.10
C ASP B 76 43.65 13.87 -25.79
N LEU B 77 44.23 14.88 -25.15
CA LEU B 77 43.76 15.34 -23.85
C LEU B 77 43.88 16.85 -23.76
N THR B 78 42.97 17.46 -22.99
CA THR B 78 43.01 18.90 -22.74
C THR B 78 42.40 19.11 -21.35
N VAL B 79 43.26 19.22 -20.34
CA VAL B 79 42.81 19.43 -18.96
C VAL B 79 42.88 20.92 -18.65
N PHE B 80 41.80 21.45 -18.09
CA PHE B 80 41.73 22.83 -17.65
C PHE B 80 41.72 22.87 -16.13
N VAL B 81 42.63 23.64 -15.54
CA VAL B 81 42.75 23.74 -14.09
C VAL B 81 42.38 25.16 -13.68
N GLY B 82 41.87 25.29 -12.47
CA GLY B 82 41.47 26.59 -11.97
C GLY B 82 40.64 26.45 -10.71
N ASP B 83 40.13 27.57 -10.25
CA ASP B 83 39.29 27.66 -9.07
C ASP B 83 37.86 28.01 -9.47
N ASN B 84 36.97 28.03 -8.47
CA ASN B 84 35.58 28.42 -8.72
C ASN B 84 35.51 29.85 -9.24
N GLY B 85 34.72 30.05 -10.29
CA GLY B 85 34.59 31.36 -10.87
C GLY B 85 35.69 31.68 -11.86
N PHE B 86 35.96 30.77 -12.81
CA PHE B 86 37.00 31.02 -13.80
C PHE B 86 36.60 30.61 -15.20
N GLY B 87 35.31 30.39 -15.47
CA GLY B 87 34.90 30.02 -16.81
C GLY B 87 35.17 28.59 -17.21
N LYS B 88 35.41 27.70 -16.24
CA LYS B 88 35.72 26.31 -16.56
C LYS B 88 34.55 25.61 -17.24
N SER B 89 33.33 25.84 -16.78
CA SER B 89 32.16 25.16 -17.35
C SER B 89 31.53 25.93 -18.51
N THR B 90 31.93 27.18 -18.74
CA THR B 90 31.39 27.89 -19.89
C THR B 90 32.02 27.39 -21.18
N ILE B 91 33.28 26.99 -21.14
CA ILE B 91 33.91 26.43 -22.33
C ILE B 91 33.17 25.16 -22.75
N LEU B 92 32.86 24.30 -21.78
CA LEU B 92 32.13 23.08 -22.07
C LEU B 92 30.74 23.38 -22.60
N ASP B 93 30.04 24.36 -22.01
CA ASP B 93 28.73 24.67 -22.53
C ASP B 93 28.80 25.26 -23.93
N ALA B 94 29.88 25.95 -24.25
CA ALA B 94 30.04 26.50 -25.59
C ALA B 94 30.23 25.38 -26.60
N ILE B 95 31.06 24.40 -26.25
CA ILE B 95 31.28 23.30 -27.20
C ILE B 95 30.00 22.50 -27.36
N ALA B 96 29.22 22.33 -26.28
CA ALA B 96 27.98 21.59 -26.40
C ALA B 96 27.00 22.33 -27.31
N ILE B 97 27.00 23.66 -27.21
CA ILE B 97 26.12 24.47 -28.05
C ILE B 97 26.49 24.30 -29.52
N VAL B 98 27.79 24.31 -29.82
CA VAL B 98 28.22 24.12 -31.20
C VAL B 98 27.84 22.73 -31.69
N LEU B 99 28.06 21.71 -30.84
CA LEU B 99 27.82 20.33 -31.25
C LEU B 99 26.35 20.07 -31.55
N SER B 100 25.45 20.68 -30.76
CA SER B 100 24.03 20.37 -30.91
C SER B 100 23.50 20.74 -32.30
N TRP B 101 24.02 21.80 -32.91
CA TRP B 101 23.57 22.16 -34.25
C TRP B 101 23.97 21.09 -35.26
N LEU B 102 25.18 20.55 -35.13
CA LEU B 102 25.61 19.48 -36.03
C LEU B 102 24.74 18.26 -35.86
N ARG B 103 24.44 17.90 -34.61
CA ARG B 103 23.60 16.73 -34.39
C ARG B 103 22.19 16.95 -34.96
N SER B 104 21.64 18.16 -34.77
CA SER B 104 20.30 18.41 -35.28
C SER B 104 20.29 18.34 -36.80
N ASN B 105 21.32 18.87 -37.45
CA ASN B 105 21.35 18.82 -38.90
C ASN B 105 21.49 17.39 -39.38
N ILE B 106 22.25 16.57 -38.64
CA ILE B 106 22.44 15.18 -39.02
C ILE B 106 21.12 14.43 -38.97
N GLU B 107 20.35 14.65 -37.91
CA GLU B 107 19.08 13.95 -37.77
C GLU B 107 18.06 14.39 -38.82
N LYS B 108 17.96 15.69 -39.08
CA LYS B 108 16.96 16.21 -40.01
C LYS B 108 17.46 17.54 -40.57
N GLU B 109 17.02 17.85 -41.79
CA GLU B 109 17.50 19.07 -42.45
C GLU B 109 16.88 20.30 -41.81
N SER B 110 17.68 21.36 -41.71
CA SER B 110 17.24 22.66 -41.20
C SER B 110 16.55 22.53 -39.84
N LYS B 111 17.12 21.69 -38.99
CA LYS B 111 16.59 21.51 -37.63
C LYS B 111 17.23 22.51 -36.68
N PRO B 112 16.45 23.34 -36.00
CA PRO B 112 17.06 24.30 -35.08
C PRO B 112 17.79 23.59 -33.95
N GLY B 113 18.91 24.17 -33.54
CA GLY B 113 19.67 23.61 -32.44
C GLY B 113 19.26 24.19 -31.10
N THR B 114 20.25 24.61 -30.31
CA THR B 114 20.00 25.25 -29.02
C THR B 114 20.44 26.71 -29.12
N TYR B 115 19.52 27.62 -28.81
CA TYR B 115 19.81 29.05 -28.85
C TYR B 115 20.54 29.46 -27.57
N ILE B 116 20.75 30.75 -27.40
CA ILE B 116 21.40 31.31 -26.22
C ILE B 116 20.36 32.08 -25.42
N LYS B 117 20.23 31.74 -24.14
CA LYS B 117 19.28 32.43 -23.28
C LYS B 117 19.71 33.87 -23.06
N SER B 118 18.73 34.72 -22.75
CA SER B 118 19.00 36.14 -22.58
C SER B 118 19.93 36.40 -21.40
N HIS B 119 19.75 35.64 -20.32
CA HIS B 119 20.55 35.88 -19.11
C HIS B 119 22.01 35.48 -19.28
N GLU B 120 22.33 34.65 -20.28
CA GLU B 120 23.70 34.21 -20.46
C GLU B 120 24.59 35.27 -21.09
N VAL B 121 24.00 36.30 -21.72
CA VAL B 121 24.81 37.35 -22.31
C VAL B 121 25.47 38.17 -21.21
N ASN B 122 26.60 38.80 -21.55
CA ASN B 122 27.31 39.62 -20.59
C ASN B 122 26.45 40.79 -20.14
N ASN B 123 26.58 41.15 -18.86
CA ASN B 123 25.78 42.22 -18.27
C ASN B 123 26.43 43.59 -18.40
N SER B 124 27.54 43.70 -19.12
CA SER B 124 28.18 44.99 -19.32
C SER B 124 27.27 45.93 -20.09
N VAL B 125 27.32 47.21 -19.74
CA VAL B 125 26.44 48.19 -20.35
C VAL B 125 26.80 48.44 -21.81
N ASP B 126 28.05 48.26 -22.17
CA ASP B 126 28.50 48.53 -23.54
C ASP B 126 28.44 47.30 -24.44
N VAL B 127 27.97 46.16 -23.94
CA VAL B 127 27.85 44.97 -24.77
C VAL B 127 26.67 45.13 -25.73
N GLU B 128 26.77 44.48 -26.86
CA GLU B 128 25.72 44.55 -27.88
C GLU B 128 25.24 43.18 -28.34
N TYR B 129 26.13 42.20 -28.43
CA TYR B 129 25.78 40.88 -28.93
C TYR B 129 26.79 39.87 -28.42
N ALA B 130 26.41 38.60 -28.48
CA ALA B 130 27.28 37.50 -28.09
C ALA B 130 27.44 36.55 -29.26
N SER B 131 28.69 36.16 -29.53
CA SER B 131 28.98 35.29 -30.66
C SER B 131 29.94 34.19 -30.23
N ILE B 132 29.79 33.03 -30.86
CA ILE B 132 30.64 31.87 -30.64
C ILE B 132 31.05 31.30 -31.99
N ASP B 133 32.32 30.94 -32.12
CA ASP B 133 32.87 30.43 -33.37
C ASP B 133 33.64 29.14 -33.11
N ALA B 134 33.62 28.24 -34.09
CA ALA B 134 34.32 26.97 -33.95
C ALA B 134 34.81 26.50 -35.31
N ASN B 135 35.81 25.61 -35.28
CA ASN B 135 36.40 25.04 -36.48
C ASN B 135 36.66 23.56 -36.28
N ILE B 136 35.97 22.73 -37.06
CA ILE B 136 36.10 21.28 -37.02
C ILE B 136 36.77 20.84 -38.32
N LYS B 137 37.86 20.09 -38.19
CA LYS B 137 38.63 19.62 -39.33
C LYS B 137 38.77 18.10 -39.24
N LEU B 138 38.67 17.42 -40.38
CA LEU B 138 38.92 15.99 -40.45
C LEU B 138 39.78 15.68 -41.66
N LYS B 139 40.90 14.98 -41.43
CA LYS B 139 41.87 14.69 -42.48
C LYS B 139 42.35 16.00 -43.09
N ASP B 140 41.75 16.39 -44.21
CA ASP B 140 42.07 17.67 -44.84
C ASP B 140 40.87 18.60 -44.91
N PHE B 141 39.65 18.09 -44.81
CA PHE B 141 38.46 18.92 -44.87
C PHE B 141 38.39 19.82 -43.64
N ASN B 142 37.81 21.01 -43.82
CA ASN B 142 37.67 21.98 -42.75
C ASN B 142 36.27 22.56 -42.77
N THR B 143 35.84 23.06 -41.61
CA THR B 143 34.51 23.62 -41.45
C THR B 143 34.59 24.75 -40.43
N SER B 144 33.60 25.64 -40.49
CA SER B 144 33.52 26.76 -39.57
C SER B 144 32.06 27.02 -39.22
N ILE B 145 31.80 27.29 -37.95
CA ILE B 145 30.46 27.54 -37.44
C ILE B 145 30.50 28.81 -36.61
N LEU B 146 29.48 29.66 -36.77
CA LEU B 146 29.37 30.91 -36.04
C LEU B 146 27.91 31.12 -35.64
N ILE B 147 27.69 31.36 -34.35
CA ILE B 147 26.37 31.62 -33.79
C ILE B 147 26.39 32.97 -33.09
N THR B 148 25.37 33.79 -33.36
CA THR B 148 25.30 35.14 -32.79
C THR B 148 23.92 35.38 -32.21
N LYS B 149 23.87 36.25 -31.20
CA LYS B 149 22.61 36.65 -30.58
C LYS B 149 22.79 38.01 -29.92
N ALA B 150 22.18 39.04 -30.49
CA ALA B 150 22.27 40.38 -29.93
C ALA B 150 21.25 40.56 -28.82
N LYS B 151 21.66 41.25 -27.75
CA LYS B 151 20.79 41.46 -26.60
C LYS B 151 19.56 42.28 -26.96
N GLU B 152 19.77 43.56 -27.31
CA GLU B 152 18.68 44.48 -27.62
C GLU B 152 19.29 45.76 -28.15
N GLY B 153 18.55 46.41 -29.07
CA GLY B 153 18.98 47.70 -29.59
C GLY B 153 20.34 47.68 -30.27
N ALA B 154 20.63 46.63 -31.01
CA ALA B 154 21.92 46.49 -31.69
C ALA B 154 21.72 45.63 -32.93
N TYR B 155 22.82 45.15 -33.50
CA TYR B 155 22.79 44.31 -34.68
C TYR B 155 23.79 43.19 -34.51
N TYR B 156 23.29 41.96 -34.31
CA TYR B 156 24.17 40.80 -34.22
C TYR B 156 24.95 40.63 -35.52
N SER B 157 26.20 40.17 -35.39
CA SER B 157 27.08 40.03 -36.55
C SER B 157 26.47 39.09 -37.58
N ARG B 158 26.13 39.65 -38.74
CA ARG B 158 25.45 38.93 -39.82
C ARG B 158 24.26 38.14 -39.30
N ASN B 159 24.33 36.82 -39.37
CA ASN B 159 23.28 35.96 -38.83
C ASN B 159 23.93 34.63 -38.44
N ASN B 160 23.10 33.61 -38.25
CA ASN B 160 23.59 32.26 -37.96
C ASN B 160 24.20 31.67 -39.23
N GLU B 161 25.52 31.73 -39.34
CA GLU B 161 26.22 31.22 -40.52
C GLU B 161 26.43 29.72 -40.33
N LEU B 162 25.43 28.93 -40.75
CA LEU B 162 25.49 27.48 -40.64
C LEU B 162 25.61 26.80 -42.01
N LEU B 163 26.04 27.53 -43.03
CA LEU B 163 26.17 26.96 -44.37
C LEU B 163 27.22 25.84 -44.41
N GLY B 164 28.35 26.04 -43.73
CA GLY B 164 29.40 25.05 -43.77
C GLY B 164 29.02 23.75 -43.08
N VAL B 165 28.27 23.83 -41.98
CA VAL B 165 27.95 22.64 -41.20
C VAL B 165 26.93 21.74 -41.92
N LYS B 166 26.20 22.26 -42.90
CA LYS B 166 25.26 21.43 -43.63
C LYS B 166 25.96 20.48 -44.60
N LYS B 167 27.14 20.86 -45.10
CA LYS B 167 27.87 19.98 -46.01
C LYS B 167 28.31 18.69 -45.31
N LEU B 168 28.78 18.78 -44.07
CA LEU B 168 29.19 17.56 -43.37
C LEU B 168 28.00 16.65 -43.15
N ALA B 169 26.84 17.23 -42.82
CA ALA B 169 25.66 16.41 -42.61
C ALA B 169 25.25 15.74 -43.91
N SER B 170 25.37 16.46 -45.03
CA SER B 170 25.01 15.88 -46.31
C SER B 170 25.95 14.73 -46.65
N ILE B 171 27.24 14.89 -46.33
CA ILE B 171 28.23 13.87 -46.64
C ILE B 171 27.93 12.60 -45.88
N TYR B 172 27.69 12.73 -44.56
CA TYR B 172 27.38 11.54 -43.77
C TYR B 172 26.04 10.93 -44.21
N ARG B 173 25.05 11.76 -44.52
CA ARG B 173 23.73 11.27 -44.86
C ARG B 173 23.75 10.48 -46.16
N LEU B 174 24.52 10.95 -47.15
CA LEU B 174 24.51 10.25 -48.43
C LEU B 174 25.09 8.86 -48.27
N VAL B 175 26.18 8.73 -47.50
CA VAL B 175 26.79 7.42 -47.30
C VAL B 175 25.84 6.52 -46.53
N ASN B 176 25.22 7.05 -45.46
CA ASN B 176 24.33 6.23 -44.65
C ASN B 176 23.04 5.85 -45.37
N LYS B 177 22.67 6.58 -46.42
CA LYS B 177 21.44 6.28 -47.14
C LYS B 177 21.58 5.03 -48.02
N TYR B 178 22.79 4.74 -48.49
CA TYR B 178 23.01 3.63 -49.41
C TYR B 178 23.55 2.38 -48.70
N VAL B 179 24.62 2.50 -47.94
CA VAL B 179 25.26 1.37 -47.27
C VAL B 179 24.80 1.34 -45.83
N ASP B 180 24.30 0.19 -45.38
CA ASP B 180 23.83 0.03 -44.02
C ASP B 180 25.01 -0.08 -43.06
N ASN B 181 24.68 -0.27 -41.78
CA ASN B 181 25.63 -0.49 -40.68
C ASN B 181 26.90 0.34 -40.84
N ALA B 182 26.71 1.63 -41.10
CA ALA B 182 27.82 2.56 -41.24
C ALA B 182 28.24 3.07 -39.86
N SER B 183 29.20 3.99 -39.86
CA SER B 183 29.74 4.56 -38.63
C SER B 183 29.36 6.04 -38.53
N LEU B 184 29.12 6.48 -37.31
CA LEU B 184 28.75 7.86 -37.02
C LEU B 184 29.61 8.42 -35.92
N PRO B 185 29.81 9.74 -35.89
CA PRO B 185 30.62 10.33 -34.82
C PRO B 185 29.94 10.24 -33.47
N LEU B 186 30.74 10.20 -32.42
CA LEU B 186 30.27 10.11 -31.05
C LEU B 186 30.24 11.50 -30.41
N MET B 187 29.12 11.83 -29.77
CA MET B 187 28.94 13.09 -29.08
C MET B 187 28.30 12.80 -27.72
N ALA B 188 29.07 13.00 -26.64
CA ALA B 188 28.57 12.77 -25.30
C ALA B 188 29.04 13.89 -24.38
N TYR B 189 28.23 14.18 -23.37
CA TYR B 189 28.55 15.24 -22.42
C TYR B 189 28.01 14.85 -21.05
N TYR B 190 28.91 14.68 -20.09
CA TYR B 190 28.55 14.34 -18.72
C TYR B 190 28.56 15.62 -17.90
N SER B 191 27.38 16.19 -17.68
CA SER B 191 27.26 17.51 -17.08
C SER B 191 27.20 17.39 -15.56
N ILE B 192 26.82 18.48 -14.91
CA ILE B 192 26.65 18.51 -13.47
C ILE B 192 25.16 18.40 -13.16
N ALA B 193 24.83 18.30 -11.86
CA ALA B 193 23.48 18.02 -11.40
C ALA B 193 22.40 18.74 -12.21
N ARG B 194 22.52 20.07 -12.31
CA ARG B 194 21.59 20.89 -13.07
C ARG B 194 20.14 20.56 -12.77
N SER B 195 19.46 19.92 -13.72
CA SER B 195 18.06 19.52 -13.57
C SER B 195 17.16 20.70 -13.20
N LYS B 211 11.88 1.38 -34.57
CA LYS B 211 12.50 2.28 -35.53
C LYS B 211 14.01 2.25 -35.40
N THR B 212 14.58 3.25 -34.73
CA THR B 212 16.01 3.32 -34.56
C THR B 212 16.50 2.27 -33.57
N VAL B 213 17.82 2.02 -33.59
CA VAL B 213 18.40 1.06 -32.67
C VAL B 213 18.27 1.53 -31.23
N TRP B 214 18.38 2.85 -31.02
CA TRP B 214 18.20 3.39 -29.67
C TRP B 214 16.79 3.12 -29.16
N SER B 215 15.78 3.37 -29.99
CA SER B 215 14.41 3.10 -29.61
C SER B 215 14.11 1.60 -29.55
N LYS B 216 15.04 0.76 -30.01
CA LYS B 216 14.78 -0.68 -30.03
C LYS B 216 14.79 -1.25 -28.62
N PHE B 217 15.94 -1.21 -27.94
CA PHE B 217 16.01 -1.89 -26.65
C PHE B 217 15.49 -1.01 -25.51
N ASP B 218 16.25 0.00 -25.11
CA ASP B 218 15.76 0.95 -24.11
C ASP B 218 16.29 2.37 -24.33
N VAL B 219 17.34 2.49 -25.14
CA VAL B 219 18.21 3.66 -25.06
C VAL B 219 17.49 4.91 -25.57
N TYR B 220 17.94 6.06 -25.07
CA TYR B 220 17.45 7.37 -25.50
C TYR B 220 18.53 8.09 -26.28
N ASP B 221 18.11 9.01 -27.16
CA ASP B 221 19.02 9.79 -27.99
C ASP B 221 19.10 11.20 -27.42
N GLU B 222 20.22 11.52 -26.76
CA GLU B 222 20.43 12.85 -26.21
C GLU B 222 21.92 13.06 -26.00
N ILE B 223 22.30 14.33 -25.88
CA ILE B 223 23.69 14.67 -25.55
C ILE B 223 23.93 14.67 -24.04
N GLU B 224 22.95 15.08 -23.26
CA GLU B 224 23.10 15.19 -21.83
C GLU B 224 22.97 13.83 -21.16
N PHE B 225 23.89 13.52 -20.26
CA PHE B 225 23.78 12.33 -19.41
C PHE B 225 24.15 12.70 -17.99
N ASP B 226 23.59 11.94 -17.05
CA ASP B 226 23.80 12.16 -15.63
C ASP B 226 24.41 10.92 -15.01
N ARG B 227 25.40 11.11 -14.16
CA ARG B 227 25.99 10.02 -13.39
C ARG B 227 25.10 9.71 -12.20
N ASN B 228 25.61 8.91 -11.26
CA ASN B 228 24.89 8.46 -10.06
C ASN B 228 23.44 8.08 -10.39
N ASP B 229 23.28 7.30 -11.46
CA ASP B 229 21.99 6.76 -11.85
C ASP B 229 22.07 5.23 -11.84
N PHE B 230 22.65 4.67 -10.77
CA PHE B 230 22.95 3.25 -10.73
C PHE B 230 21.70 2.38 -10.80
N THR B 231 20.57 2.85 -10.28
CA THR B 231 19.36 2.03 -10.29
C THR B 231 18.86 1.76 -11.71
N ASP B 232 18.91 2.77 -12.57
CA ASP B 232 18.44 2.59 -13.94
C ASP B 232 19.37 1.70 -14.73
N PHE B 233 20.68 1.84 -14.53
CA PHE B 233 21.60 0.98 -15.26
C PHE B 233 21.50 -0.45 -14.76
N PHE B 234 21.24 -0.62 -13.46
CA PHE B 234 21.10 -1.96 -12.91
C PHE B 234 19.88 -2.65 -13.51
N GLN B 235 18.76 -1.92 -13.63
CA GLN B 235 17.57 -2.54 -14.19
C GLN B 235 17.74 -2.78 -15.69
N TRP B 236 18.49 -1.91 -16.37
CA TRP B 236 18.75 -2.13 -17.78
C TRP B 236 19.56 -3.41 -17.99
N LEU B 237 20.56 -3.63 -17.12
CA LEU B 237 21.37 -4.83 -17.23
C LEU B 237 20.53 -6.07 -16.96
N VAL B 238 19.65 -6.00 -15.97
CA VAL B 238 18.82 -7.18 -15.65
C VAL B 238 17.89 -7.50 -16.81
N PHE B 239 17.24 -6.47 -17.38
CA PHE B 239 16.32 -6.72 -18.48
C PHE B 239 17.06 -7.26 -19.70
N LEU B 240 18.25 -6.73 -19.99
CA LEU B 240 18.99 -7.22 -21.13
C LEU B 240 19.39 -8.67 -20.93
N HIS B 241 19.78 -9.03 -19.71
CA HIS B 241 20.16 -10.42 -19.46
C HIS B 241 18.97 -11.34 -19.66
N ASN B 242 17.78 -10.88 -19.24
CA ASN B 242 16.58 -11.70 -19.43
C ASN B 242 16.30 -11.91 -20.91
N ARG B 243 16.44 -10.86 -21.71
CA ARG B 243 16.16 -11.00 -23.14
C ARG B 243 17.20 -11.90 -23.82
N ALA B 244 18.47 -11.79 -23.39
CA ALA B 244 19.50 -12.65 -23.95
C ALA B 244 19.24 -14.11 -23.63
N SER B 245 18.83 -14.40 -22.39
CA SER B 245 18.52 -15.77 -22.05
C SER B 245 17.31 -16.25 -22.81
N GLN B 246 16.34 -15.38 -23.06
CA GLN B 246 15.15 -15.79 -23.81
C GLN B 246 15.54 -16.17 -25.23
N GLU B 247 16.43 -15.38 -25.85
CA GLU B 247 16.79 -15.64 -27.24
C GLU B 247 17.82 -16.76 -27.40
N LYS B 248 18.50 -17.16 -26.32
CA LYS B 248 19.40 -18.31 -26.40
C LYS B 248 18.67 -19.62 -26.64
N LEU B 249 17.39 -19.71 -26.26
CA LEU B 249 16.60 -20.91 -26.49
C LEU B 249 15.88 -20.85 -27.84
N SER B 250 14.90 -21.75 -27.99
CA SER B 250 13.98 -21.83 -29.12
C SER B 250 14.67 -22.21 -30.42
N GLU B 251 14.55 -21.36 -31.46
CA GLU B 251 15.01 -21.79 -32.78
C GLU B 251 16.51 -22.03 -32.83
N SER B 252 17.28 -21.33 -32.00
CA SER B 252 18.73 -21.54 -32.04
C SER B 252 19.08 -22.94 -31.58
N GLN B 253 18.20 -23.56 -30.80
CA GLN B 253 18.46 -24.92 -30.34
C GLN B 253 18.48 -25.88 -31.52
N THR B 254 17.55 -25.69 -32.47
CA THR B 254 17.45 -26.61 -33.60
C THR B 254 18.74 -26.64 -34.40
N THR B 255 19.27 -25.46 -34.73
CA THR B 255 20.50 -25.43 -35.50
C THR B 255 21.61 -26.08 -34.70
N ILE B 256 21.66 -25.81 -33.41
CA ILE B 256 22.72 -26.38 -32.58
C ILE B 256 22.55 -27.89 -32.57
N ASN B 257 21.31 -28.34 -32.41
CA ASN B 257 21.05 -29.77 -32.37
C ASN B 257 21.44 -30.38 -33.70
N ALA B 258 21.10 -29.70 -34.79
CA ALA B 258 21.44 -30.24 -36.11
C ALA B 258 22.95 -30.34 -36.24
N LEU B 259 23.68 -29.34 -35.77
CA LEU B 259 25.13 -29.43 -35.87
C LEU B 259 25.65 -30.60 -35.04
N PHE B 260 25.12 -30.76 -33.82
CA PHE B 260 25.77 -31.66 -32.87
C PHE B 260 25.73 -33.10 -33.38
N SER B 261 24.57 -33.53 -33.86
CA SER B 261 24.45 -34.89 -34.38
C SER B 261 25.34 -35.05 -35.60
N ASP B 262 25.36 -34.02 -36.45
CA ASP B 262 26.15 -34.12 -37.67
C ASP B 262 27.62 -34.26 -37.31
N ILE B 263 28.06 -33.54 -36.26
CA ILE B 263 29.46 -33.62 -35.87
C ILE B 263 29.76 -35.05 -35.47
N GLN B 264 28.88 -35.66 -34.69
CA GLN B 264 29.10 -37.05 -34.31
C GLN B 264 28.97 -37.96 -35.52
N SER B 265 27.97 -37.69 -36.37
CA SER B 265 27.73 -38.54 -37.52
C SER B 265 28.88 -38.49 -38.50
N LEU B 266 29.44 -37.29 -38.71
CA LEU B 266 30.59 -37.19 -39.60
C LEU B 266 31.76 -37.99 -39.04
N LYS B 267 31.97 -37.91 -37.72
CA LYS B 267 33.00 -38.73 -37.09
C LYS B 267 32.71 -40.22 -37.22
N ALA B 268 31.44 -40.61 -37.05
CA ALA B 268 31.06 -42.02 -37.13
C ALA B 268 31.31 -42.65 -38.50
N THR B 269 31.65 -41.88 -39.52
CA THR B 269 31.98 -42.45 -40.82
C THR B 269 33.47 -42.45 -41.14
N LEU B 270 34.22 -41.44 -40.71
CA LEU B 270 35.63 -41.33 -41.05
C LEU B 270 36.54 -41.43 -39.82
N THR B 271 36.34 -40.57 -38.82
CA THR B 271 37.28 -40.51 -37.70
C THR B 271 36.97 -41.58 -36.66
N GLN B 272 35.78 -41.53 -36.06
CA GLN B 272 35.42 -42.53 -35.06
C GLN B 272 35.32 -43.92 -35.66
N LEU B 273 34.89 -44.03 -36.91
CA LEU B 273 34.84 -45.34 -37.56
C LEU B 273 36.23 -45.96 -37.67
N SER B 274 37.22 -45.16 -38.05
CA SER B 274 38.62 -45.60 -38.10
C SER B 274 39.34 -45.32 -36.79
N ALA B 275 38.78 -45.80 -35.69
CA ALA B 275 39.34 -45.60 -34.34
C ALA B 275 39.53 -44.11 -34.05
N SER B 281 27.46 -48.15 -53.40
CA SER B 281 28.24 -46.94 -53.16
C SER B 281 28.02 -46.41 -51.75
N THR B 282 28.41 -47.21 -50.76
CA THR B 282 28.25 -46.80 -49.36
C THR B 282 29.10 -45.57 -49.06
N VAL B 283 30.35 -45.55 -49.55
CA VAL B 283 31.23 -44.41 -49.30
C VAL B 283 30.68 -43.16 -49.99
N ILE B 284 30.20 -43.31 -51.22
CA ILE B 284 29.65 -42.16 -51.94
C ILE B 284 28.41 -41.64 -51.24
N LYS B 285 27.54 -42.56 -50.78
CA LYS B 285 26.32 -42.14 -50.10
C LYS B 285 26.65 -41.42 -48.80
N GLY B 286 27.63 -41.93 -48.04
CA GLY B 286 28.02 -41.28 -46.81
C GLY B 286 28.60 -39.90 -47.03
N LEU B 287 29.49 -39.77 -48.02
CA LEU B 287 30.07 -38.47 -48.31
C LEU B 287 29.00 -37.50 -48.80
N GLU B 288 28.07 -37.96 -49.64
CA GLU B 288 27.00 -37.09 -50.11
C GLU B 288 26.12 -36.63 -48.95
N LEU B 289 25.82 -37.54 -48.03
CA LEU B 289 25.01 -37.18 -46.86
C LEU B 289 25.72 -36.15 -46.00
N SER B 290 27.03 -36.33 -45.78
CA SER B 290 27.78 -35.36 -44.98
C SER B 290 27.82 -34.00 -45.67
N LEU B 291 28.03 -33.99 -47.00
CA LEU B 291 28.06 -32.72 -47.72
C LEU B 291 26.69 -32.05 -47.69
N LYS B 292 25.62 -32.82 -47.82
CA LYS B 292 24.28 -32.26 -47.75
C LYS B 292 24.00 -31.66 -46.38
N GLU B 293 24.45 -32.35 -45.32
CA GLU B 293 24.26 -31.83 -43.97
C GLU B 293 25.04 -30.52 -43.79
N LYS B 294 26.27 -30.48 -44.31
CA LYS B 294 27.07 -29.25 -44.21
C LYS B 294 26.41 -28.12 -44.98
N LEU B 295 25.90 -28.40 -46.17
CA LEU B 295 25.22 -27.37 -46.96
C LEU B 295 23.97 -26.88 -46.26
N ASN B 296 23.19 -27.80 -45.68
CA ASN B 296 21.98 -27.40 -44.97
C ASN B 296 22.32 -26.53 -43.77
N TYR B 297 23.37 -26.89 -43.02
CA TYR B 297 23.79 -26.09 -41.87
C TYR B 297 24.23 -24.70 -42.32
N MET B 298 24.98 -24.63 -43.43
CA MET B 298 25.42 -23.33 -43.94
C MET B 298 24.23 -22.49 -44.38
N LYS B 299 23.25 -23.11 -45.03
CA LYS B 299 22.07 -22.38 -45.47
C LYS B 299 21.28 -21.86 -44.27
N SER B 300 21.13 -22.68 -43.24
CA SER B 300 20.40 -22.26 -42.05
C SER B 300 21.13 -21.11 -41.35
N LEU B 301 22.46 -21.21 -41.21
CA LEU B 301 23.21 -20.14 -40.57
C LEU B 301 23.13 -18.85 -41.37
N GLN B 302 23.24 -18.94 -42.70
CA GLN B 302 23.14 -17.76 -43.54
C GLN B 302 21.75 -17.12 -43.45
N SER B 303 20.71 -17.95 -43.45
CA SER B 303 19.35 -17.44 -43.30
C SER B 303 19.19 -16.73 -41.96
N GLY B 304 18.61 -15.54 -41.99
CA GLY B 304 18.46 -14.72 -40.81
C GLY B 304 19.54 -13.65 -40.71
N GLU B 305 19.33 -12.74 -39.76
CA GLU B 305 20.29 -11.66 -39.56
C GLU B 305 21.61 -12.21 -39.05
N HIS B 306 22.69 -11.52 -39.40
CA HIS B 306 24.03 -11.87 -38.93
C HIS B 306 24.19 -11.46 -37.47
N LYS B 307 25.42 -11.55 -36.97
CA LYS B 307 25.74 -11.12 -35.62
C LYS B 307 25.20 -9.72 -35.34
N PHE B 308 25.69 -8.74 -36.10
CA PHE B 308 25.21 -7.36 -36.09
C PHE B 308 24.92 -6.84 -34.69
N ASN B 309 23.64 -6.73 -34.34
CA ASN B 309 23.21 -6.25 -33.03
C ASN B 309 22.20 -7.22 -32.44
N ASN B 310 22.67 -8.07 -31.53
CA ASN B 310 21.80 -8.98 -30.80
C ASN B 310 22.11 -8.88 -29.31
N ALA B 311 21.16 -9.38 -28.51
CA ALA B 311 21.25 -9.21 -27.06
C ALA B 311 22.49 -9.88 -26.48
N VAL B 312 22.83 -11.07 -26.96
CA VAL B 312 24.00 -11.78 -26.43
C VAL B 312 25.28 -11.01 -26.71
N SER B 313 25.45 -10.51 -27.93
CA SER B 313 26.69 -9.82 -28.26
C SER B 313 26.80 -8.50 -27.50
N LEU B 314 25.66 -7.83 -27.28
CA LEU B 314 25.73 -6.57 -26.55
C LEU B 314 26.05 -6.84 -25.09
N TYR B 315 25.49 -7.91 -24.54
CA TYR B 315 25.67 -8.17 -23.11
C TYR B 315 27.10 -8.55 -22.83
N ASP B 316 27.65 -9.50 -23.62
CA ASP B 316 29.00 -9.93 -23.29
C ASP B 316 30.02 -8.89 -23.71
N SER B 317 29.69 -7.99 -24.65
CA SER B 317 30.64 -6.95 -25.01
C SER B 317 30.72 -5.90 -23.92
N VAL B 318 29.56 -5.53 -23.35
CA VAL B 318 29.59 -4.54 -22.27
C VAL B 318 30.28 -5.14 -21.05
N ILE B 319 29.98 -6.39 -20.72
CA ILE B 319 30.61 -7.00 -19.55
C ILE B 319 32.11 -7.09 -19.75
N ASN B 320 32.55 -7.47 -20.96
CA ASN B 320 33.98 -7.57 -21.20
C ASN B 320 34.64 -6.21 -21.06
N THR B 321 33.97 -5.15 -21.54
CA THR B 321 34.58 -3.84 -21.47
C THR B 321 34.77 -3.41 -20.02
N ILE B 322 33.75 -3.68 -19.18
CA ILE B 322 33.89 -3.28 -17.78
C ILE B 322 34.99 -4.10 -17.13
N LEU B 323 35.12 -5.37 -17.51
CA LEU B 323 36.18 -6.19 -16.93
C LEU B 323 37.55 -5.65 -17.32
N LYS B 324 37.68 -5.13 -18.55
CA LYS B 324 38.93 -4.51 -18.96
C LYS B 324 39.23 -3.26 -18.14
N PHE B 325 38.21 -2.48 -17.83
CA PHE B 325 38.43 -1.26 -17.07
C PHE B 325 38.98 -1.55 -15.67
N LEU B 326 38.45 -2.56 -14.99
CA LEU B 326 38.88 -2.92 -13.64
C LEU B 326 39.37 -4.35 -13.62
N PRO B 327 40.67 -4.59 -13.86
CA PRO B 327 41.20 -5.95 -13.83
C PRO B 327 41.35 -6.54 -12.44
N GLU B 328 41.00 -5.80 -11.38
CA GLU B 328 41.09 -6.34 -10.04
C GLU B 328 40.04 -7.42 -9.78
N PHE B 329 39.03 -7.50 -10.64
CA PHE B 329 37.97 -8.49 -10.53
C PHE B 329 38.21 -9.63 -11.52
N GLN B 330 37.52 -10.74 -11.29
CA GLN B 330 37.65 -11.93 -12.11
C GLN B 330 36.43 -12.17 -12.98
N TRP B 331 35.24 -12.22 -12.37
CA TRP B 331 34.01 -12.42 -13.13
C TRP B 331 32.87 -11.74 -12.39
N ILE B 332 31.81 -11.44 -13.13
CA ILE B 332 30.58 -10.89 -12.59
C ILE B 332 29.41 -11.65 -13.19
N LYS B 333 28.45 -12.00 -12.36
CA LYS B 333 27.32 -12.78 -12.88
C LYS B 333 26.06 -12.52 -12.08
N LEU B 334 24.94 -12.85 -12.70
CA LEU B 334 23.62 -12.70 -12.06
C LEU B 334 23.12 -14.07 -11.62
N VAL B 335 22.79 -14.19 -10.34
CA VAL B 335 22.42 -15.46 -9.73
C VAL B 335 21.00 -15.35 -9.20
N TYR B 336 20.17 -16.32 -9.59
CA TYR B 336 18.79 -16.46 -9.12
C TYR B 336 18.77 -17.50 -8.01
N GLY B 337 18.60 -17.04 -6.77
CA GLY B 337 18.58 -17.93 -5.64
C GLY B 337 17.22 -18.54 -5.39
N ASP B 338 17.06 -19.08 -4.17
CA ASP B 338 15.82 -19.76 -3.82
C ASP B 338 14.69 -18.77 -3.57
N ASP B 339 15.01 -17.58 -3.08
CA ASP B 339 13.99 -16.58 -2.76
C ASP B 339 14.39 -15.18 -3.18
N ASP B 340 15.45 -15.01 -3.96
CA ASP B 340 15.92 -13.69 -4.37
C ASP B 340 16.89 -13.87 -5.54
N TYR B 341 17.45 -12.75 -5.98
CA TYR B 341 18.46 -12.76 -7.03
C TYR B 341 19.36 -11.55 -6.83
N LYS B 342 20.58 -11.65 -7.36
CA LYS B 342 21.55 -10.57 -7.17
C LYS B 342 22.70 -10.73 -8.16
N ILE B 343 23.63 -9.79 -8.11
CA ILE B 343 24.83 -9.81 -8.94
C ILE B 343 26.04 -10.03 -8.06
N ILE B 344 26.92 -10.94 -8.47
CA ILE B 344 28.06 -11.38 -7.69
C ILE B 344 29.33 -10.99 -8.42
N LEU B 345 30.25 -10.37 -7.68
CA LEU B 345 31.59 -10.01 -8.13
C LEU B 345 32.60 -10.86 -7.38
N LYS B 346 33.66 -11.29 -8.07
CA LYS B 346 34.73 -12.06 -7.44
C LYS B 346 35.98 -11.21 -7.40
N LYS B 347 36.51 -10.99 -6.19
CA LYS B 347 37.74 -10.24 -5.99
C LYS B 347 38.62 -10.99 -5.01
N GLY B 348 39.78 -11.44 -5.50
CA GLY B 348 40.62 -12.28 -4.67
C GLY B 348 39.95 -13.62 -4.44
N GLU B 349 39.50 -13.82 -3.21
CA GLU B 349 38.77 -15.03 -2.83
C GLU B 349 37.47 -14.65 -2.13
N VAL B 350 36.95 -13.46 -2.42
CA VAL B 350 35.75 -12.95 -1.78
C VAL B 350 34.71 -12.63 -2.85
N GLU B 351 33.48 -13.05 -2.60
CA GLU B 351 32.34 -12.75 -3.46
C GLU B 351 31.54 -11.62 -2.83
N LEU B 352 31.37 -10.54 -3.56
CA LEU B 352 30.72 -9.34 -3.06
C LEU B 352 29.51 -8.97 -3.92
N ASP B 353 28.47 -8.47 -3.26
CA ASP B 353 27.27 -8.03 -3.96
C ASP B 353 27.53 -6.68 -4.63
N ILE B 354 26.67 -6.37 -5.62
CA ILE B 354 26.77 -5.07 -6.28
C ILE B 354 26.44 -3.92 -5.35
N GLN B 355 25.72 -4.18 -4.26
CA GLN B 355 25.35 -3.13 -3.32
C GLN B 355 26.39 -2.89 -2.24
N GLN B 356 27.43 -3.72 -2.16
CA GLN B 356 28.48 -3.54 -1.17
C GLN B 356 29.60 -2.62 -1.65
N LEU B 357 29.54 -2.16 -2.90
CA LEU B 357 30.54 -1.22 -3.40
C LEU B 357 30.30 0.17 -2.82
N SER B 358 31.38 0.92 -2.69
CA SER B 358 31.27 2.28 -2.17
C SER B 358 30.80 3.24 -3.28
N GLN B 359 30.51 4.47 -2.86
CA GLN B 359 30.04 5.49 -3.80
C GLN B 359 31.08 5.78 -4.88
N GLY B 360 32.35 5.54 -4.58
CA GLY B 360 33.40 5.81 -5.55
C GLY B 360 33.34 4.92 -6.78
N GLU B 361 33.10 3.62 -6.59
CA GLU B 361 33.10 2.69 -7.71
C GLU B 361 31.77 2.66 -8.47
N LYS B 362 30.68 3.17 -7.88
CA LYS B 362 29.42 3.19 -8.59
C LYS B 362 29.46 4.15 -9.78
N THR B 363 30.03 5.33 -9.59
CA THR B 363 30.01 6.32 -10.65
C THR B 363 30.94 5.92 -11.79
N ILE B 364 32.09 5.33 -11.48
CA ILE B 364 32.97 4.89 -12.56
C ILE B 364 32.33 3.70 -13.27
N PHE B 365 31.62 2.85 -12.53
CA PHE B 365 30.99 1.69 -13.14
C PHE B 365 29.95 2.14 -14.16
N THR B 366 29.12 3.11 -13.79
CA THR B 366 28.10 3.53 -14.75
C THR B 366 28.67 4.41 -15.85
N LEU B 367 29.79 5.08 -15.58
CA LEU B 367 30.41 5.92 -16.61
C LEU B 367 30.96 5.06 -17.73
N VAL B 368 31.72 4.02 -17.38
CA VAL B 368 32.27 3.16 -18.42
C VAL B 368 31.16 2.35 -19.06
N GLY B 369 30.16 1.91 -18.28
CA GLY B 369 29.11 1.11 -18.87
C GLY B 369 28.33 1.87 -19.93
N ASP B 370 27.97 3.12 -19.63
CA ASP B 370 27.27 3.93 -20.62
C ASP B 370 28.15 4.28 -21.80
N LEU B 371 29.43 4.56 -21.56
CA LEU B 371 30.31 4.89 -22.68
C LEU B 371 30.46 3.69 -23.62
N ALA B 372 30.57 2.49 -23.07
CA ALA B 372 30.70 1.31 -23.92
C ALA B 372 29.40 1.01 -24.63
N ARG B 373 28.26 1.19 -23.95
CA ARG B 373 26.99 0.89 -24.62
C ARG B 373 26.81 1.81 -25.82
N ARG B 374 27.10 3.10 -25.64
CA ARG B 374 26.95 4.05 -26.73
C ARG B 374 27.97 3.78 -27.83
N LEU B 375 29.14 3.24 -27.48
CA LEU B 375 30.12 3.01 -28.53
C LEU B 375 29.75 1.77 -29.34
N ILE B 376 29.22 0.75 -28.67
CA ILE B 376 28.83 -0.49 -29.36
C ILE B 376 27.67 -0.22 -30.31
N LEU B 377 26.67 0.53 -29.86
CA LEU B 377 25.50 0.76 -30.72
C LEU B 377 25.78 1.64 -31.92
N LEU B 378 26.93 2.31 -31.98
CA LEU B 378 27.24 3.22 -33.08
C LEU B 378 28.20 2.65 -34.12
N ASN B 379 28.91 1.56 -33.81
CA ASN B 379 29.87 0.96 -34.74
C ASN B 379 29.57 -0.53 -34.91
N PRO B 380 28.50 -0.87 -35.65
CA PRO B 380 28.13 -2.28 -35.84
C PRO B 380 28.93 -3.02 -36.89
N ASN B 381 30.01 -2.44 -37.42
CA ASN B 381 30.81 -3.09 -38.45
C ASN B 381 32.21 -3.44 -38.00
N LEU B 382 32.81 -2.64 -37.12
CA LEU B 382 34.17 -2.92 -36.66
C LEU B 382 34.20 -4.22 -35.87
N SER B 383 35.29 -4.97 -36.04
CA SER B 383 35.48 -6.18 -35.24
C SER B 383 35.57 -5.83 -33.76
N ASN B 384 36.31 -4.78 -33.43
CA ASN B 384 36.37 -4.23 -32.08
C ASN B 384 35.75 -2.84 -32.11
N PRO B 385 34.50 -2.67 -31.66
CA PRO B 385 33.87 -1.35 -31.73
C PRO B 385 34.47 -0.32 -30.77
N LEU B 386 35.50 -0.68 -30.02
CA LEU B 386 36.13 0.24 -29.09
C LEU B 386 37.15 1.16 -29.75
N LEU B 387 37.21 1.18 -31.08
CA LEU B 387 38.13 2.03 -31.82
C LEU B 387 37.37 3.00 -32.71
N GLY B 388 36.28 3.56 -32.20
CA GLY B 388 35.51 4.54 -32.93
C GLY B 388 36.11 5.92 -32.84
N TYR B 389 35.35 6.90 -33.31
CA TYR B 389 35.78 8.30 -33.29
C TYR B 389 34.71 9.18 -32.68
N GLY B 390 35.14 10.21 -31.98
CA GLY B 390 34.22 11.13 -31.36
C GLY B 390 34.91 12.01 -30.33
N ILE B 391 34.08 12.70 -29.55
CA ILE B 391 34.55 13.61 -28.50
C ILE B 391 33.67 13.43 -27.28
N VAL B 392 34.31 13.37 -26.10
CA VAL B 392 33.64 13.21 -24.83
C VAL B 392 34.09 14.34 -23.92
N LEU B 393 33.13 14.98 -23.24
CA LEU B 393 33.42 16.07 -22.31
C LEU B 393 33.02 15.66 -20.90
N ILE B 394 33.95 15.77 -19.96
CA ILE B 394 33.72 15.43 -18.56
C ILE B 394 34.07 16.63 -17.68
N ASP B 395 33.17 16.95 -16.75
CA ASP B 395 33.32 18.09 -15.86
C ASP B 395 33.47 17.58 -14.43
N GLU B 396 34.52 18.05 -13.75
CA GLU B 396 34.78 17.72 -12.34
C GLU B 396 34.89 16.20 -12.14
N ILE B 397 35.93 15.64 -12.77
CA ILE B 397 36.15 14.19 -12.73
C ILE B 397 36.47 13.65 -11.35
N ASP B 398 36.64 14.52 -10.36
CA ASP B 398 37.00 14.11 -9.00
C ASP B 398 35.81 13.88 -8.09
N LEU B 399 34.59 13.95 -8.60
CA LEU B 399 33.41 13.84 -7.73
C LEU B 399 33.33 12.45 -7.12
N HIS B 400 33.34 12.41 -5.78
CA HIS B 400 33.20 11.18 -5.00
C HIS B 400 34.21 10.13 -5.44
N LEU B 401 35.44 10.58 -5.71
CA LEU B 401 36.51 9.68 -6.14
C LEU B 401 37.58 9.63 -5.06
N HIS B 402 37.90 8.43 -4.58
CA HIS B 402 38.94 8.28 -3.59
C HIS B 402 40.30 8.61 -4.24
N PRO B 403 41.24 9.17 -3.48
CA PRO B 403 42.50 9.60 -4.11
C PRO B 403 43.26 8.48 -4.80
N GLN B 404 43.11 7.24 -4.34
CA GLN B 404 43.75 6.13 -5.04
C GLN B 404 43.19 6.00 -6.46
N TRP B 405 41.88 6.15 -6.62
CA TRP B 405 41.32 6.10 -7.96
C TRP B 405 41.81 7.28 -8.77
N GLN B 406 41.91 8.45 -8.11
CA GLN B 406 42.33 9.67 -8.78
C GLN B 406 43.74 9.55 -9.30
N GLN B 407 44.54 8.65 -8.73
CA GLN B 407 45.94 8.55 -9.14
C GLN B 407 46.08 7.91 -10.52
N THR B 408 45.18 7.00 -10.90
CA THR B 408 45.33 6.27 -12.15
C THR B 408 44.09 6.30 -13.04
N ILE B 409 43.09 7.13 -12.73
CA ILE B 409 41.89 7.14 -13.55
C ILE B 409 42.22 7.64 -14.95
N ILE B 410 43.04 8.68 -15.05
CA ILE B 410 43.29 9.27 -16.35
C ILE B 410 44.13 8.31 -17.18
N GLU B 411 45.00 7.53 -16.54
CA GLU B 411 45.80 6.57 -17.27
C GLU B 411 44.93 5.46 -17.84
N ARG B 412 43.98 4.97 -17.04
CA ARG B 412 43.10 3.92 -17.54
C ARG B 412 42.21 4.42 -18.66
N LEU B 413 41.71 5.66 -18.52
CA LEU B 413 40.70 6.17 -19.44
C LEU B 413 41.25 6.31 -20.85
N THR B 414 42.49 6.80 -20.98
CA THR B 414 43.03 7.04 -22.31
C THR B 414 43.62 5.77 -22.92
N SER B 415 43.67 4.69 -22.14
CA SER B 415 44.19 3.42 -22.60
C SER B 415 43.08 2.52 -23.12
N THR B 416 41.93 2.50 -22.44
CA THR B 416 40.83 1.68 -22.93
C THR B 416 40.27 2.19 -24.26
N PHE B 417 40.14 3.51 -24.39
CA PHE B 417 39.65 4.13 -25.62
C PHE B 417 40.75 4.97 -26.26
N PRO B 418 41.48 4.46 -27.26
CA PRO B 418 42.61 5.20 -27.82
C PRO B 418 42.31 6.05 -29.05
N ASN B 419 41.05 6.11 -29.53
CA ASN B 419 40.74 6.85 -30.75
C ASN B 419 39.63 7.87 -30.53
N VAL B 420 39.52 8.43 -29.32
CA VAL B 420 38.49 9.39 -29.00
C VAL B 420 39.15 10.62 -28.37
N GLN B 421 38.50 11.78 -28.52
CA GLN B 421 38.97 12.96 -27.79
C GLN B 421 38.31 13.03 -26.42
N PHE B 422 39.07 13.53 -25.45
CA PHE B 422 38.57 13.78 -24.11
C PHE B 422 38.87 15.22 -23.74
N VAL B 423 37.83 15.97 -23.37
CA VAL B 423 37.95 17.31 -22.84
C VAL B 423 37.44 17.24 -21.41
N ILE B 424 38.33 17.40 -20.44
CA ILE B 424 38.02 17.15 -19.04
C ILE B 424 38.48 18.34 -18.21
N THR B 425 37.65 18.72 -17.24
CA THR B 425 38.01 19.80 -16.33
C THR B 425 38.49 19.22 -15.00
N THR B 426 39.63 19.71 -14.53
CA THR B 426 40.28 19.21 -13.33
C THR B 426 40.24 20.27 -12.22
N HIS B 427 39.94 19.82 -11.00
CA HIS B 427 39.79 20.72 -9.86
C HIS B 427 40.91 20.57 -8.83
N SER B 428 41.30 19.32 -8.48
CA SER B 428 42.29 18.93 -7.49
C SER B 428 43.67 18.78 -8.10
N PRO B 429 44.72 18.98 -7.30
CA PRO B 429 46.09 18.77 -7.80
C PRO B 429 46.53 17.32 -7.83
N GLN B 430 45.76 16.40 -7.25
CA GLN B 430 46.16 15.00 -7.24
C GLN B 430 46.22 14.44 -8.65
N VAL B 431 45.21 14.74 -9.47
CA VAL B 431 45.18 14.24 -10.84
C VAL B 431 46.24 14.93 -11.69
N LEU B 432 46.43 16.24 -11.49
CA LEU B 432 47.28 17.03 -12.37
C LEU B 432 48.71 16.51 -12.42
N SER B 433 49.18 15.89 -11.34
CA SER B 433 50.57 15.44 -11.29
C SER B 433 50.88 14.44 -12.39
N THR B 434 49.98 13.47 -12.61
CA THR B 434 50.25 12.43 -13.60
C THR B 434 50.26 12.99 -15.02
N VAL B 435 49.37 13.95 -15.30
CA VAL B 435 49.22 14.44 -16.67
C VAL B 435 50.53 15.03 -17.19
N SER B 436 50.77 14.84 -18.48
CA SER B 436 51.96 15.38 -19.12
C SER B 436 51.81 16.87 -19.37
N SER B 437 52.94 17.57 -19.39
CA SER B 437 52.94 19.03 -19.50
C SER B 437 52.42 19.50 -20.85
N ARG B 438 52.44 18.64 -21.87
CA ARG B 438 52.05 19.05 -23.21
C ARG B 438 50.60 19.52 -23.27
N SER B 439 49.72 18.89 -22.49
CA SER B 439 48.28 19.11 -22.61
C SER B 439 47.68 19.76 -21.38
N VAL B 440 48.42 20.64 -20.71
CA VAL B 440 47.92 21.33 -19.52
C VAL B 440 47.62 22.78 -19.87
N ARG B 441 46.58 23.32 -19.26
CA ARG B 441 46.20 24.72 -19.41
C ARG B 441 45.82 25.28 -18.04
N ILE B 442 46.30 26.48 -17.75
CA ILE B 442 46.09 27.12 -16.45
C ILE B 442 45.41 28.46 -16.68
N LEU B 443 44.41 28.75 -15.86
CA LEU B 443 43.67 30.01 -15.94
C LEU B 443 44.11 30.92 -14.80
N GLN B 444 44.62 32.10 -15.15
CA GLN B 444 45.17 33.06 -14.19
C GLN B 444 44.71 34.47 -14.55
N GLU B 445 43.41 34.61 -14.83
CA GLU B 445 42.84 35.79 -15.48
C GLU B 445 43.34 37.10 -14.88
N VAL B 446 44.04 37.88 -15.70
CA VAL B 446 44.57 39.17 -15.31
C VAL B 446 43.55 40.25 -15.63
N GLU B 447 43.75 41.45 -15.10
CA GLU B 447 42.89 42.60 -15.38
C GLU B 447 43.68 43.55 -16.30
N VAL B 448 43.57 43.33 -17.59
CA VAL B 448 44.26 44.15 -18.59
C VAL B 448 43.54 45.50 -18.69
N ASP B 449 44.29 46.58 -18.49
CA ASP B 449 43.75 47.94 -18.53
C ASP B 449 42.57 48.10 -17.59
N GLY B 450 42.68 47.50 -16.41
CA GLY B 450 41.61 47.55 -15.43
C GLY B 450 40.34 46.87 -15.91
N VAL B 451 40.47 45.74 -16.58
CA VAL B 451 39.32 44.99 -17.08
C VAL B 451 39.62 43.50 -17.00
N ASN B 452 38.85 42.76 -16.21
CA ASN B 452 39.08 41.34 -16.05
C ASN B 452 38.94 40.61 -17.37
N ASP B 453 39.93 39.77 -17.68
CA ASP B 453 39.93 38.99 -18.92
C ASP B 453 40.65 37.68 -18.67
N LEU B 454 40.02 36.57 -19.02
CA LEU B 454 40.63 35.27 -18.85
C LEU B 454 41.87 35.12 -19.73
N ILE B 455 42.93 34.55 -19.17
CA ILE B 455 44.17 34.32 -19.89
C ILE B 455 44.59 32.87 -19.64
N VAL B 456 44.96 32.17 -20.72
CA VAL B 456 45.39 30.77 -20.64
C VAL B 456 46.90 30.72 -20.78
N SER B 457 47.55 29.93 -19.92
CA SER B 457 48.99 29.77 -19.95
C SER B 457 49.34 28.32 -20.26
N HIS B 458 50.55 28.13 -20.79
CA HIS B 458 51.02 26.80 -21.15
C HIS B 458 52.21 26.40 -20.28
N MET C 1 2.50 -20.67 27.79
CA MET C 1 3.56 -19.77 27.38
C MET C 1 4.53 -19.49 28.52
N TRP C 2 4.75 -20.49 29.36
CA TRP C 2 5.63 -20.35 30.51
C TRP C 2 6.18 -21.72 30.89
N SER C 3 7.05 -21.73 31.90
CA SER C 3 7.68 -22.94 32.39
C SER C 3 7.14 -23.30 33.77
N HIS C 4 6.97 -24.59 34.01
CA HIS C 4 6.39 -25.13 35.22
C HIS C 4 7.26 -26.23 35.78
N PRO C 5 7.04 -26.62 37.06
CA PRO C 5 7.79 -27.75 37.61
C PRO C 5 7.31 -29.10 37.11
N GLN C 6 6.56 -29.10 36.00
CA GLN C 6 6.11 -30.32 35.33
C GLN C 6 5.20 -31.14 36.25
N PHE C 7 4.04 -30.57 36.53
CA PHE C 7 2.96 -31.31 37.16
C PHE C 7 2.72 -32.62 36.40
N GLU C 8 2.46 -33.70 37.14
CA GLU C 8 2.45 -35.03 36.56
C GLU C 8 1.05 -35.58 36.34
N LYS C 9 0.22 -35.62 37.39
CA LYS C 9 -1.12 -36.19 37.31
C LYS C 9 -1.08 -37.59 36.73
N ILE C 10 -2.10 -37.95 35.95
CA ILE C 10 -2.10 -39.21 35.21
C ILE C 10 -1.24 -39.04 33.97
N ASN C 11 -0.89 -40.16 33.34
CA ASN C 11 -0.06 -40.14 32.14
C ASN C 11 -0.92 -39.98 30.89
N LYS C 12 -0.45 -39.15 29.96
CA LYS C 12 -1.17 -38.89 28.72
C LYS C 12 -0.14 -38.57 27.64
N MET C 13 -0.63 -38.18 26.45
CA MET C 13 0.26 -37.81 25.35
C MET C 13 -0.24 -36.55 24.63
N ASN C 14 -0.87 -35.63 25.34
CA ASN C 14 -1.39 -34.43 24.72
C ASN C 14 -0.26 -33.56 24.17
N LEU C 15 -0.57 -32.81 23.12
CA LEU C 15 0.42 -31.90 22.53
C LEU C 15 0.88 -30.84 23.53
N GLU C 16 -0.02 -30.42 24.42
CA GLU C 16 0.33 -29.42 25.42
C GLU C 16 1.43 -29.92 26.34
N THR C 17 1.34 -31.19 26.76
CA THR C 17 2.35 -31.73 27.66
C THR C 17 3.72 -31.77 26.97
N CYS C 18 3.77 -32.17 25.69
CA CYS C 18 5.05 -32.18 25.00
C CYS C 18 5.59 -30.76 24.85
N TYR C 19 4.68 -29.79 24.69
CA TYR C 19 5.11 -28.40 24.58
C TYR C 19 5.73 -27.94 25.87
N VAL C 20 5.17 -28.36 27.01
CA VAL C 20 5.71 -27.85 28.27
C VAL C 20 6.93 -28.65 28.71
N ASP C 21 7.07 -29.90 28.24
CA ASP C 21 8.28 -30.65 28.54
C ASP C 21 9.48 -30.07 27.81
N PHE C 22 9.28 -29.62 26.56
CA PHE C 22 10.40 -28.99 25.87
C PHE C 22 10.78 -27.70 26.57
N LEU C 23 9.79 -26.94 27.04
CA LEU C 23 10.10 -25.69 27.72
C LEU C 23 10.86 -25.96 29.01
N GLU C 24 10.48 -27.01 29.73
CA GLU C 24 11.18 -27.35 30.96
C GLU C 24 12.63 -27.72 30.66
N LEU C 25 12.85 -28.51 29.60
CA LEU C 25 14.22 -28.86 29.24
C LEU C 25 15.02 -27.65 28.76
N GLU C 26 14.34 -26.60 28.30
CA GLU C 26 15.05 -25.42 27.80
C GLU C 26 15.84 -24.73 28.89
N SER C 27 15.28 -24.62 30.09
CA SER C 27 15.89 -23.85 31.16
C SER C 27 17.20 -24.44 31.69
N HIS C 28 17.50 -25.71 31.39
CA HIS C 28 18.73 -26.32 31.88
C HIS C 28 19.84 -26.32 30.83
N VAL C 29 19.58 -26.88 29.65
CA VAL C 29 20.59 -26.97 28.62
C VAL C 29 20.72 -25.64 27.91
N ILE C 30 21.95 -25.23 27.63
CA ILE C 30 22.25 -23.98 26.96
C ILE C 30 22.79 -24.20 25.56
N ASN C 31 23.57 -25.25 25.36
CA ASN C 31 24.14 -25.53 24.05
C ASN C 31 23.05 -25.94 23.07
N GLU C 32 23.07 -25.34 21.88
CA GLU C 32 22.04 -25.63 20.89
C GLU C 32 22.25 -26.96 20.18
N ASP C 33 23.47 -27.52 20.23
CA ASP C 33 23.70 -28.79 19.58
C ASP C 33 22.87 -29.90 20.22
N TYR C 34 22.80 -29.91 21.56
CA TYR C 34 21.98 -30.91 22.24
C TYR C 34 20.50 -30.65 21.95
N LEU C 35 20.11 -29.38 21.91
CA LEU C 35 18.71 -29.03 21.71
C LEU C 35 18.21 -29.51 20.36
N LYS C 36 19.03 -29.32 19.31
CA LYS C 36 18.61 -29.68 17.96
C LYS C 36 18.48 -31.18 17.76
N GLU C 37 18.97 -32.00 18.67
CA GLU C 37 18.89 -33.45 18.55
C GLU C 37 18.12 -34.10 19.71
N SER C 38 17.54 -33.31 20.60
CA SER C 38 16.81 -33.87 21.73
C SER C 38 15.55 -34.59 21.25
N VAL C 39 15.20 -35.68 21.94
CA VAL C 39 14.03 -36.45 21.58
C VAL C 39 12.72 -35.69 21.86
N GLU C 40 12.75 -34.68 22.74
CA GLU C 40 11.54 -33.93 22.99
C GLU C 40 11.15 -33.09 21.78
N LEU C 41 12.14 -32.55 21.07
CA LEU C 41 11.81 -31.78 19.89
C LEU C 41 11.26 -32.69 18.81
N GLN C 42 11.79 -33.91 18.72
CA GLN C 42 11.28 -34.83 17.72
C GLN C 42 9.83 -35.20 18.05
N LYS C 43 9.52 -35.38 19.33
CA LYS C 43 8.15 -35.70 19.72
C LYS C 43 7.22 -34.56 19.37
N LEU C 44 7.65 -33.32 19.65
CA LEU C 44 6.79 -32.17 19.38
C LEU C 44 6.55 -32.02 17.89
N ILE C 45 7.59 -32.21 17.08
CA ILE C 45 7.42 -32.03 15.64
C ILE C 45 6.52 -33.12 15.09
N SER C 46 6.72 -34.36 15.53
CA SER C 46 5.93 -35.46 15.00
C SER C 46 4.47 -35.25 15.35
N THR C 47 4.19 -34.82 16.59
CA THR C 47 2.80 -34.62 16.98
C THR C 47 2.18 -33.48 16.17
N LEU C 48 2.94 -32.42 15.93
CA LEU C 48 2.38 -31.27 15.21
C LEU C 48 2.11 -31.58 13.76
N ASN C 49 2.88 -32.48 13.15
CA ASN C 49 2.75 -32.73 11.73
C ASN C 49 1.47 -33.48 11.38
N GLU C 50 1.10 -34.48 12.18
CA GLU C 50 -0.05 -35.32 11.88
C GLU C 50 -1.39 -34.66 12.22
N SER C 51 -1.40 -33.57 12.98
CA SER C 51 -2.65 -32.89 13.28
C SER C 51 -3.18 -32.15 12.05
N LYS C 52 -4.50 -32.14 11.91
CA LYS C 52 -5.19 -31.51 10.78
C LYS C 52 -6.02 -30.34 11.28
N PHE C 53 -5.84 -29.19 10.66
CA PHE C 53 -6.58 -27.99 11.02
C PHE C 53 -8.07 -28.17 10.72
N HIS C 54 -8.92 -27.78 11.68
CA HIS C 54 -10.35 -28.00 11.55
C HIS C 54 -11.08 -27.09 12.52
N LEU C 55 -11.99 -26.26 12.02
CA LEU C 55 -12.86 -25.46 12.85
C LEU C 55 -14.08 -26.28 13.24
N ASN C 56 -14.37 -26.37 14.54
CA ASN C 56 -15.38 -27.31 15.00
C ASN C 56 -16.80 -26.74 14.96
N LYS C 57 -17.04 -25.64 15.65
CA LYS C 57 -18.39 -25.11 15.79
C LYS C 57 -18.32 -23.60 15.97
N ILE C 58 -19.46 -22.94 15.77
CA ILE C 58 -19.51 -21.49 15.90
C ILE C 58 -20.89 -21.09 16.42
N GLY C 59 -20.92 -20.03 17.22
CA GLY C 59 -22.17 -19.54 17.75
C GLY C 59 -22.27 -18.03 17.69
N ILE C 60 -23.41 -17.52 17.20
CA ILE C 60 -23.62 -16.09 16.99
C ILE C 60 -24.78 -15.64 17.86
N HIS C 61 -24.55 -14.56 18.63
CA HIS C 61 -25.57 -14.01 19.52
C HIS C 61 -25.73 -12.53 19.25
N ASP C 62 -26.92 -12.14 18.78
CA ASP C 62 -27.32 -10.73 18.70
C ASP C 62 -26.41 -9.91 17.78
N PHE C 63 -25.95 -10.53 16.69
CA PHE C 63 -25.06 -9.87 15.74
C PHE C 63 -25.80 -9.66 14.43
N LYS C 64 -25.88 -8.40 13.97
CA LYS C 64 -26.57 -8.02 12.74
C LYS C 64 -28.02 -8.50 12.87
N ARG C 65 -28.59 -9.17 11.86
CA ARG C 65 -29.97 -9.62 11.94
C ARG C 65 -30.10 -10.84 12.85
N ILE C 66 -29.08 -11.68 12.92
CA ILE C 66 -29.15 -12.91 13.68
C ILE C 66 -29.24 -12.58 15.17
N ARG C 67 -30.15 -13.24 15.86
CA ARG C 67 -30.35 -13.06 17.30
C ARG C 67 -29.59 -14.09 18.13
N GLU C 68 -29.75 -15.38 17.83
CA GLU C 68 -29.01 -16.41 18.53
C GLU C 68 -29.08 -17.74 17.78
N LEU C 69 -27.93 -18.32 17.46
CA LEU C 69 -27.91 -19.64 16.86
C LEU C 69 -26.51 -20.24 16.95
N GLN C 70 -26.45 -21.56 16.79
CA GLN C 70 -25.21 -22.31 16.78
C GLN C 70 -25.15 -23.19 15.55
N ILE C 71 -23.97 -23.25 14.93
CA ILE C 71 -23.75 -23.97 13.69
C ILE C 71 -22.59 -24.95 13.90
N SER C 72 -22.72 -26.13 13.30
CA SER C 72 -21.67 -27.13 13.27
C SER C 72 -21.23 -27.33 11.83
N LEU C 73 -19.93 -27.19 11.59
CA LEU C 73 -19.38 -27.23 10.24
C LEU C 73 -18.69 -28.57 9.99
N GLU C 74 -18.86 -29.09 8.78
CA GLU C 74 -18.18 -30.31 8.39
C GLU C 74 -16.70 -30.04 8.16
N ASP C 75 -15.91 -31.11 8.15
CA ASP C 75 -14.46 -30.99 8.06
C ASP C 75 -13.94 -30.89 6.63
N ASP C 76 -14.79 -31.05 5.62
CA ASP C 76 -14.30 -31.00 4.25
C ASP C 76 -15.10 -30.05 3.37
N LEU C 77 -16.40 -29.90 3.65
CA LEU C 77 -17.25 -29.08 2.79
C LEU C 77 -18.58 -28.84 3.48
N THR C 78 -19.07 -27.60 3.37
CA THR C 78 -20.38 -27.23 3.87
C THR C 78 -20.93 -26.09 3.04
N VAL C 79 -22.22 -26.14 2.72
CA VAL C 79 -22.86 -25.20 1.82
C VAL C 79 -24.08 -24.61 2.51
N PHE C 80 -24.20 -23.28 2.47
CA PHE C 80 -25.35 -22.57 3.01
C PHE C 80 -26.24 -22.09 1.87
N VAL C 81 -27.54 -22.36 1.97
CA VAL C 81 -28.51 -22.04 0.94
C VAL C 81 -29.58 -21.16 1.54
N GLY C 82 -29.93 -20.09 0.84
CA GLY C 82 -30.96 -19.19 1.33
C GLY C 82 -31.30 -18.14 0.29
N ASP C 83 -32.19 -17.24 0.68
CA ASP C 83 -32.65 -16.15 -0.17
C ASP C 83 -31.92 -14.86 0.23
N ASN C 84 -32.34 -13.75 -0.37
CA ASN C 84 -31.75 -12.45 -0.08
C ASN C 84 -32.24 -11.92 1.26
N GLY C 85 -31.32 -11.36 2.05
CA GLY C 85 -31.68 -10.85 3.36
C GLY C 85 -31.79 -11.89 4.45
N PHE C 86 -31.15 -13.05 4.29
CA PHE C 86 -31.20 -14.11 5.28
C PHE C 86 -29.87 -14.31 6.01
N GLY C 87 -28.99 -13.31 5.99
CA GLY C 87 -27.76 -13.38 6.74
C GLY C 87 -26.74 -14.42 6.27
N LYS C 88 -26.59 -14.57 4.95
CA LYS C 88 -25.57 -15.47 4.42
C LYS C 88 -24.17 -14.91 4.59
N SER C 89 -23.97 -13.62 4.30
CA SER C 89 -22.67 -13.00 4.45
C SER C 89 -22.30 -12.73 5.91
N THR C 90 -23.28 -12.68 6.81
CA THR C 90 -22.99 -12.45 8.21
C THR C 90 -22.13 -13.55 8.80
N ILE C 91 -22.43 -14.81 8.46
CA ILE C 91 -21.67 -15.92 9.01
C ILE C 91 -20.22 -15.86 8.54
N LEU C 92 -20.01 -15.56 7.25
CA LEU C 92 -18.66 -15.50 6.73
C LEU C 92 -17.89 -14.34 7.36
N ASP C 93 -18.57 -13.23 7.61
CA ASP C 93 -17.89 -12.11 8.26
C ASP C 93 -17.49 -12.48 9.67
N ALA C 94 -18.35 -13.20 10.39
CA ALA C 94 -18.01 -13.58 11.77
C ALA C 94 -16.82 -14.51 11.78
N ILE C 95 -16.75 -15.45 10.82
CA ILE C 95 -15.63 -16.37 10.80
C ILE C 95 -14.35 -15.63 10.50
N ALA C 96 -14.39 -14.65 9.58
CA ALA C 96 -13.16 -13.94 9.27
C ALA C 96 -12.73 -13.08 10.45
N ILE C 97 -13.70 -12.62 11.24
CA ILE C 97 -13.39 -11.78 12.38
C ILE C 97 -12.63 -12.60 13.41
N VAL C 98 -13.13 -13.80 13.72
CA VAL C 98 -12.44 -14.59 14.73
C VAL C 98 -11.13 -15.16 14.19
N LEU C 99 -10.99 -15.29 12.87
CA LEU C 99 -9.74 -15.80 12.31
C LEU C 99 -8.66 -14.74 12.21
N SER C 100 -9.01 -13.46 12.31
CA SER C 100 -7.99 -12.44 12.19
C SER C 100 -7.11 -12.34 13.42
N TRP C 101 -7.64 -12.66 14.61
CA TRP C 101 -6.78 -12.56 15.80
C TRP C 101 -5.70 -13.64 15.78
N LEU C 102 -6.05 -14.83 15.30
CA LEU C 102 -5.04 -15.87 15.12
C LEU C 102 -4.05 -15.47 14.05
N ARG C 103 -4.53 -14.78 12.99
CA ARG C 103 -3.59 -14.34 11.96
C ARG C 103 -2.60 -13.34 12.56
N SER C 104 -3.10 -12.40 13.36
CA SER C 104 -2.28 -11.33 13.91
C SER C 104 -1.24 -11.85 14.89
N ASN C 105 -1.61 -12.80 15.74
CA ASN C 105 -0.70 -13.23 16.80
C ASN C 105 0.49 -14.04 16.30
N ILE C 106 0.41 -14.62 15.10
CA ILE C 106 1.54 -15.40 14.58
C ILE C 106 2.73 -14.52 14.23
N GLU C 107 2.48 -13.37 13.59
CA GLU C 107 3.58 -12.47 13.24
C GLU C 107 4.27 -11.91 14.47
N LYS C 108 3.50 -11.48 15.47
CA LYS C 108 4.07 -10.91 16.67
C LYS C 108 3.04 -11.00 17.78
N GLU C 109 3.50 -11.38 18.97
CA GLU C 109 2.57 -11.59 20.08
C GLU C 109 2.01 -10.27 20.56
N SER C 110 0.87 -10.37 21.26
CA SER C 110 0.16 -9.22 21.82
C SER C 110 -0.04 -8.13 20.76
N LYS C 111 -0.50 -8.56 19.59
CA LYS C 111 -0.85 -7.63 18.52
C LYS C 111 -2.35 -7.66 18.28
N PRO C 112 -3.01 -6.52 18.22
CA PRO C 112 -4.47 -6.51 18.08
C PRO C 112 -4.91 -7.02 16.72
N GLY C 113 -6.22 -7.24 16.60
CA GLY C 113 -6.80 -7.73 15.37
C GLY C 113 -7.93 -6.86 14.87
N THR C 114 -9.10 -7.47 14.64
CA THR C 114 -10.27 -6.77 14.12
C THR C 114 -11.36 -6.73 15.18
N TYR C 115 -12.01 -5.57 15.31
CA TYR C 115 -13.06 -5.39 16.29
C TYR C 115 -14.43 -5.40 15.61
N ILE C 116 -15.47 -5.17 16.41
CA ILE C 116 -16.83 -5.08 15.91
C ILE C 116 -17.16 -3.62 15.64
N LYS C 117 -17.74 -3.34 14.48
CA LYS C 117 -18.16 -1.97 14.17
C LYS C 117 -19.42 -1.61 14.95
N SER C 118 -19.57 -0.31 15.21
CA SER C 118 -20.66 0.15 16.05
C SER C 118 -22.02 0.02 15.37
N HIS C 119 -22.06 -0.15 14.06
CA HIS C 119 -23.32 -0.30 13.33
C HIS C 119 -23.68 -1.75 13.10
N GLU C 120 -22.89 -2.70 13.61
CA GLU C 120 -23.18 -4.11 13.43
C GLU C 120 -24.05 -4.68 14.54
N VAL C 121 -24.19 -3.99 15.66
CA VAL C 121 -25.06 -4.48 16.73
C VAL C 121 -26.51 -4.39 16.29
N ASN C 122 -27.35 -5.24 16.87
CA ASN C 122 -28.75 -5.26 16.50
C ASN C 122 -29.43 -3.96 16.90
N ASN C 123 -30.47 -3.59 16.15
CA ASN C 123 -31.17 -2.33 16.35
C ASN C 123 -32.33 -2.44 17.32
N SER C 124 -32.52 -3.60 17.94
CA SER C 124 -33.61 -3.78 18.89
C SER C 124 -33.36 -3.00 20.16
N VAL C 125 -34.44 -2.68 20.86
CA VAL C 125 -34.36 -1.84 22.06
C VAL C 125 -33.72 -2.62 23.21
N ASP C 126 -34.05 -3.90 23.34
CA ASP C 126 -33.66 -4.67 24.52
C ASP C 126 -32.22 -5.19 24.48
N VAL C 127 -31.51 -5.00 23.37
CA VAL C 127 -30.15 -5.53 23.29
C VAL C 127 -29.19 -4.63 24.05
N GLU C 128 -28.06 -5.22 24.45
CA GLU C 128 -27.05 -4.48 25.21
C GLU C 128 -25.65 -4.68 24.65
N TYR C 129 -25.41 -5.81 23.98
CA TYR C 129 -24.09 -6.10 23.42
C TYR C 129 -24.22 -7.22 22.40
N ALA C 130 -23.11 -7.48 21.70
CA ALA C 130 -23.05 -8.57 20.74
C ALA C 130 -21.80 -9.41 21.00
N SER C 131 -21.89 -10.69 20.69
CA SER C 131 -20.79 -11.63 20.95
C SER C 131 -20.69 -12.67 19.86
N ILE C 132 -19.49 -13.23 19.72
CA ILE C 132 -19.17 -14.30 18.79
C ILE C 132 -18.27 -15.29 19.53
N ASP C 133 -18.53 -16.58 19.36
CA ASP C 133 -17.76 -17.63 19.99
C ASP C 133 -17.29 -18.63 18.94
N ALA C 134 -16.20 -19.34 19.24
CA ALA C 134 -15.68 -20.28 18.26
C ALA C 134 -14.89 -21.38 18.98
N ASN C 135 -14.45 -22.37 18.20
CA ASN C 135 -13.70 -23.49 18.74
C ASN C 135 -12.88 -24.15 17.64
N ILE C 136 -11.62 -24.44 17.96
CA ILE C 136 -10.69 -25.07 17.02
C ILE C 136 -10.16 -26.36 17.64
N LYS C 137 -10.27 -27.46 16.89
CA LYS C 137 -9.87 -28.78 17.45
C LYS C 137 -8.78 -29.41 16.58
N LEU C 138 -7.51 -29.30 17.01
CA LEU C 138 -6.43 -30.00 16.27
C LEU C 138 -6.22 -31.34 16.98
N LYS C 139 -6.67 -32.44 16.35
CA LYS C 139 -6.60 -33.77 17.02
C LYS C 139 -7.32 -33.66 18.38
N ASP C 140 -6.70 -34.13 19.46
CA ASP C 140 -7.29 -34.04 20.82
C ASP C 140 -7.38 -32.60 21.30
N PHE C 141 -6.40 -31.75 20.99
CA PHE C 141 -6.35 -30.36 21.52
C PHE C 141 -7.58 -29.52 21.14
N ASN C 142 -8.16 -28.79 22.09
CA ASN C 142 -9.30 -27.92 21.84
C ASN C 142 -9.01 -26.51 22.36
N THR C 143 -9.33 -25.51 21.55
CA THR C 143 -9.19 -24.11 21.93
C THR C 143 -10.51 -23.40 21.68
N SER C 144 -10.70 -22.28 22.37
CA SER C 144 -11.90 -21.49 22.27
C SER C 144 -11.55 -20.01 22.26
N ILE C 145 -12.45 -19.20 21.73
CA ILE C 145 -12.23 -17.76 21.62
C ILE C 145 -13.58 -17.07 21.58
N LEU C 146 -13.66 -15.92 22.25
CA LEU C 146 -14.87 -15.11 22.34
C LEU C 146 -14.52 -13.66 22.05
N ILE C 147 -15.30 -13.02 21.18
CA ILE C 147 -15.16 -11.61 20.82
C ILE C 147 -16.47 -10.92 21.10
N THR C 148 -16.44 -9.78 21.77
CA THR C 148 -17.68 -9.12 22.14
C THR C 148 -17.52 -7.61 22.12
N LYS C 149 -18.64 -6.92 21.90
CA LYS C 149 -18.67 -5.47 21.94
C LYS C 149 -19.97 -4.98 22.55
N ALA C 150 -19.87 -4.01 23.46
CA ALA C 150 -21.03 -3.43 24.12
C ALA C 150 -21.64 -2.33 23.27
N LYS C 151 -22.96 -2.17 23.40
CA LYS C 151 -23.66 -1.14 22.66
C LYS C 151 -23.23 0.25 23.13
N GLU C 152 -23.05 1.16 22.18
CA GLU C 152 -22.65 2.52 22.52
C GLU C 152 -23.70 3.20 23.39
N GLY C 153 -23.24 3.88 24.44
CA GLY C 153 -24.11 4.55 25.38
C GLY C 153 -24.31 3.81 26.69
N ALA C 154 -23.94 2.53 26.76
CA ALA C 154 -24.09 1.76 27.98
C ALA C 154 -22.95 2.08 28.95
N TYR C 155 -23.17 1.72 30.22
CA TYR C 155 -22.20 1.97 31.28
C TYR C 155 -21.68 0.69 31.91
N TYR C 156 -21.80 -0.44 31.23
CA TYR C 156 -21.32 -1.72 31.73
C TYR C 156 -20.32 -2.30 30.74
N SER C 157 -19.23 -2.84 31.27
CA SER C 157 -18.07 -3.22 30.47
C SER C 157 -18.06 -4.71 30.19
N ARG C 158 -17.51 -5.07 29.02
CA ARG C 158 -17.28 -6.46 28.64
C ARG C 158 -15.97 -6.53 27.90
N ASN C 159 -15.17 -7.57 28.17
CA ASN C 159 -13.87 -7.73 27.56
C ASN C 159 -13.78 -9.06 26.82
N ASN C 160 -12.63 -9.30 26.19
CA ASN C 160 -12.40 -10.45 25.33
C ASN C 160 -11.64 -11.56 26.06
N GLU C 161 -11.72 -12.76 25.50
CA GLU C 161 -10.96 -13.92 25.95
C GLU C 161 -9.92 -14.27 24.90
N LEU C 162 -8.63 -14.25 25.29
CA LEU C 162 -7.56 -14.44 24.32
C LEU C 162 -6.45 -15.37 24.77
N LEU C 163 -6.64 -16.14 25.85
CA LEU C 163 -5.57 -17.02 26.33
C LEU C 163 -5.33 -18.21 25.38
N GLY C 164 -6.40 -18.80 24.85
CA GLY C 164 -6.22 -19.98 24.01
C GLY C 164 -5.51 -19.68 22.71
N VAL C 165 -5.85 -18.58 22.05
CA VAL C 165 -5.25 -18.35 20.75
C VAL C 165 -3.80 -17.90 20.91
N LYS C 166 -3.46 -17.31 22.06
CA LYS C 166 -2.08 -16.91 22.26
C LYS C 166 -1.24 -18.14 22.57
N LYS C 167 -1.84 -19.09 23.29
CA LYS C 167 -1.10 -20.31 23.60
C LYS C 167 -0.86 -21.09 22.32
N LEU C 168 -1.87 -21.17 21.45
CA LEU C 168 -1.70 -21.92 20.21
C LEU C 168 -0.66 -21.25 19.32
N ALA C 169 -0.68 -19.92 19.23
CA ALA C 169 0.27 -19.23 18.36
C ALA C 169 1.71 -19.38 18.86
N SER C 170 1.88 -19.54 20.18
CA SER C 170 3.24 -19.69 20.69
C SER C 170 3.86 -21.00 20.23
N ILE C 171 3.06 -22.06 20.08
CA ILE C 171 3.60 -23.33 19.63
C ILE C 171 4.14 -23.20 18.21
N TYR C 172 3.39 -22.52 17.35
CA TYR C 172 3.84 -22.35 15.97
C TYR C 172 5.13 -21.55 15.92
N ARG C 173 5.22 -20.48 16.72
CA ARG C 173 6.44 -19.68 16.68
C ARG C 173 7.63 -20.49 17.21
N LEU C 174 7.41 -21.27 18.26
CA LEU C 174 8.52 -22.05 18.82
C LEU C 174 8.99 -23.09 17.82
N VAL C 175 8.05 -23.75 17.13
CA VAL C 175 8.45 -24.77 16.15
C VAL C 175 9.23 -24.11 15.02
N ASN C 176 8.74 -22.96 14.53
CA ASN C 176 9.43 -22.26 13.45
C ASN C 176 10.82 -21.82 13.87
N LYS C 177 11.05 -21.63 15.17
CA LYS C 177 12.37 -21.17 15.62
C LYS C 177 13.45 -22.24 15.47
N TYR C 178 13.08 -23.52 15.51
CA TYR C 178 14.06 -24.62 15.45
C TYR C 178 13.94 -25.47 14.21
N VAL C 179 13.09 -25.11 13.24
CA VAL C 179 12.94 -25.87 12.01
C VAL C 179 13.21 -24.93 10.84
N ASP C 180 14.02 -25.40 9.89
CA ASP C 180 14.46 -24.56 8.78
C ASP C 180 13.29 -24.16 7.87
N ASN C 181 12.40 -25.10 7.56
CA ASN C 181 11.36 -24.89 6.57
C ASN C 181 10.01 -25.35 7.10
N ALA C 182 9.67 -24.93 8.31
CA ALA C 182 8.38 -25.27 8.90
C ALA C 182 7.25 -24.65 8.09
N SER C 183 6.13 -25.36 8.04
CA SER C 183 4.96 -24.91 7.29
C SER C 183 4.01 -24.14 8.20
N LEU C 184 3.02 -23.50 7.58
CA LEU C 184 2.04 -22.70 8.29
C LEU C 184 0.66 -22.94 7.70
N PRO C 185 -0.40 -22.75 8.47
CA PRO C 185 -1.75 -22.93 7.94
C PRO C 185 -2.12 -21.81 6.99
N LEU C 186 -3.16 -22.07 6.20
CA LEU C 186 -3.63 -21.14 5.18
C LEU C 186 -5.02 -20.63 5.54
N MET C 187 -5.20 -19.32 5.51
CA MET C 187 -6.50 -18.70 5.72
C MET C 187 -6.75 -17.67 4.63
N ALA C 188 -7.92 -17.74 4.01
CA ALA C 188 -8.23 -16.86 2.89
C ALA C 188 -9.72 -16.52 2.91
N TYR C 189 -10.06 -15.46 2.18
CA TYR C 189 -11.45 -15.00 2.10
C TYR C 189 -11.65 -14.29 0.77
N TYR C 190 -12.64 -14.75 0.01
CA TYR C 190 -12.96 -14.19 -1.32
C TYR C 190 -14.34 -13.58 -1.23
N SER C 191 -14.38 -12.27 -0.96
CA SER C 191 -15.64 -11.57 -0.77
C SER C 191 -16.29 -11.30 -2.13
N ILE C 192 -17.40 -10.55 -2.12
CA ILE C 192 -18.10 -10.22 -3.36
C ILE C 192 -17.40 -9.13 -4.15
N ALA C 193 -16.39 -8.48 -3.58
CA ALA C 193 -15.67 -7.40 -4.23
C ALA C 193 -14.48 -7.89 -5.04
N ARG C 194 -14.48 -9.14 -5.48
CA ARG C 194 -13.39 -9.67 -6.28
C ARG C 194 -13.60 -9.48 -7.77
N SER C 195 -14.76 -8.96 -8.18
CA SER C 195 -15.00 -8.70 -9.60
C SER C 195 -14.38 -7.39 -10.07
N TYR C 196 -14.09 -6.48 -9.14
CA TYR C 196 -13.42 -5.23 -9.50
C TYR C 196 -12.01 -5.50 -10.02
N ILE C 197 -11.37 -6.56 -9.54
CA ILE C 197 -9.98 -6.86 -9.88
C ILE C 197 -9.94 -7.71 -11.13
N GLY C 198 -11.07 -7.79 -11.84
CA GLY C 198 -11.14 -8.55 -13.07
C GLY C 198 -10.46 -7.85 -14.22
N GLY C 199 -9.13 -7.81 -14.19
CA GLY C 199 -8.36 -7.18 -15.24
C GLY C 199 -8.59 -5.69 -15.36
N GLY C 200 -8.64 -4.98 -14.23
CA GLY C 200 -8.87 -3.55 -14.24
C GLY C 200 -7.65 -2.74 -14.62
N ALA C 208 6.71 -1.64 -8.63
CA ALA C 208 6.68 -1.68 -7.17
C ALA C 208 8.08 -1.59 -6.59
N LYS C 209 8.88 -0.66 -7.13
CA LYS C 209 10.23 -0.41 -6.66
C LYS C 209 11.10 -1.67 -6.72
N THR C 210 10.90 -2.47 -7.76
CA THR C 210 11.73 -3.64 -8.06
C THR C 210 11.80 -4.61 -6.87
N LYS C 211 10.64 -5.18 -6.54
CA LYS C 211 10.57 -6.18 -5.49
C LYS C 211 11.53 -7.33 -5.78
N THR C 212 12.34 -7.69 -4.80
CA THR C 212 13.43 -8.65 -4.99
C THR C 212 13.36 -9.85 -4.07
N VAL C 213 13.05 -9.65 -2.79
CA VAL C 213 13.07 -10.72 -1.80
C VAL C 213 11.65 -11.22 -1.58
N TRP C 214 11.48 -12.54 -1.62
CA TRP C 214 10.18 -13.19 -1.41
C TRP C 214 10.24 -14.06 -0.17
N SER C 215 9.26 -13.92 0.71
CA SER C 215 9.19 -14.69 1.94
C SER C 215 7.77 -15.22 2.13
N LYS C 216 7.62 -16.10 3.11
CA LYS C 216 6.31 -16.68 3.39
C LYS C 216 5.46 -15.81 4.29
N PHE C 217 6.00 -14.71 4.81
CA PHE C 217 5.26 -13.83 5.70
C PHE C 217 4.57 -12.69 4.97
N ASP C 218 4.78 -12.56 3.67
CA ASP C 218 4.07 -11.53 2.90
C ASP C 218 2.61 -11.90 2.66
N VAL C 219 2.26 -13.19 2.67
CA VAL C 219 0.88 -13.60 2.51
C VAL C 219 0.08 -13.48 3.78
N TYR C 220 0.68 -13.05 4.88
CA TYR C 220 -0.02 -12.83 6.14
C TYR C 220 -0.37 -11.37 6.38
N ASP C 221 -0.17 -10.51 5.37
CA ASP C 221 -0.49 -9.09 5.54
C ASP C 221 -1.97 -8.87 5.79
N GLU C 222 -2.82 -9.61 5.07
CA GLU C 222 -4.26 -9.44 5.19
C GLU C 222 -4.95 -10.78 5.00
N ILE C 223 -6.14 -10.91 5.59
CA ILE C 223 -6.95 -12.12 5.42
C ILE C 223 -7.82 -12.07 4.18
N GLU C 224 -7.96 -10.91 3.55
CA GLU C 224 -8.87 -10.72 2.44
C GLU C 224 -8.09 -10.44 1.16
N PHE C 225 -8.57 -11.00 0.05
CA PHE C 225 -7.97 -10.78 -1.26
C PHE C 225 -8.59 -9.54 -1.90
N ASP C 226 -7.77 -8.53 -2.16
CA ASP C 226 -8.29 -7.27 -2.66
C ASP C 226 -7.20 -6.50 -3.40
N ARG C 227 -7.58 -5.93 -4.55
CA ARG C 227 -6.81 -4.93 -5.27
C ARG C 227 -5.45 -5.42 -5.76
N ASN C 228 -4.40 -5.11 -5.00
CA ASN C 228 -3.04 -5.26 -5.50
C ASN C 228 -2.55 -6.70 -5.56
N ASP C 229 -3.25 -7.65 -4.95
CA ASP C 229 -2.76 -9.03 -4.95
C ASP C 229 -2.63 -9.60 -6.34
N PHE C 230 -3.42 -9.11 -7.30
CA PHE C 230 -3.24 -9.53 -8.69
C PHE C 230 -1.90 -9.07 -9.25
N THR C 231 -1.49 -7.83 -8.94
CA THR C 231 -0.24 -7.34 -9.49
C THR C 231 0.96 -8.14 -8.98
N ASP C 232 0.96 -8.48 -7.69
CA ASP C 232 2.08 -9.23 -7.16
C ASP C 232 2.11 -10.62 -7.77
N PHE C 233 0.95 -11.14 -8.17
CA PHE C 233 0.94 -12.46 -8.77
C PHE C 233 1.73 -12.44 -10.06
N PHE C 234 1.56 -11.37 -10.85
CA PHE C 234 2.29 -11.30 -12.11
C PHE C 234 3.78 -11.20 -11.82
N GLN C 235 4.14 -10.40 -10.82
CA GLN C 235 5.55 -10.25 -10.50
C GLN C 235 6.12 -11.58 -10.02
N TRP C 236 5.34 -12.33 -9.24
CA TRP C 236 5.84 -13.61 -8.79
C TRP C 236 5.99 -14.60 -9.95
N LEU C 237 5.03 -14.58 -10.88
CA LEU C 237 5.07 -15.58 -11.95
C LEU C 237 6.29 -15.44 -12.83
N VAL C 238 6.63 -14.21 -13.21
CA VAL C 238 7.77 -14.05 -14.10
C VAL C 238 9.06 -14.42 -13.38
N PHE C 239 9.10 -14.24 -12.06
CA PHE C 239 10.29 -14.67 -11.33
C PHE C 239 10.48 -16.17 -11.43
N LEU C 240 9.37 -16.92 -11.34
CA LEU C 240 9.49 -18.36 -11.45
C LEU C 240 9.99 -18.73 -12.83
N HIS C 241 9.50 -18.02 -13.86
CA HIS C 241 9.92 -18.36 -15.20
C HIS C 241 11.40 -18.17 -15.37
N ASN C 242 11.95 -17.08 -14.82
CA ASN C 242 13.38 -16.87 -14.97
C ASN C 242 14.16 -17.91 -14.20
N ARG C 243 13.64 -18.36 -13.07
CA ARG C 243 14.34 -19.40 -12.32
C ARG C 243 14.42 -20.66 -13.14
N ALA C 244 13.33 -21.00 -13.83
CA ALA C 244 13.33 -22.21 -14.63
C ALA C 244 14.34 -22.07 -15.77
N SER C 245 14.44 -20.88 -16.34
CA SER C 245 15.36 -20.72 -17.46
C SER C 245 16.79 -20.98 -16.99
N GLN C 246 17.12 -20.52 -15.79
CA GLN C 246 18.48 -20.76 -15.30
C GLN C 246 18.71 -22.24 -15.13
N GLU C 247 17.71 -22.97 -14.62
CA GLU C 247 17.86 -24.42 -14.48
C GLU C 247 17.97 -25.11 -15.83
N LYS C 248 17.26 -24.59 -16.85
CA LYS C 248 17.33 -25.22 -18.17
C LYS C 248 18.70 -25.13 -18.80
N LEU C 249 19.49 -24.12 -18.45
CA LEU C 249 20.81 -23.98 -19.01
C LEU C 249 21.86 -24.67 -18.14
N SER C 250 23.13 -24.37 -18.42
CA SER C 250 24.31 -24.85 -17.70
C SER C 250 24.56 -26.34 -17.87
N GLU C 251 24.88 -27.02 -16.77
CA GLU C 251 25.36 -28.41 -16.84
C GLU C 251 24.30 -29.37 -17.37
N SER C 252 23.02 -29.03 -17.27
CA SER C 252 22.00 -29.92 -17.82
C SER C 252 22.13 -30.04 -19.32
N GLN C 253 22.71 -29.03 -19.97
CA GLN C 253 22.92 -29.10 -21.40
C GLN C 253 24.06 -30.04 -21.76
N THR C 254 25.07 -30.16 -20.87
CA THR C 254 26.20 -31.02 -21.18
C THR C 254 25.77 -32.48 -21.29
N THR C 255 24.97 -32.96 -20.35
CA THR C 255 24.52 -34.33 -20.47
C THR C 255 23.56 -34.45 -21.64
N ILE C 256 22.84 -33.37 -21.94
CA ILE C 256 21.94 -33.37 -23.08
C ILE C 256 22.77 -33.51 -24.34
N ASN C 257 23.93 -32.83 -24.37
CA ASN C 257 24.77 -32.92 -25.55
C ASN C 257 25.24 -34.36 -25.75
N ALA C 258 25.59 -35.04 -24.65
CA ALA C 258 26.01 -36.42 -24.83
C ALA C 258 24.82 -37.27 -25.29
N LEU C 259 23.65 -37.07 -24.67
CA LEU C 259 22.59 -38.08 -24.81
C LEU C 259 22.10 -38.15 -26.24
N PHE C 260 21.90 -37.00 -26.86
CA PHE C 260 21.43 -36.97 -28.25
C PHE C 260 22.48 -37.58 -29.15
N SER C 261 23.75 -37.26 -28.90
CA SER C 261 24.80 -37.80 -29.73
C SER C 261 24.85 -39.32 -29.56
N ASP C 262 24.68 -39.80 -28.33
CA ASP C 262 24.69 -41.24 -28.14
C ASP C 262 23.53 -41.86 -28.89
N ILE C 263 22.36 -41.21 -28.85
CA ILE C 263 21.22 -41.72 -29.58
C ILE C 263 21.52 -41.69 -31.06
N GLN C 264 22.14 -40.60 -31.52
CA GLN C 264 22.49 -40.51 -32.92
C GLN C 264 23.49 -41.59 -33.27
N SER C 265 24.45 -41.84 -32.38
CA SER C 265 25.42 -42.88 -32.66
C SER C 265 24.73 -44.23 -32.72
N LEU C 266 23.76 -44.46 -31.83
CA LEU C 266 23.02 -45.71 -31.89
C LEU C 266 22.25 -45.79 -33.19
N LYS C 267 21.67 -44.66 -33.62
CA LYS C 267 20.97 -44.64 -34.88
C LYS C 267 21.93 -44.94 -36.01
N ALA C 268 23.14 -44.38 -35.95
CA ALA C 268 24.12 -44.68 -36.97
C ALA C 268 24.49 -46.16 -36.93
N THR C 269 24.60 -46.73 -35.72
CA THR C 269 24.89 -48.14 -35.62
C THR C 269 23.75 -48.95 -36.20
N LEU C 270 22.51 -48.47 -36.05
CA LEU C 270 21.39 -49.15 -36.66
C LEU C 270 21.50 -49.13 -38.18
N THR C 271 21.96 -48.02 -38.74
CA THR C 271 22.14 -47.91 -40.19
C THR C 271 23.43 -48.60 -40.64
N GLN C 272 23.75 -48.42 -41.92
CA GLN C 272 24.94 -49.01 -42.55
C GLN C 272 24.96 -50.52 -42.39
N LEU C 273 23.79 -51.14 -42.49
CA LEU C 273 23.65 -52.59 -42.37
C LEU C 273 24.25 -53.07 -41.06
N SER C 274 24.03 -52.29 -39.99
CA SER C 274 24.54 -52.60 -38.66
C SER C 274 26.05 -52.82 -38.67
N ALA C 275 26.75 -51.96 -39.42
CA ALA C 275 28.20 -52.00 -39.56
C ALA C 275 28.69 -53.38 -40.02
N SER C 281 29.28 -56.50 -31.96
CA SER C 281 29.99 -55.61 -31.06
C SER C 281 30.57 -54.42 -31.81
N THR C 282 31.85 -54.13 -31.57
CA THR C 282 32.57 -53.02 -32.18
C THR C 282 31.80 -51.71 -32.03
N VAL C 283 31.20 -51.23 -33.12
CA VAL C 283 30.46 -49.97 -33.09
C VAL C 283 29.25 -50.07 -32.18
N ILE C 284 28.53 -51.19 -32.26
CA ILE C 284 27.34 -51.37 -31.42
C ILE C 284 27.73 -51.42 -29.95
N LYS C 285 28.80 -52.15 -29.63
CA LYS C 285 29.24 -52.25 -28.25
C LYS C 285 29.66 -50.88 -27.72
N GLY C 286 30.42 -50.12 -28.52
CA GLY C 286 30.88 -48.82 -28.08
C GLY C 286 29.73 -47.86 -27.86
N LEU C 287 28.78 -47.82 -28.80
CA LEU C 287 27.64 -46.93 -28.67
C LEU C 287 26.79 -47.30 -27.46
N GLU C 288 26.54 -48.60 -27.26
CA GLU C 288 25.72 -49.01 -26.13
C GLU C 288 26.41 -48.69 -24.81
N LEU C 289 27.72 -48.96 -24.71
CA LEU C 289 28.44 -48.71 -23.48
C LEU C 289 28.45 -47.22 -23.17
N SER C 290 28.76 -46.38 -24.16
CA SER C 290 28.81 -44.95 -23.94
C SER C 290 27.45 -44.40 -23.53
N LEU C 291 26.39 -44.83 -24.22
CA LEU C 291 25.05 -44.36 -23.88
C LEU C 291 24.66 -44.77 -22.47
N LYS C 292 24.91 -46.04 -22.13
CA LYS C 292 24.54 -46.52 -20.80
C LYS C 292 25.31 -45.78 -19.72
N GLU C 293 26.62 -45.60 -19.92
CA GLU C 293 27.45 -44.96 -18.91
C GLU C 293 27.03 -43.51 -18.71
N LYS C 294 26.86 -42.76 -19.81
CA LYS C 294 26.50 -41.36 -19.69
C LYS C 294 25.11 -41.21 -19.07
N LEU C 295 24.13 -42.01 -19.50
CA LEU C 295 22.79 -41.90 -18.95
C LEU C 295 22.78 -42.25 -17.47
N ASN C 296 23.51 -43.29 -17.07
CA ASN C 296 23.54 -43.69 -15.68
C ASN C 296 24.18 -42.60 -14.82
N TYR C 297 25.29 -42.03 -15.31
CA TYR C 297 25.97 -40.99 -14.54
C TYR C 297 25.09 -39.75 -14.40
N MET C 298 24.42 -39.35 -15.47
CA MET C 298 23.56 -38.17 -15.40
C MET C 298 22.38 -38.42 -14.47
N LYS C 299 21.75 -39.59 -14.58
CA LYS C 299 20.58 -39.91 -13.76
C LYS C 299 20.92 -40.07 -12.29
N SER C 300 22.15 -40.52 -11.98
CA SER C 300 22.52 -40.75 -10.59
C SER C 300 22.43 -39.48 -9.75
N LEU C 301 22.95 -38.36 -10.27
CA LEU C 301 22.85 -37.11 -9.53
C LEU C 301 21.39 -36.65 -9.41
N GLN C 302 20.67 -36.60 -10.53
CA GLN C 302 19.27 -36.21 -10.56
C GLN C 302 19.04 -34.85 -9.91
N SER C 303 19.98 -33.93 -10.11
CA SER C 303 19.94 -32.59 -9.53
C SER C 303 19.77 -32.66 -8.00
N GLY C 304 20.61 -33.49 -7.38
CA GLY C 304 20.60 -33.64 -5.94
C GLY C 304 19.64 -34.71 -5.47
N GLU C 305 18.35 -34.38 -5.41
CA GLU C 305 17.34 -35.29 -4.88
C GLU C 305 16.09 -35.30 -5.76
N HIS C 306 16.29 -35.32 -7.08
CA HIS C 306 15.18 -35.39 -8.04
C HIS C 306 14.22 -34.22 -7.90
N LYS C 307 13.11 -34.46 -7.20
CA LYS C 307 12.08 -33.43 -7.08
C LYS C 307 12.57 -32.24 -6.27
N PHE C 308 13.73 -32.39 -5.62
CA PHE C 308 14.26 -31.29 -4.82
C PHE C 308 14.66 -30.12 -5.72
N ASN C 309 14.92 -30.37 -7.02
CA ASN C 309 15.33 -29.27 -7.88
C ASN C 309 14.20 -28.28 -8.15
N ASN C 310 12.95 -28.71 -8.00
CA ASN C 310 11.79 -27.88 -8.31
C ASN C 310 11.88 -27.24 -9.69
N ALA C 311 11.96 -25.91 -9.72
CA ALA C 311 12.17 -25.14 -10.94
C ALA C 311 11.12 -25.43 -12.01
N VAL C 312 11.46 -26.32 -12.94
CA VAL C 312 10.59 -26.62 -14.07
C VAL C 312 9.30 -27.27 -13.60
N SER C 313 9.38 -28.18 -12.63
CA SER C 313 8.19 -28.90 -12.18
C SER C 313 7.18 -27.95 -11.53
N LEU C 314 7.63 -26.99 -10.74
CA LEU C 314 6.66 -26.08 -10.11
C LEU C 314 5.95 -25.24 -11.16
N TYR C 315 6.70 -24.74 -12.15
CA TYR C 315 6.10 -23.88 -13.16
C TYR C 315 5.11 -24.66 -14.01
N ASP C 316 5.42 -25.93 -14.29
CA ASP C 316 4.48 -26.70 -15.09
C ASP C 316 3.28 -27.08 -14.25
N SER C 317 3.48 -27.26 -12.94
CA SER C 317 2.38 -27.64 -12.07
C SER C 317 1.36 -26.52 -12.01
N VAL C 318 1.83 -25.27 -11.88
CA VAL C 318 0.90 -24.16 -11.79
C VAL C 318 0.22 -23.92 -13.14
N ILE C 319 0.98 -24.05 -14.23
CA ILE C 319 0.37 -23.81 -15.54
C ILE C 319 -0.70 -24.86 -15.82
N ASN C 320 -0.39 -26.14 -15.57
CA ASN C 320 -1.36 -27.18 -15.84
C ASN C 320 -2.56 -27.07 -14.91
N THR C 321 -2.33 -26.63 -13.66
CA THR C 321 -3.46 -26.47 -12.75
C THR C 321 -4.40 -25.41 -13.29
N ILE C 322 -3.86 -24.31 -13.81
CA ILE C 322 -4.71 -23.27 -14.35
C ILE C 322 -5.47 -23.79 -15.57
N LEU C 323 -4.77 -24.52 -16.44
CA LEU C 323 -5.40 -25.08 -17.64
C LEU C 323 -6.43 -26.16 -17.33
N LYS C 324 -6.44 -26.68 -16.11
CA LYS C 324 -7.45 -27.67 -15.74
C LYS C 324 -8.86 -27.09 -15.74
N PHE C 325 -9.01 -25.85 -15.32
CA PHE C 325 -10.32 -25.22 -15.20
C PHE C 325 -10.82 -24.56 -16.48
N LEU C 326 -10.01 -24.49 -17.54
CA LEU C 326 -10.40 -23.88 -18.81
C LEU C 326 -10.13 -24.88 -19.92
N PRO C 327 -11.05 -25.82 -20.14
CA PRO C 327 -10.81 -26.90 -21.12
C PRO C 327 -10.79 -26.43 -22.57
N GLU C 328 -11.24 -25.20 -22.87
CA GLU C 328 -11.32 -24.73 -24.24
C GLU C 328 -10.02 -24.14 -24.75
N PHE C 329 -8.98 -24.06 -23.91
CA PHE C 329 -7.72 -23.48 -24.28
C PHE C 329 -6.67 -24.57 -24.51
N GLN C 330 -5.57 -24.19 -25.15
CA GLN C 330 -4.51 -25.10 -25.53
C GLN C 330 -3.25 -24.92 -24.71
N TRP C 331 -2.70 -23.70 -24.67
CA TRP C 331 -1.49 -23.46 -23.90
C TRP C 331 -1.44 -21.99 -23.49
N ILE C 332 -0.61 -21.71 -22.49
CA ILE C 332 -0.38 -20.36 -21.98
C ILE C 332 1.12 -20.10 -22.01
N LYS C 333 1.51 -18.94 -22.53
CA LYS C 333 2.91 -18.63 -22.71
C LYS C 333 3.21 -17.21 -22.22
N LEU C 334 4.47 -17.01 -21.83
CA LEU C 334 4.99 -15.71 -21.44
C LEU C 334 6.00 -15.28 -22.49
N VAL C 335 5.78 -14.10 -23.08
CA VAL C 335 6.62 -13.61 -24.16
C VAL C 335 7.14 -12.22 -23.83
N TYR C 336 8.44 -12.01 -23.99
CA TYR C 336 9.04 -10.71 -23.74
C TYR C 336 8.96 -9.85 -24.99
N GLY C 337 8.35 -8.68 -24.85
CA GLY C 337 8.20 -7.75 -25.96
C GLY C 337 9.34 -6.78 -26.06
N ASP C 338 9.06 -5.65 -26.73
CA ASP C 338 10.09 -4.62 -26.90
C ASP C 338 10.49 -4.01 -25.57
N ASP C 339 9.50 -3.73 -24.70
CA ASP C 339 9.77 -3.09 -23.42
C ASP C 339 8.95 -3.67 -22.28
N ASP C 340 8.15 -4.71 -22.50
CA ASP C 340 7.34 -5.30 -21.44
C ASP C 340 7.01 -6.73 -21.82
N TYR C 341 6.59 -7.49 -20.82
CA TYR C 341 6.22 -8.90 -20.99
C TYR C 341 4.71 -9.05 -21.13
N LYS C 342 4.31 -10.13 -21.78
CA LYS C 342 2.90 -10.38 -22.07
C LYS C 342 2.59 -11.85 -21.82
N ILE C 343 1.30 -12.11 -21.58
CA ILE C 343 0.77 -13.46 -21.44
C ILE C 343 -0.11 -13.74 -22.65
N ILE C 344 0.18 -14.82 -23.36
CA ILE C 344 -0.49 -15.15 -24.61
C ILE C 344 -1.18 -16.50 -24.46
N LEU C 345 -2.47 -16.53 -24.73
CA LEU C 345 -3.27 -17.75 -24.77
C LEU C 345 -3.59 -18.10 -26.22
N LYS C 346 -4.29 -19.22 -26.40
CA LYS C 346 -4.69 -19.67 -27.73
C LYS C 346 -6.01 -20.40 -27.58
N LYS C 347 -7.10 -19.80 -28.05
CA LYS C 347 -8.41 -20.42 -28.02
C LYS C 347 -8.85 -20.75 -29.43
N GLY C 348 -9.14 -22.02 -29.69
CA GLY C 348 -9.47 -22.42 -31.03
C GLY C 348 -8.23 -22.43 -31.88
N GLU C 349 -8.13 -21.47 -32.80
CA GLU C 349 -6.95 -21.36 -33.66
C GLU C 349 -6.51 -19.91 -33.74
N VAL C 350 -6.72 -19.15 -32.68
CA VAL C 350 -6.35 -17.74 -32.63
C VAL C 350 -5.73 -17.44 -31.27
N GLU C 351 -4.64 -16.67 -31.30
CA GLU C 351 -3.97 -16.21 -30.09
C GLU C 351 -4.76 -15.07 -29.47
N LEU C 352 -4.85 -15.09 -28.15
CA LEU C 352 -5.60 -14.09 -27.40
C LEU C 352 -4.68 -13.34 -26.46
N ASP C 353 -5.27 -12.50 -25.62
CA ASP C 353 -4.54 -11.73 -24.62
C ASP C 353 -5.32 -11.75 -23.32
N ILE C 354 -4.63 -11.47 -22.23
CA ILE C 354 -5.27 -11.49 -20.92
C ILE C 354 -6.36 -10.45 -20.83
N GLN C 355 -6.23 -9.34 -21.55
CA GLN C 355 -7.24 -8.29 -21.53
C GLN C 355 -8.35 -8.50 -22.54
N GLN C 356 -8.28 -9.55 -23.37
CA GLN C 356 -9.31 -9.81 -24.37
C GLN C 356 -10.20 -10.98 -23.98
N LEU C 357 -10.19 -11.39 -22.72
CA LEU C 357 -11.01 -12.49 -22.25
C LEU C 357 -12.35 -11.99 -21.69
N SER C 358 -13.29 -12.91 -21.57
CA SER C 358 -14.59 -12.59 -20.99
C SER C 358 -14.46 -12.45 -19.47
N GLN C 359 -15.52 -11.94 -18.85
CA GLN C 359 -15.52 -11.73 -17.40
C GLN C 359 -15.44 -13.06 -16.65
N GLY C 360 -16.15 -14.07 -17.13
CA GLY C 360 -16.17 -15.34 -16.43
C GLY C 360 -14.81 -16.02 -16.41
N GLU C 361 -14.10 -15.99 -17.53
CA GLU C 361 -12.81 -16.66 -17.54
C GLU C 361 -11.80 -15.90 -16.68
N LYS C 362 -11.96 -14.58 -16.58
CA LYS C 362 -11.06 -13.79 -15.75
C LYS C 362 -11.25 -14.13 -14.29
N THR C 363 -12.50 -14.36 -13.87
CA THR C 363 -12.74 -14.65 -12.47
C THR C 363 -12.06 -15.96 -12.05
N ILE C 364 -12.18 -16.98 -12.89
CA ILE C 364 -11.56 -18.26 -12.58
C ILE C 364 -10.04 -18.13 -12.62
N PHE C 365 -9.53 -17.32 -13.55
CA PHE C 365 -8.09 -17.17 -13.67
C PHE C 365 -7.51 -16.57 -12.40
N THR C 366 -8.18 -15.55 -11.86
CA THR C 366 -7.63 -14.89 -10.67
C THR C 366 -7.80 -15.76 -9.45
N LEU C 367 -8.93 -16.46 -9.34
CA LEU C 367 -9.19 -17.26 -8.14
C LEU C 367 -8.19 -18.40 -8.04
N VAL C 368 -8.03 -19.15 -9.13
CA VAL C 368 -7.13 -20.31 -9.09
C VAL C 368 -5.68 -19.86 -8.97
N GLY C 369 -5.30 -18.78 -9.67
CA GLY C 369 -3.91 -18.37 -9.59
C GLY C 369 -3.53 -17.92 -8.20
N ASP C 370 -4.42 -17.16 -7.53
CA ASP C 370 -4.09 -16.71 -6.19
C ASP C 370 -4.04 -17.88 -5.21
N LEU C 371 -4.96 -18.85 -5.37
CA LEU C 371 -4.93 -19.98 -4.44
C LEU C 371 -3.64 -20.76 -4.59
N ALA C 372 -3.21 -20.99 -5.84
CA ALA C 372 -1.99 -21.76 -6.04
C ALA C 372 -0.77 -21.00 -5.53
N ARG C 373 -0.77 -19.67 -5.67
CA ARG C 373 0.38 -18.91 -5.20
C ARG C 373 0.50 -19.02 -3.69
N ARG C 374 -0.63 -18.90 -2.98
CA ARG C 374 -0.57 -18.96 -1.53
C ARG C 374 -0.13 -20.34 -1.06
N LEU C 375 -0.67 -21.40 -1.69
CA LEU C 375 -0.32 -22.74 -1.23
C LEU C 375 1.15 -23.03 -1.49
N ILE C 376 1.68 -22.59 -2.64
CA ILE C 376 3.08 -22.84 -2.93
C ILE C 376 3.97 -22.07 -1.96
N LEU C 377 3.64 -20.81 -1.68
CA LEU C 377 4.48 -20.01 -0.79
C LEU C 377 4.50 -20.55 0.63
N LEU C 378 3.35 -21.02 1.14
CA LEU C 378 3.30 -21.42 2.55
C LEU C 378 3.90 -22.78 2.86
N ASN C 379 4.15 -23.63 1.87
CA ASN C 379 4.69 -24.97 2.08
C ASN C 379 5.93 -25.18 1.21
N PRO C 380 7.07 -24.62 1.61
CA PRO C 380 8.30 -24.78 0.81
C PRO C 380 8.98 -26.13 0.94
N ASN C 381 8.64 -26.93 1.94
CA ASN C 381 9.35 -28.19 2.17
C ASN C 381 8.65 -29.39 1.54
N LEU C 382 7.34 -29.32 1.34
CA LEU C 382 6.59 -30.43 0.79
C LEU C 382 6.98 -30.68 -0.66
N SER C 383 7.05 -31.95 -1.04
CA SER C 383 7.33 -32.29 -2.44
C SER C 383 6.20 -31.82 -3.35
N ASN C 384 4.95 -32.00 -2.91
CA ASN C 384 3.78 -31.50 -3.65
C ASN C 384 3.08 -30.49 -2.76
N PRO C 385 3.30 -29.19 -3.00
CA PRO C 385 2.75 -28.17 -2.08
C PRO C 385 1.23 -28.05 -2.10
N LEU C 386 0.55 -28.68 -3.05
CA LEU C 386 -0.90 -28.53 -3.17
C LEU C 386 -1.68 -29.41 -2.19
N LEU C 387 -1.04 -29.96 -1.15
CA LEU C 387 -1.70 -30.81 -0.18
C LEU C 387 -1.62 -30.22 1.23
N GLY C 388 -1.55 -28.91 1.35
CA GLY C 388 -1.47 -28.28 2.64
C GLY C 388 -2.82 -28.17 3.33
N TYR C 389 -2.79 -27.73 4.58
CA TYR C 389 -3.99 -27.57 5.39
C TYR C 389 -4.40 -26.11 5.45
N GLY C 390 -5.67 -25.87 5.79
CA GLY C 390 -6.16 -24.53 5.92
C GLY C 390 -7.67 -24.48 5.78
N ILE C 391 -8.18 -23.25 5.68
CA ILE C 391 -9.61 -22.99 5.55
C ILE C 391 -9.82 -21.88 4.52
N VAL C 392 -10.81 -22.06 3.65
CA VAL C 392 -11.10 -21.11 2.58
C VAL C 392 -12.58 -20.79 2.59
N LEU C 393 -12.92 -19.51 2.51
CA LEU C 393 -14.30 -19.04 2.49
C LEU C 393 -14.60 -18.37 1.16
N ILE C 394 -15.70 -18.77 0.53
CA ILE C 394 -16.12 -18.25 -0.77
C ILE C 394 -17.57 -17.80 -0.68
N ASP C 395 -17.87 -16.65 -1.26
CA ASP C 395 -19.22 -16.09 -1.26
C ASP C 395 -19.75 -16.01 -2.68
N GLU C 396 -20.94 -16.57 -2.91
CA GLU C 396 -21.63 -16.51 -4.19
C GLU C 396 -20.76 -17.09 -5.31
N ILE C 397 -20.52 -18.40 -5.20
CA ILE C 397 -19.67 -19.11 -6.14
C ILE C 397 -20.19 -19.06 -7.58
N ASP C 398 -21.46 -18.72 -7.76
CA ASP C 398 -22.10 -18.78 -9.08
C ASP C 398 -22.13 -17.42 -9.79
N LEU C 399 -21.07 -16.62 -9.63
CA LEU C 399 -21.00 -15.31 -10.26
C LEU C 399 -20.38 -15.43 -11.65
N HIS C 400 -21.09 -14.89 -12.65
CA HIS C 400 -20.58 -14.83 -14.03
C HIS C 400 -20.27 -16.21 -14.60
N LEU C 401 -21.08 -17.21 -14.23
CA LEU C 401 -20.91 -18.55 -14.73
C LEU C 401 -22.22 -19.05 -15.34
N HIS C 402 -22.16 -19.59 -16.55
CA HIS C 402 -23.34 -20.18 -17.16
C HIS C 402 -23.64 -21.53 -16.53
N PRO C 403 -24.87 -22.03 -16.67
CA PRO C 403 -25.26 -23.26 -15.96
C PRO C 403 -24.39 -24.47 -16.28
N GLN C 404 -23.76 -24.52 -17.46
CA GLN C 404 -22.89 -25.64 -17.77
C GLN C 404 -21.71 -25.72 -16.81
N TRP C 405 -21.11 -24.57 -16.50
CA TRP C 405 -19.98 -24.53 -15.58
C TRP C 405 -20.40 -24.58 -14.11
N GLN C 406 -21.68 -24.35 -13.82
CA GLN C 406 -22.11 -24.31 -12.43
C GLN C 406 -22.18 -25.70 -11.82
N GLN C 407 -22.36 -26.73 -12.64
CA GLN C 407 -22.57 -28.08 -12.13
C GLN C 407 -21.27 -28.85 -11.89
N THR C 408 -20.12 -28.35 -12.33
CA THR C 408 -18.87 -29.09 -12.18
C THR C 408 -17.78 -28.36 -11.41
N ILE C 409 -18.03 -27.12 -10.97
CA ILE C 409 -16.97 -26.36 -10.31
C ILE C 409 -16.66 -26.93 -8.93
N ILE C 410 -17.69 -27.38 -8.21
CA ILE C 410 -17.51 -27.80 -6.82
C ILE C 410 -16.64 -29.05 -6.75
N GLU C 411 -16.94 -30.05 -7.58
CA GLU C 411 -16.18 -31.29 -7.48
C GLU C 411 -14.74 -31.08 -7.92
N ARG C 412 -14.48 -30.09 -8.78
CA ARG C 412 -13.12 -29.85 -9.21
C ARG C 412 -12.34 -29.14 -8.11
N LEU C 413 -13.01 -28.26 -7.37
CA LEU C 413 -12.30 -27.54 -6.32
C LEU C 413 -11.82 -28.52 -5.26
N THR C 414 -12.70 -29.43 -4.84
CA THR C 414 -12.33 -30.38 -3.81
C THR C 414 -11.42 -31.47 -4.36
N SER C 415 -11.41 -31.68 -5.68
CA SER C 415 -10.54 -32.69 -6.26
C SER C 415 -9.09 -32.21 -6.32
N THR C 416 -8.88 -30.93 -6.66
CA THR C 416 -7.51 -30.43 -6.76
C THR C 416 -6.88 -30.22 -5.39
N PHE C 417 -7.63 -29.68 -4.42
CA PHE C 417 -7.15 -29.42 -3.07
C PHE C 417 -7.88 -30.32 -2.09
N PRO C 418 -7.37 -31.50 -1.77
CA PRO C 418 -8.11 -32.45 -0.93
C PRO C 418 -7.90 -32.32 0.57
N ASN C 419 -7.11 -31.37 1.05
CA ASN C 419 -6.83 -31.23 2.48
C ASN C 419 -7.19 -29.85 3.00
N VAL C 420 -8.15 -29.18 2.36
CA VAL C 420 -8.54 -27.82 2.71
C VAL C 420 -10.04 -27.82 3.04
N GLN C 421 -10.39 -27.21 4.16
CA GLN C 421 -11.79 -27.08 4.54
C GLN C 421 -12.43 -25.91 3.79
N PHE C 422 -13.64 -26.13 3.29
CA PHE C 422 -14.34 -25.15 2.46
C PHE C 422 -15.65 -24.74 3.10
N VAL C 423 -15.94 -23.43 3.03
CA VAL C 423 -17.23 -22.87 3.44
C VAL C 423 -17.74 -22.02 2.29
N ILE C 424 -18.92 -22.36 1.77
CA ILE C 424 -19.45 -21.77 0.55
C ILE C 424 -20.92 -21.41 0.76
N THR C 425 -21.31 -20.24 0.26
CA THR C 425 -22.71 -19.83 0.24
C THR C 425 -23.16 -19.65 -1.20
N THR C 426 -24.35 -20.17 -1.52
CA THR C 426 -24.82 -20.20 -2.90
C THR C 426 -26.19 -19.54 -3.01
N HIS C 427 -26.68 -19.42 -4.24
CA HIS C 427 -27.91 -18.71 -4.55
C HIS C 427 -28.84 -19.42 -5.52
N SER C 428 -28.39 -20.46 -6.23
CA SER C 428 -29.16 -21.03 -7.32
C SER C 428 -29.34 -22.53 -7.13
N PRO C 429 -30.42 -23.10 -7.69
CA PRO C 429 -30.64 -24.55 -7.56
C PRO C 429 -29.79 -25.39 -8.48
N GLN C 430 -29.03 -24.80 -9.41
CA GLN C 430 -28.21 -25.59 -10.31
C GLN C 430 -27.12 -26.34 -9.54
N VAL C 431 -26.50 -25.67 -8.56
CA VAL C 431 -25.41 -26.30 -7.82
C VAL C 431 -25.92 -27.30 -6.79
N LEU C 432 -27.16 -27.15 -6.32
CA LEU C 432 -27.70 -28.04 -5.31
C LEU C 432 -27.87 -29.47 -5.80
N SER C 433 -27.84 -29.68 -7.12
CA SER C 433 -28.01 -31.01 -7.68
C SER C 433 -26.78 -31.88 -7.53
N THR C 434 -25.65 -31.33 -7.09
CA THR C 434 -24.39 -32.07 -7.03
C THR C 434 -23.72 -31.89 -5.68
N VAL C 435 -24.48 -32.05 -4.60
CA VAL C 435 -23.96 -31.98 -3.24
C VAL C 435 -24.61 -33.06 -2.41
N SER C 436 -23.84 -33.68 -1.51
CA SER C 436 -24.37 -34.70 -0.63
C SER C 436 -25.31 -34.08 0.40
N SER C 437 -26.18 -34.92 0.95
CA SER C 437 -27.17 -34.44 1.90
C SER C 437 -26.57 -34.12 3.28
N ARG C 438 -25.39 -34.63 3.59
CA ARG C 438 -24.80 -34.41 4.90
C ARG C 438 -24.07 -33.09 5.01
N SER C 439 -23.92 -32.35 3.92
CA SER C 439 -23.17 -31.09 3.93
C SER C 439 -24.01 -29.96 3.34
N VAL C 440 -25.31 -29.97 3.62
CA VAL C 440 -26.24 -28.95 3.13
C VAL C 440 -26.98 -28.38 4.32
N ARG C 441 -26.96 -27.06 4.45
CA ARG C 441 -27.69 -26.35 5.49
C ARG C 441 -28.63 -25.35 4.85
N ILE C 442 -29.88 -25.32 5.30
CA ILE C 442 -30.92 -24.49 4.72
C ILE C 442 -31.39 -23.50 5.77
N LEU C 443 -31.35 -22.21 5.44
CA LEU C 443 -31.84 -21.17 6.32
C LEU C 443 -33.32 -20.95 6.13
N GLN C 444 -34.00 -20.60 7.23
CA GLN C 444 -35.44 -20.40 7.20
C GLN C 444 -35.79 -19.29 8.18
N GLU C 445 -37.00 -18.77 8.01
CA GLU C 445 -37.53 -17.68 8.83
C GLU C 445 -38.84 -18.15 9.46
N VAL C 446 -38.85 -18.29 10.78
CA VAL C 446 -40.06 -18.69 11.50
C VAL C 446 -40.26 -17.77 12.70
N GLU C 447 -41.48 -17.76 13.21
CA GLU C 447 -41.83 -16.95 14.38
C GLU C 447 -42.00 -17.87 15.58
N VAL C 448 -41.21 -17.64 16.62
CA VAL C 448 -41.24 -18.44 17.84
C VAL C 448 -41.50 -17.50 19.01
N ASP C 449 -42.51 -17.83 19.81
CA ASP C 449 -42.88 -17.05 20.99
C ASP C 449 -43.19 -15.61 20.63
N GLY C 450 -43.78 -15.39 19.45
CA GLY C 450 -44.13 -14.06 19.02
C GLY C 450 -42.99 -13.23 18.48
N VAL C 451 -41.79 -13.81 18.35
CA VAL C 451 -40.63 -13.08 17.85
C VAL C 451 -40.08 -13.81 16.64
N ASN C 452 -39.86 -13.07 15.55
CA ASN C 452 -39.30 -13.64 14.34
C ASN C 452 -37.85 -14.04 14.57
N ASP C 453 -37.44 -15.14 13.95
CA ASP C 453 -36.09 -15.65 14.10
C ASP C 453 -35.71 -16.49 12.89
N LEU C 454 -34.42 -16.73 12.76
CA LEU C 454 -33.84 -17.52 11.68
C LEU C 454 -33.35 -18.85 12.22
N ILE C 455 -33.63 -19.93 11.50
CA ILE C 455 -33.22 -21.25 11.91
C ILE C 455 -32.53 -21.97 10.75
N VAL C 456 -31.73 -22.96 11.10
CA VAL C 456 -31.08 -23.84 10.12
C VAL C 456 -31.50 -25.26 10.43
N SER C 457 -32.21 -25.89 9.50
CA SER C 457 -32.73 -27.24 9.70
C SER C 457 -32.36 -28.11 8.49
N HIS C 458 -31.15 -28.65 8.51
CA HIS C 458 -30.78 -29.75 7.64
C HIS C 458 -29.53 -30.46 8.16
N PRO C 459 -29.59 -31.10 9.33
CA PRO C 459 -28.38 -31.74 9.88
C PRO C 459 -27.91 -32.91 9.03
N ASN D 14 -44.53 15.09 -43.24
CA ASN D 14 -43.13 14.73 -43.09
C ASN D 14 -42.38 15.78 -42.28
N LEU D 15 -41.46 15.32 -41.44
CA LEU D 15 -40.66 16.25 -40.63
C LEU D 15 -39.78 17.13 -41.51
N GLU D 16 -39.23 16.56 -42.59
CA GLU D 16 -38.35 17.34 -43.45
C GLU D 16 -39.08 18.52 -44.09
N THR D 17 -40.33 18.31 -44.53
CA THR D 17 -41.08 19.39 -45.15
C THR D 17 -41.30 20.53 -44.17
N CYS D 18 -41.68 20.19 -42.93
CA CYS D 18 -41.91 21.21 -41.92
C CYS D 18 -40.62 21.95 -41.60
N TYR D 19 -39.51 21.22 -41.50
CA TYR D 19 -38.23 21.87 -41.20
C TYR D 19 -37.83 22.82 -42.33
N VAL D 20 -38.01 22.40 -43.58
CA VAL D 20 -37.66 23.23 -44.71
C VAL D 20 -38.50 24.50 -44.73
N ASP D 21 -39.81 24.34 -44.53
CA ASP D 21 -40.72 25.49 -44.55
C ASP D 21 -40.39 26.46 -43.42
N PHE D 22 -40.16 25.94 -42.22
CA PHE D 22 -39.86 26.82 -41.09
C PHE D 22 -38.53 27.53 -41.30
N LEU D 23 -37.51 26.82 -41.79
CA LEU D 23 -36.22 27.45 -41.99
C LEU D 23 -36.32 28.54 -43.05
N GLU D 24 -37.05 28.28 -44.14
CA GLU D 24 -37.19 29.28 -45.19
C GLU D 24 -37.93 30.50 -44.67
N LEU D 25 -39.00 30.29 -43.92
CA LEU D 25 -39.76 31.42 -43.39
C LEU D 25 -38.91 32.25 -42.44
N GLU D 26 -38.22 31.58 -41.51
CA GLU D 26 -37.43 32.28 -40.51
C GLU D 26 -36.27 33.05 -41.15
N SER D 27 -35.62 32.47 -42.16
CA SER D 27 -34.47 33.12 -42.76
C SER D 27 -34.85 34.45 -43.41
N HIS D 28 -36.03 34.53 -44.02
CA HIS D 28 -36.48 35.73 -44.70
C HIS D 28 -37.51 36.51 -43.90
N VAL D 29 -37.38 36.55 -42.57
CA VAL D 29 -38.33 37.25 -41.72
C VAL D 29 -37.59 37.99 -40.61
N ILE D 30 -38.32 38.82 -39.89
CA ILE D 30 -37.84 39.60 -38.77
C ILE D 30 -38.87 39.50 -37.65
N ASN D 31 -38.63 40.23 -36.55
CA ASN D 31 -39.57 40.29 -35.43
C ASN D 31 -39.82 38.89 -34.87
N GLU D 32 -38.76 38.38 -34.25
CA GLU D 32 -38.73 37.04 -33.66
C GLU D 32 -39.98 36.70 -32.84
N ASP D 33 -40.62 37.70 -32.24
CA ASP D 33 -41.85 37.44 -31.49
C ASP D 33 -42.93 36.82 -32.38
N TYR D 34 -43.10 37.38 -33.59
CA TYR D 34 -44.04 36.79 -34.53
C TYR D 34 -43.56 35.42 -34.99
N LEU D 35 -42.25 35.23 -35.13
CA LEU D 35 -41.76 33.92 -35.56
C LEU D 35 -42.11 32.87 -34.51
N LYS D 36 -41.97 33.24 -33.23
CA LYS D 36 -42.33 32.34 -32.15
C LYS D 36 -43.82 32.04 -32.17
N GLU D 37 -44.64 33.06 -32.44
CA GLU D 37 -46.08 32.85 -32.50
C GLU D 37 -46.55 32.27 -33.84
N SER D 38 -45.65 32.09 -34.80
CA SER D 38 -46.03 31.57 -36.10
C SER D 38 -46.50 30.12 -36.01
N VAL D 39 -47.31 29.71 -36.98
CA VAL D 39 -47.86 28.36 -37.01
C VAL D 39 -46.78 27.32 -37.25
N GLU D 40 -45.62 27.73 -37.77
CA GLU D 40 -44.53 26.80 -38.05
C GLU D 40 -44.06 26.12 -36.77
N LEU D 41 -43.89 26.88 -35.70
CA LEU D 41 -43.44 26.30 -34.44
C LEU D 41 -44.45 25.28 -33.92
N GLN D 42 -45.74 25.62 -33.96
CA GLN D 42 -46.76 24.70 -33.48
C GLN D 42 -46.77 23.42 -34.29
N LYS D 43 -46.70 23.54 -35.63
CA LYS D 43 -46.71 22.36 -36.48
C LYS D 43 -45.48 21.49 -36.21
N LEU D 44 -44.30 22.11 -36.08
CA LEU D 44 -43.10 21.34 -35.83
C LEU D 44 -43.19 20.64 -34.48
N ILE D 45 -43.70 21.33 -33.46
CA ILE D 45 -43.78 20.74 -32.13
C ILE D 45 -44.72 19.54 -32.17
N SER D 46 -45.88 19.68 -32.82
CA SER D 46 -46.84 18.59 -32.87
C SER D 46 -46.25 17.39 -33.60
N THR D 47 -45.58 17.64 -34.74
CA THR D 47 -45.01 16.53 -35.49
C THR D 47 -43.93 15.84 -34.69
N LEU D 48 -43.09 16.60 -33.98
CA LEU D 48 -42.02 15.98 -33.22
C LEU D 48 -42.61 15.15 -32.08
N ASN D 49 -43.65 15.68 -31.43
CA ASN D 49 -44.26 14.99 -30.30
C ASN D 49 -44.85 13.65 -30.72
N GLU D 50 -45.53 13.64 -31.89
CA GLU D 50 -46.12 12.38 -32.35
C GLU D 50 -45.06 11.34 -32.67
N SER D 51 -43.85 11.76 -33.03
CA SER D 51 -42.78 10.83 -33.37
C SER D 51 -42.31 10.06 -32.15
N LYS D 52 -41.99 8.79 -32.35
CA LYS D 52 -41.50 7.91 -31.30
C LYS D 52 -40.13 7.37 -31.68
N PHE D 53 -39.21 7.37 -30.70
CA PHE D 53 -37.86 6.86 -30.93
C PHE D 53 -37.88 5.38 -31.27
N HIS D 54 -37.04 4.99 -32.25
CA HIS D 54 -36.98 3.61 -32.71
C HIS D 54 -35.66 3.40 -33.45
N LEU D 55 -35.00 2.27 -33.17
CA LEU D 55 -33.77 1.88 -33.85
C LEU D 55 -33.99 0.52 -34.48
N ASN D 56 -34.33 0.49 -35.77
CA ASN D 56 -34.84 -0.74 -36.37
C ASN D 56 -33.74 -1.76 -36.66
N LYS D 57 -32.55 -1.32 -37.08
CA LYS D 57 -31.57 -2.31 -37.52
C LYS D 57 -30.15 -1.80 -37.38
N ILE D 58 -29.22 -2.75 -37.39
CA ILE D 58 -27.79 -2.44 -37.27
C ILE D 58 -26.98 -3.61 -37.81
N GLY D 59 -25.93 -3.28 -38.55
CA GLY D 59 -25.03 -4.27 -39.13
C GLY D 59 -23.62 -4.09 -38.60
N ILE D 60 -22.93 -5.20 -38.37
CA ILE D 60 -21.60 -5.22 -37.79
C ILE D 60 -20.67 -5.96 -38.75
N HIS D 61 -19.50 -5.39 -39.01
CA HIS D 61 -18.52 -5.95 -39.94
C HIS D 61 -17.15 -6.01 -39.28
N ASP D 62 -16.64 -7.23 -39.07
CA ASP D 62 -15.28 -7.49 -38.61
C ASP D 62 -14.96 -6.77 -37.31
N PHE D 63 -15.89 -6.81 -36.36
CA PHE D 63 -15.72 -6.20 -35.04
C PHE D 63 -15.57 -7.30 -34.00
N LYS D 64 -14.41 -7.33 -33.34
CA LYS D 64 -14.11 -8.31 -32.28
C LYS D 64 -14.27 -9.71 -32.87
N ARG D 65 -14.96 -10.63 -32.20
CA ARG D 65 -15.15 -11.97 -32.74
C ARG D 65 -16.06 -11.94 -33.96
N ILE D 66 -17.06 -11.06 -33.94
CA ILE D 66 -18.05 -11.01 -35.01
C ILE D 66 -17.40 -10.59 -36.31
N ARG D 67 -17.71 -11.30 -37.38
CA ARG D 67 -17.17 -11.01 -38.71
C ARG D 67 -18.20 -10.39 -39.64
N GLU D 68 -19.46 -10.79 -39.55
CA GLU D 68 -20.52 -10.23 -40.39
C GLU D 68 -21.86 -10.55 -39.75
N LEU D 69 -22.64 -9.51 -39.43
CA LEU D 69 -23.91 -9.75 -38.76
C LEU D 69 -24.89 -8.63 -39.11
N GLN D 70 -26.16 -9.01 -39.28
CA GLN D 70 -27.25 -8.07 -39.50
C GLN D 70 -28.34 -8.36 -38.47
N ILE D 71 -28.70 -7.35 -37.68
CA ILE D 71 -29.67 -7.54 -36.60
C ILE D 71 -30.79 -6.52 -36.75
N SER D 72 -32.02 -6.99 -36.55
CA SER D 72 -33.21 -6.15 -36.49
C SER D 72 -33.82 -6.26 -35.10
N LEU D 73 -34.17 -5.13 -34.51
CA LEU D 73 -34.66 -5.06 -33.15
C LEU D 73 -36.15 -4.71 -33.14
N GLU D 74 -36.89 -5.37 -32.24
CA GLU D 74 -38.32 -5.14 -32.14
C GLU D 74 -38.60 -3.76 -31.53
N ASP D 75 -39.88 -3.40 -31.51
CA ASP D 75 -40.27 -2.08 -31.03
C ASP D 75 -40.18 -1.98 -29.51
N ASP D 76 -40.61 -3.01 -28.79
CA ASP D 76 -40.75 -2.92 -27.34
C ASP D 76 -39.57 -3.55 -26.59
N LEU D 77 -39.27 -4.81 -26.87
CA LEU D 77 -38.28 -5.53 -26.06
C LEU D 77 -37.63 -6.62 -26.89
N THR D 78 -36.30 -6.72 -26.80
CA THR D 78 -35.54 -7.81 -27.39
C THR D 78 -34.60 -8.38 -26.34
N VAL D 79 -34.50 -9.70 -26.27
CA VAL D 79 -33.65 -10.38 -25.31
C VAL D 79 -32.66 -11.26 -26.05
N PHE D 80 -31.38 -11.12 -25.73
CA PHE D 80 -30.32 -11.95 -26.29
C PHE D 80 -29.87 -12.95 -25.23
N VAL D 81 -29.86 -14.23 -25.59
CA VAL D 81 -29.46 -15.29 -24.69
C VAL D 81 -28.30 -16.05 -25.31
N GLY D 82 -27.34 -16.42 -24.48
CA GLY D 82 -26.18 -17.15 -24.97
C GLY D 82 -25.29 -17.57 -23.82
N ASP D 83 -24.31 -18.40 -24.17
CA ASP D 83 -23.34 -18.91 -23.21
C ASP D 83 -22.25 -17.85 -22.96
N ASN D 84 -21.18 -18.27 -22.31
CA ASN D 84 -20.08 -17.37 -22.00
C ASN D 84 -19.14 -17.29 -23.22
N GLY D 85 -18.87 -16.06 -23.67
CA GLY D 85 -18.00 -15.87 -24.81
C GLY D 85 -18.68 -15.88 -26.15
N PHE D 86 -19.95 -15.46 -26.23
CA PHE D 86 -20.71 -15.48 -27.48
C PHE D 86 -21.01 -14.08 -28.02
N GLY D 87 -20.36 -13.05 -27.49
CA GLY D 87 -20.50 -11.72 -28.06
C GLY D 87 -21.69 -10.90 -27.59
N LYS D 88 -22.25 -11.23 -26.42
CA LYS D 88 -23.36 -10.45 -25.89
C LYS D 88 -22.95 -9.01 -25.59
N SER D 89 -21.78 -8.82 -25.00
CA SER D 89 -21.31 -7.47 -24.66
C SER D 89 -20.86 -6.69 -25.89
N THR D 90 -20.44 -7.37 -26.94
CA THR D 90 -20.02 -6.67 -28.15
C THR D 90 -21.18 -5.92 -28.79
N ILE D 91 -22.37 -6.52 -28.80
CA ILE D 91 -23.54 -5.86 -29.39
C ILE D 91 -23.85 -4.58 -28.64
N LEU D 92 -23.85 -4.65 -27.31
CA LEU D 92 -24.16 -3.48 -26.51
C LEU D 92 -23.10 -2.40 -26.69
N ASP D 93 -21.83 -2.80 -26.79
CA ASP D 93 -20.79 -1.79 -26.97
C ASP D 93 -20.93 -1.11 -28.32
N ALA D 94 -21.32 -1.87 -29.35
CA ALA D 94 -21.49 -1.27 -30.66
C ALA D 94 -22.64 -0.26 -30.66
N ILE D 95 -23.73 -0.61 -29.98
CA ILE D 95 -24.85 0.33 -29.96
C ILE D 95 -24.47 1.58 -29.16
N ALA D 96 -23.71 1.41 -28.07
CA ALA D 96 -23.33 2.58 -27.29
C ALA D 96 -22.42 3.49 -28.09
N ILE D 97 -21.57 2.88 -28.94
CA ILE D 97 -20.68 3.66 -29.78
C ILE D 97 -21.49 4.47 -30.77
N VAL D 98 -22.52 3.85 -31.37
CA VAL D 98 -23.31 4.58 -32.35
C VAL D 98 -24.05 5.74 -31.68
N LEU D 99 -24.65 5.49 -30.50
CA LEU D 99 -25.40 6.52 -29.80
C LEU D 99 -24.53 7.67 -29.30
N SER D 100 -23.22 7.44 -29.12
CA SER D 100 -22.36 8.49 -28.61
C SER D 100 -22.26 9.66 -29.57
N TRP D 101 -22.15 9.39 -30.88
CA TRP D 101 -22.00 10.48 -31.82
C TRP D 101 -23.25 11.35 -31.86
N LEU D 102 -24.43 10.73 -31.79
CA LEU D 102 -25.66 11.49 -31.77
C LEU D 102 -25.72 12.37 -30.52
N ARG D 103 -25.31 11.82 -29.37
CA ARG D 103 -25.33 12.64 -28.15
C ARG D 103 -24.38 13.82 -28.29
N SER D 104 -23.18 13.55 -28.80
CA SER D 104 -22.17 14.60 -28.86
C SER D 104 -22.62 15.70 -29.80
N ASN D 105 -23.22 15.34 -30.93
CA ASN D 105 -23.61 16.36 -31.89
C ASN D 105 -24.78 17.18 -31.35
N ILE D 106 -25.66 16.55 -30.56
CA ILE D 106 -26.77 17.31 -29.97
C ILE D 106 -26.24 18.32 -28.96
N GLU D 107 -25.34 17.89 -28.08
CA GLU D 107 -24.87 18.76 -27.01
C GLU D 107 -24.03 19.93 -27.53
N LYS D 108 -23.07 19.65 -28.42
CA LYS D 108 -22.17 20.68 -28.92
C LYS D 108 -21.96 20.47 -30.42
N GLU D 109 -21.94 21.59 -31.16
CA GLU D 109 -21.78 21.49 -32.61
C GLU D 109 -20.42 20.90 -32.95
N SER D 110 -20.43 19.89 -33.82
CA SER D 110 -19.20 19.26 -34.30
C SER D 110 -18.39 18.67 -33.15
N LYS D 111 -19.06 18.24 -32.09
CA LYS D 111 -18.38 17.61 -30.97
C LYS D 111 -18.05 16.16 -31.31
N PRO D 112 -16.78 15.76 -31.29
CA PRO D 112 -16.44 14.38 -31.60
C PRO D 112 -16.94 13.42 -30.55
N GLY D 113 -17.22 12.18 -30.97
CA GLY D 113 -17.62 11.13 -30.09
C GLY D 113 -16.52 10.12 -29.84
N THR D 114 -16.92 8.91 -29.49
CA THR D 114 -15.96 7.84 -29.25
C THR D 114 -15.56 7.17 -30.56
N TYR D 115 -14.31 6.76 -30.62
CA TYR D 115 -13.75 6.07 -31.77
C TYR D 115 -13.69 4.57 -31.49
N ILE D 116 -13.06 3.83 -32.40
CA ILE D 116 -12.84 2.40 -32.25
C ILE D 116 -11.36 2.20 -31.95
N LYS D 117 -11.06 1.52 -30.84
CA LYS D 117 -9.68 1.34 -30.44
C LYS D 117 -8.98 0.36 -31.37
N SER D 118 -7.64 0.33 -31.26
CA SER D 118 -6.84 -0.48 -32.18
C SER D 118 -7.09 -1.98 -31.99
N HIS D 119 -7.27 -2.42 -30.74
CA HIS D 119 -7.39 -3.84 -30.45
C HIS D 119 -8.81 -4.36 -30.55
N GLU D 120 -9.77 -3.50 -30.90
CA GLU D 120 -11.14 -3.97 -31.08
C GLU D 120 -11.30 -4.76 -32.38
N VAL D 121 -10.48 -4.46 -33.39
CA VAL D 121 -10.59 -5.16 -34.66
C VAL D 121 -10.23 -6.63 -34.49
N ASN D 122 -10.66 -7.43 -35.46
CA ASN D 122 -10.43 -8.87 -35.39
C ASN D 122 -8.94 -9.18 -35.44
N ASN D 123 -8.54 -10.22 -34.71
CA ASN D 123 -7.13 -10.60 -34.62
C ASN D 123 -6.66 -11.39 -35.82
N SER D 124 -7.55 -11.76 -36.74
CA SER D 124 -7.16 -12.51 -37.92
C SER D 124 -6.26 -11.67 -38.83
N VAL D 125 -5.50 -12.34 -39.68
CA VAL D 125 -4.59 -11.64 -40.59
C VAL D 125 -5.30 -11.13 -41.84
N ASP D 126 -6.45 -11.71 -42.20
CA ASP D 126 -7.15 -11.30 -43.42
C ASP D 126 -7.88 -9.97 -43.25
N VAL D 127 -8.43 -9.72 -42.06
CA VAL D 127 -9.22 -8.51 -41.84
C VAL D 127 -8.34 -7.28 -41.92
N GLU D 128 -8.83 -6.25 -42.62
CA GLU D 128 -8.10 -5.00 -42.78
C GLU D 128 -8.79 -3.80 -42.12
N TYR D 129 -10.09 -3.89 -41.83
CA TYR D 129 -10.83 -2.78 -41.25
C TYR D 129 -12.06 -3.33 -40.55
N ALA D 130 -12.66 -2.49 -39.71
CA ALA D 130 -13.89 -2.81 -38.99
C ALA D 130 -14.89 -1.68 -39.16
N SER D 131 -16.17 -2.04 -39.23
CA SER D 131 -17.19 -1.02 -39.44
C SER D 131 -18.49 -1.40 -38.76
N ILE D 132 -19.24 -0.36 -38.37
CA ILE D 132 -20.55 -0.50 -37.76
C ILE D 132 -21.51 0.42 -38.51
N ASP D 133 -22.64 -0.15 -38.95
CA ASP D 133 -23.68 0.59 -39.65
C ASP D 133 -24.96 0.50 -38.83
N ALA D 134 -25.73 1.58 -38.79
CA ALA D 134 -26.96 1.58 -38.01
C ALA D 134 -27.99 2.44 -38.71
N ASN D 135 -29.26 2.19 -38.40
CA ASN D 135 -30.33 2.97 -39.00
C ASN D 135 -31.34 3.35 -37.94
N ILE D 136 -31.76 4.61 -37.95
CA ILE D 136 -32.75 5.12 -37.00
C ILE D 136 -33.98 5.58 -37.77
N LYS D 137 -35.13 5.05 -37.38
CA LYS D 137 -36.42 5.37 -37.98
C LYS D 137 -37.22 6.19 -36.98
N LEU D 138 -37.71 7.35 -37.41
CA LEU D 138 -38.49 8.25 -36.57
C LEU D 138 -39.76 8.58 -37.36
N LYS D 139 -40.85 7.89 -37.04
CA LYS D 139 -42.10 7.98 -37.81
C LYS D 139 -41.84 7.63 -39.27
N ASP D 140 -41.71 8.65 -40.12
CA ASP D 140 -41.35 8.42 -41.52
C ASP D 140 -39.95 8.87 -41.87
N PHE D 141 -39.37 9.78 -41.10
CA PHE D 141 -38.01 10.23 -41.33
C PHE D 141 -37.03 9.11 -41.02
N ASN D 142 -35.98 8.99 -41.82
CA ASN D 142 -34.99 7.93 -41.62
C ASN D 142 -33.59 8.51 -41.65
N THR D 143 -32.67 7.82 -40.99
CA THR D 143 -31.28 8.25 -41.01
C THR D 143 -30.39 7.03 -40.89
N SER D 144 -29.14 7.20 -41.34
CA SER D 144 -28.14 6.14 -41.34
C SER D 144 -26.83 6.66 -40.77
N ILE D 145 -26.15 5.80 -40.02
CA ILE D 145 -24.88 6.15 -39.38
C ILE D 145 -23.87 5.07 -39.71
N LEU D 146 -22.65 5.48 -40.04
CA LEU D 146 -21.57 4.55 -40.32
C LEU D 146 -20.31 5.01 -39.60
N ILE D 147 -19.66 4.07 -38.90
CA ILE D 147 -18.41 4.32 -38.20
C ILE D 147 -17.41 3.26 -38.63
N THR D 148 -16.21 3.68 -39.03
CA THR D 148 -15.23 2.76 -39.56
C THR D 148 -13.87 3.02 -38.94
N LYS D 149 -13.01 2.00 -38.99
CA LYS D 149 -11.66 2.12 -38.47
C LYS D 149 -10.80 1.03 -39.10
N ALA D 150 -9.73 1.43 -39.78
CA ALA D 150 -8.84 0.50 -40.43
C ALA D 150 -7.87 -0.09 -39.42
N LYS D 151 -7.06 -1.05 -39.88
CA LYS D 151 -6.07 -1.69 -39.03
C LYS D 151 -4.85 -0.80 -38.88
N GLU D 152 -3.79 -1.32 -38.29
CA GLU D 152 -2.55 -0.57 -38.07
C GLU D 152 -1.58 -0.88 -39.20
N GLY D 153 -1.11 0.18 -39.87
CA GLY D 153 -0.19 0.02 -40.98
C GLY D 153 -0.84 -0.58 -42.21
N ALA D 154 -1.79 0.15 -42.80
CA ALA D 154 -2.48 -0.31 -43.99
C ALA D 154 -2.92 0.89 -44.81
N TYR D 155 -3.15 0.66 -46.10
CA TYR D 155 -3.58 1.71 -47.01
C TYR D 155 -5.10 1.75 -47.08
N TYR D 156 -5.61 2.65 -47.93
CA TYR D 156 -7.04 2.85 -48.14
C TYR D 156 -7.77 3.14 -46.83
N SER D 157 -7.35 4.23 -46.18
CA SER D 157 -7.92 4.66 -44.90
C SER D 157 -9.20 5.43 -45.19
N ARG D 158 -10.27 4.69 -45.44
CA ARG D 158 -11.57 5.29 -45.74
C ARG D 158 -12.15 5.95 -44.48
N ASN D 159 -13.05 6.90 -44.70
CA ASN D 159 -13.61 7.72 -43.65
C ASN D 159 -15.07 7.36 -43.40
N ASN D 160 -15.62 7.93 -42.33
CA ASN D 160 -17.00 7.70 -41.92
C ASN D 160 -17.90 8.88 -42.27
N GLU D 161 -19.20 8.60 -42.37
CA GLU D 161 -20.21 9.59 -42.74
C GLU D 161 -20.93 10.08 -41.49
N LEU D 162 -21.08 11.40 -41.37
CA LEU D 162 -21.75 11.99 -40.21
C LEU D 162 -22.79 13.04 -40.61
N LEU D 163 -23.27 13.04 -41.84
CA LEU D 163 -24.26 14.05 -42.23
C LEU D 163 -25.64 13.76 -41.63
N GLY D 164 -25.99 12.48 -41.47
CA GLY D 164 -27.32 12.16 -40.96
C GLY D 164 -27.49 12.60 -39.53
N VAL D 165 -26.46 12.40 -38.69
CA VAL D 165 -26.62 12.76 -37.29
C VAL D 165 -26.72 14.28 -37.16
N LYS D 166 -25.95 15.01 -37.97
CA LYS D 166 -25.98 16.46 -37.88
C LYS D 166 -27.34 16.99 -38.31
N LYS D 167 -27.92 16.37 -39.35
CA LYS D 167 -29.27 16.75 -39.78
C LYS D 167 -30.30 16.47 -38.71
N LEU D 168 -30.18 15.32 -38.04
CA LEU D 168 -31.12 14.99 -36.97
C LEU D 168 -30.96 15.94 -35.78
N ALA D 169 -29.72 16.23 -35.41
CA ALA D 169 -29.43 17.07 -34.25
C ALA D 169 -29.93 18.49 -34.45
N SER D 170 -29.74 19.05 -35.65
CA SER D 170 -30.12 20.44 -35.87
C SER D 170 -31.62 20.65 -35.67
N ILE D 171 -32.43 19.62 -35.94
CA ILE D 171 -33.87 19.76 -35.69
C ILE D 171 -34.10 19.95 -34.20
N TYR D 172 -33.41 19.16 -33.39
CA TYR D 172 -33.64 19.20 -31.94
C TYR D 172 -33.22 20.54 -31.38
N ARG D 173 -32.05 21.04 -31.80
CA ARG D 173 -31.59 22.32 -31.24
C ARG D 173 -32.47 23.48 -31.74
N LEU D 174 -32.92 23.41 -33.00
CA LEU D 174 -33.79 24.46 -33.50
C LEU D 174 -35.11 24.49 -32.74
N VAL D 175 -35.68 23.31 -32.46
CA VAL D 175 -36.91 23.27 -31.68
C VAL D 175 -36.67 23.76 -30.25
N ASN D 176 -35.56 23.35 -29.64
CA ASN D 176 -35.27 23.77 -28.27
C ASN D 176 -34.93 25.24 -28.15
N LYS D 177 -34.57 25.90 -29.25
CA LYS D 177 -34.27 27.32 -29.18
C LYS D 177 -35.54 28.16 -29.05
N TYR D 178 -36.58 27.80 -29.80
CA TYR D 178 -37.82 28.58 -29.76
C TYR D 178 -38.56 28.38 -28.44
N VAL D 179 -38.63 27.15 -27.95
CA VAL D 179 -39.33 26.83 -26.72
C VAL D 179 -38.33 26.25 -25.72
N ASP D 180 -38.30 26.84 -24.51
CA ASP D 180 -37.36 26.41 -23.48
C ASP D 180 -37.80 25.14 -22.77
N ASN D 181 -39.00 24.61 -23.07
CA ASN D 181 -39.52 23.42 -22.42
C ASN D 181 -39.54 22.22 -23.38
N ALA D 182 -38.63 22.20 -24.35
CA ALA D 182 -38.59 21.11 -25.31
C ALA D 182 -38.12 19.83 -24.65
N SER D 183 -38.73 18.71 -25.04
CA SER D 183 -38.36 17.41 -24.53
C SER D 183 -37.21 16.84 -25.35
N LEU D 184 -36.53 15.85 -24.78
CA LEU D 184 -35.38 15.22 -25.40
C LEU D 184 -35.47 13.71 -25.25
N PRO D 185 -34.87 12.95 -26.15
CA PRO D 185 -34.84 11.50 -26.00
C PRO D 185 -33.85 11.08 -24.93
N LEU D 186 -34.11 9.91 -24.34
CA LEU D 186 -33.27 9.36 -23.29
C LEU D 186 -32.45 8.22 -23.83
N MET D 187 -31.14 8.25 -23.58
CA MET D 187 -30.24 7.15 -23.94
C MET D 187 -29.34 6.86 -22.76
N ALA D 188 -29.45 5.64 -22.22
CA ALA D 188 -28.69 5.24 -21.05
C ALA D 188 -28.15 3.84 -21.27
N TYR D 189 -27.09 3.51 -20.53
CA TYR D 189 -26.41 2.22 -20.66
C TYR D 189 -25.94 1.77 -19.29
N TYR D 190 -26.44 0.62 -18.84
CA TYR D 190 -26.08 0.04 -17.55
C TYR D 190 -25.15 -1.14 -17.78
N SER D 191 -23.89 -0.99 -17.39
CA SER D 191 -22.88 -2.00 -17.62
C SER D 191 -22.62 -2.80 -16.35
N ILE D 192 -21.62 -3.68 -16.40
CA ILE D 192 -21.24 -4.48 -15.24
C ILE D 192 -20.70 -3.58 -14.12
N ALA D 193 -20.15 -2.43 -14.46
CA ALA D 193 -19.62 -1.49 -13.47
C ALA D 193 -20.71 -0.93 -12.56
N ARG D 194 -21.95 -1.35 -12.79
CA ARG D 194 -23.05 -1.01 -11.89
C ARG D 194 -22.77 -1.47 -10.47
N SER D 195 -21.95 -2.50 -10.30
CA SER D 195 -21.60 -3.03 -8.99
C SER D 195 -20.51 -2.16 -8.34
N TYR D 196 -19.88 -2.71 -7.31
CA TYR D 196 -18.84 -2.08 -6.50
C TYR D 196 -19.36 -0.92 -5.67
N ILE D 197 -18.75 -0.73 -4.50
CA ILE D 197 -19.18 0.24 -3.49
C ILE D 197 -20.69 0.29 -3.39
N GLY D 198 -21.31 -0.86 -3.09
CA GLY D 198 -22.75 -0.94 -2.92
C GLY D 198 -23.53 -0.39 -4.08
N GLY D 199 -22.97 -0.50 -5.27
CA GLY D 199 -23.51 0.17 -6.43
C GLY D 199 -23.08 1.62 -6.46
N GLY D 200 -23.69 2.44 -5.60
CA GLY D 200 -23.23 3.79 -5.39
C GLY D 200 -23.23 4.16 -3.92
N VAL D 201 -23.84 3.32 -3.09
CA VAL D 201 -24.05 3.62 -1.68
C VAL D 201 -22.76 3.36 -0.92
N ASP D 202 -22.49 4.21 0.08
CA ASP D 202 -21.29 4.10 0.91
C ASP D 202 -20.02 4.26 0.08
N ARG D 203 -19.95 5.37 -0.64
CA ARG D 203 -18.79 5.67 -1.47
C ARG D 203 -17.77 6.52 -0.70
N THR D 212 -26.61 23.18 -7.44
CA THR D 212 -27.27 21.92 -7.13
C THR D 212 -27.64 21.17 -8.41
N VAL D 213 -28.65 20.31 -8.32
CA VAL D 213 -29.11 19.53 -9.47
C VAL D 213 -30.47 20.05 -9.92
N TRP D 214 -30.47 21.03 -10.83
CA TRP D 214 -31.70 21.58 -11.39
C TRP D 214 -31.69 21.74 -12.90
N SER D 215 -30.53 21.81 -13.54
CA SER D 215 -30.48 22.05 -14.97
C SER D 215 -30.90 20.81 -15.75
N LYS D 216 -31.64 21.02 -16.85
CA LYS D 216 -32.04 19.93 -17.72
C LYS D 216 -30.87 19.37 -18.52
N PHE D 217 -29.79 20.13 -18.66
CA PHE D 217 -28.60 19.68 -19.38
C PHE D 217 -27.60 18.95 -18.50
N ASP D 218 -27.87 18.84 -17.19
CA ASP D 218 -26.97 18.11 -16.32
C ASP D 218 -27.04 16.61 -16.60
N VAL D 219 -28.25 16.06 -16.69
CA VAL D 219 -28.41 14.64 -16.97
C VAL D 219 -27.99 14.32 -18.39
N TYR D 220 -28.27 15.21 -19.33
CA TYR D 220 -27.94 15.00 -20.72
C TYR D 220 -26.57 15.63 -21.01
N ASP D 221 -26.20 15.68 -22.29
CA ASP D 221 -25.01 16.39 -22.76
C ASP D 221 -23.74 15.90 -22.07
N GLU D 222 -23.29 16.64 -21.04
CA GLU D 222 -22.01 16.35 -20.40
C GLU D 222 -22.02 14.96 -19.77
N ILE D 223 -23.12 14.58 -19.12
CA ILE D 223 -23.19 13.28 -18.47
C ILE D 223 -23.16 12.19 -19.53
N GLU D 224 -22.31 11.18 -19.31
CA GLU D 224 -22.13 10.10 -20.27
C GLU D 224 -23.26 9.09 -20.13
N PHE D 225 -23.12 7.94 -20.77
CA PHE D 225 -24.15 6.91 -20.76
C PHE D 225 -24.00 5.94 -19.60
N ASP D 226 -22.78 5.72 -19.12
CA ASP D 226 -22.54 4.76 -18.05
C ASP D 226 -22.89 5.39 -16.70
N ARG D 227 -22.54 4.69 -15.62
CA ARG D 227 -22.86 5.14 -14.26
C ARG D 227 -21.59 5.20 -13.42
N ASN D 228 -21.47 6.28 -12.63
CA ASN D 228 -20.35 6.44 -11.72
C ASN D 228 -20.76 6.55 -10.27
N ASP D 229 -21.75 7.40 -9.95
CA ASP D 229 -22.14 7.62 -8.56
C ASP D 229 -23.59 8.09 -8.51
N PHE D 230 -24.17 8.00 -7.30
CA PHE D 230 -25.56 8.40 -7.08
C PHE D 230 -25.71 9.56 -6.10
N THR D 231 -24.62 10.24 -5.72
CA THR D 231 -24.74 11.32 -4.74
C THR D 231 -25.62 12.44 -5.25
N ASP D 232 -25.64 12.65 -6.57
CA ASP D 232 -26.51 13.67 -7.13
C ASP D 232 -27.97 13.31 -6.93
N PHE D 233 -28.29 12.01 -6.84
CA PHE D 233 -29.66 11.63 -6.55
C PHE D 233 -30.03 12.05 -5.13
N PHE D 234 -29.09 11.92 -4.20
CA PHE D 234 -29.34 12.31 -2.82
C PHE D 234 -29.57 13.82 -2.72
N GLN D 235 -28.71 14.61 -3.38
CA GLN D 235 -28.90 16.05 -3.34
C GLN D 235 -30.19 16.46 -4.05
N TRP D 236 -30.51 15.80 -5.16
CA TRP D 236 -31.74 16.11 -5.87
C TRP D 236 -32.95 15.82 -4.99
N LEU D 237 -32.93 14.71 -4.25
CA LEU D 237 -34.04 14.38 -3.36
C LEU D 237 -34.15 15.41 -2.25
N VAL D 238 -33.01 15.89 -1.75
CA VAL D 238 -33.04 16.91 -0.70
C VAL D 238 -33.70 18.19 -1.23
N PHE D 239 -33.32 18.60 -2.44
CA PHE D 239 -33.93 19.79 -3.04
C PHE D 239 -35.42 19.58 -3.27
N LEU D 240 -35.81 18.37 -3.70
CA LEU D 240 -37.21 18.08 -3.91
C LEU D 240 -37.99 18.20 -2.62
N HIS D 241 -37.44 17.71 -1.51
CA HIS D 241 -38.16 17.77 -0.24
C HIS D 241 -38.25 19.21 0.23
N ASN D 242 -37.17 19.98 0.06
CA ASN D 242 -37.17 21.36 0.52
C ASN D 242 -38.23 22.17 -0.22
N ARG D 243 -38.31 22.00 -1.54
CA ARG D 243 -39.33 22.73 -2.27
C ARG D 243 -40.72 22.17 -1.96
N ALA D 244 -40.79 20.88 -1.59
CA ALA D 244 -42.07 20.25 -1.30
C ALA D 244 -42.70 20.86 -0.07
N SER D 245 -41.90 21.08 0.98
CA SER D 245 -42.47 21.59 2.22
C SER D 245 -42.84 23.06 2.07
N GLN D 246 -42.00 23.83 1.37
CA GLN D 246 -42.24 25.28 1.27
C GLN D 246 -43.43 25.58 0.37
N GLU D 247 -43.49 24.93 -0.79
CA GLU D 247 -44.52 25.26 -1.78
C GLU D 247 -45.85 24.57 -1.48
N LYS D 248 -45.85 23.24 -1.46
CA LYS D 248 -47.11 22.51 -1.33
C LYS D 248 -47.68 22.61 0.09
N LEU D 249 -46.83 22.48 1.10
CA LEU D 249 -47.29 22.51 2.48
C LEU D 249 -47.34 23.92 3.06
N SER D 250 -47.06 24.95 2.26
CA SER D 250 -47.05 26.34 2.69
C SER D 250 -46.03 26.47 3.81
N GLU D 251 -46.41 26.96 5.00
CA GLU D 251 -45.48 27.12 6.13
C GLU D 251 -44.30 28.01 5.76
N SER D 252 -44.51 28.96 4.85
CA SER D 252 -43.47 29.87 4.42
C SER D 252 -43.92 31.33 4.33
N GLN D 253 -45.22 31.60 4.38
CA GLN D 253 -45.77 32.96 4.28
C GLN D 253 -45.28 33.56 2.96
N THR D 254 -44.74 34.77 2.94
CA THR D 254 -44.23 35.39 1.73
C THR D 254 -42.83 34.83 1.47
N THR D 255 -42.78 33.67 0.80
CA THR D 255 -41.51 33.04 0.49
C THR D 255 -40.68 33.89 -0.46
N ILE D 256 -41.33 34.52 -1.45
CA ILE D 256 -40.61 35.37 -2.38
C ILE D 256 -39.99 36.56 -1.67
N ASN D 257 -40.76 37.20 -0.78
CA ASN D 257 -40.24 38.35 -0.04
C ASN D 257 -39.11 37.93 0.88
N ALA D 258 -39.26 36.78 1.55
CA ALA D 258 -38.20 36.31 2.45
C ALA D 258 -36.93 35.99 1.70
N LEU D 259 -37.04 35.34 0.54
CA LEU D 259 -35.85 35.01 -0.24
C LEU D 259 -35.21 36.27 -0.82
N PHE D 260 -36.00 37.25 -1.24
CA PHE D 260 -35.43 38.50 -1.70
C PHE D 260 -34.71 39.23 -0.57
N SER D 261 -35.29 39.22 0.62
CA SER D 261 -34.60 39.81 1.77
C SER D 261 -33.33 39.05 2.10
N ASP D 262 -33.32 37.73 1.87
CA ASP D 262 -32.10 36.96 2.08
C ASP D 262 -31.03 37.36 1.08
N ILE D 263 -31.43 37.63 -0.17
CA ILE D 263 -30.48 38.07 -1.19
C ILE D 263 -29.92 39.44 -0.81
N GLN D 264 -30.79 40.34 -0.35
CA GLN D 264 -30.32 41.66 0.08
C GLN D 264 -29.38 41.55 1.28
N SER D 265 -29.70 40.67 2.23
CA SER D 265 -28.84 40.49 3.39
C SER D 265 -27.49 39.93 2.97
N LEU D 266 -27.48 39.01 2.00
CA LEU D 266 -26.22 38.45 1.51
C LEU D 266 -25.37 39.53 0.85
N LYS D 267 -26.01 40.39 0.06
CA LYS D 267 -25.28 41.48 -0.58
C LYS D 267 -24.74 42.46 0.46
N ALA D 268 -25.54 42.78 1.48
CA ALA D 268 -25.08 43.68 2.52
C ALA D 268 -23.90 43.08 3.28
N THR D 269 -23.97 41.78 3.59
CA THR D 269 -22.87 41.12 4.30
C THR D 269 -21.62 41.12 3.45
N LEU D 270 -21.75 40.86 2.15
CA LEU D 270 -20.60 40.87 1.26
C LEU D 270 -19.98 42.26 1.20
N THR D 271 -20.81 43.31 1.12
CA THR D 271 -20.30 44.66 1.11
C THR D 271 -19.58 45.01 2.40
N GLN D 272 -20.15 44.61 3.53
CA GLN D 272 -19.55 44.88 4.84
C GLN D 272 -19.96 43.83 5.85
N VAL D 283 -12.99 33.56 -0.60
CA VAL D 283 -14.19 33.79 0.20
C VAL D 283 -15.14 34.74 -0.53
N ILE D 284 -14.56 35.69 -1.28
CA ILE D 284 -15.37 36.63 -2.03
C ILE D 284 -16.17 35.91 -3.11
N LYS D 285 -15.53 34.97 -3.81
CA LYS D 285 -16.24 34.21 -4.83
C LYS D 285 -17.37 33.39 -4.22
N GLY D 286 -17.12 32.78 -3.05
CA GLY D 286 -18.18 32.02 -2.40
C GLY D 286 -19.34 32.91 -2.01
N LEU D 287 -19.05 34.12 -1.54
CA LEU D 287 -20.11 35.05 -1.18
C LEU D 287 -20.93 35.45 -2.40
N GLU D 288 -20.26 35.69 -3.53
CA GLU D 288 -20.97 36.03 -4.75
C GLU D 288 -21.84 34.86 -5.22
N LEU D 289 -21.32 33.63 -5.12
CA LEU D 289 -22.11 32.47 -5.49
C LEU D 289 -23.32 32.33 -4.57
N SER D 290 -23.15 32.60 -3.28
CA SER D 290 -24.26 32.54 -2.35
C SER D 290 -25.31 33.58 -2.70
N LEU D 291 -24.87 34.78 -3.09
CA LEU D 291 -25.82 35.82 -3.50
C LEU D 291 -26.59 35.40 -4.75
N LYS D 292 -25.91 34.78 -5.71
CA LYS D 292 -26.59 34.29 -6.90
C LYS D 292 -27.59 33.20 -6.56
N GLU D 293 -27.22 32.31 -5.64
CA GLU D 293 -28.12 31.25 -5.21
C GLU D 293 -29.35 31.84 -4.53
N LYS D 294 -29.15 32.86 -3.69
CA LYS D 294 -30.28 33.52 -3.05
C LYS D 294 -31.18 34.19 -4.07
N LEU D 295 -30.60 34.79 -5.12
CA LEU D 295 -31.42 35.38 -6.17
C LEU D 295 -32.23 34.31 -6.90
N ASN D 296 -31.61 33.16 -7.15
CA ASN D 296 -32.33 32.07 -7.80
C ASN D 296 -33.49 31.59 -6.92
N TYR D 297 -33.26 31.48 -5.61
CA TYR D 297 -34.36 31.12 -4.72
C TYR D 297 -35.41 32.22 -4.68
N MET D 298 -34.99 33.47 -4.83
CA MET D 298 -35.93 34.60 -4.86
C MET D 298 -36.77 34.57 -6.13
N LYS D 299 -36.35 33.82 -7.13
CA LYS D 299 -37.12 33.72 -8.37
C LYS D 299 -38.26 32.70 -8.26
N SER D 300 -38.61 32.32 -7.03
CA SER D 300 -39.72 31.39 -6.85
C SER D 300 -41.03 31.98 -7.35
N LEU D 301 -41.27 33.26 -7.05
CA LEU D 301 -42.47 33.89 -7.59
C LEU D 301 -42.34 34.09 -9.09
N GLN D 302 -41.10 34.20 -9.59
CA GLN D 302 -40.88 34.34 -11.02
C GLN D 302 -41.37 33.09 -11.75
N SER D 303 -41.05 31.91 -11.20
CA SER D 303 -41.55 30.67 -11.78
C SER D 303 -43.07 30.61 -11.67
N GLY D 304 -43.57 30.48 -10.44
CA GLY D 304 -45.00 30.56 -10.16
C GLY D 304 -45.90 29.63 -10.96
N GLU D 305 -45.84 28.32 -10.70
CA GLU D 305 -46.69 27.37 -11.39
C GLU D 305 -47.74 26.76 -10.49
N HIS D 306 -47.34 26.16 -9.37
CA HIS D 306 -48.25 25.58 -8.39
C HIS D 306 -49.27 24.64 -9.04
N LYS D 307 -48.82 23.88 -10.04
CA LYS D 307 -49.72 23.07 -10.84
C LYS D 307 -49.98 21.74 -10.15
N PHE D 308 -50.67 20.83 -10.85
CA PHE D 308 -50.91 19.50 -10.32
C PHE D 308 -49.62 18.71 -10.15
N ASN D 309 -48.64 18.95 -11.03
CA ASN D 309 -47.32 18.33 -10.92
C ASN D 309 -46.39 19.14 -10.02
N ASN D 310 -46.85 19.41 -8.81
CA ASN D 310 -46.07 20.18 -7.85
C ASN D 310 -44.95 19.31 -7.27
N ALA D 311 -44.21 19.88 -6.32
CA ALA D 311 -43.11 19.16 -5.70
C ALA D 311 -43.59 17.96 -4.90
N VAL D 312 -44.71 18.11 -4.19
CA VAL D 312 -45.20 17.00 -3.38
C VAL D 312 -45.68 15.86 -4.28
N SER D 313 -46.27 16.18 -5.43
CA SER D 313 -46.74 15.13 -6.32
C SER D 313 -45.56 14.34 -6.87
N LEU D 314 -44.48 15.04 -7.20
CA LEU D 314 -43.28 14.35 -7.69
C LEU D 314 -42.69 13.47 -6.59
N TYR D 315 -42.68 13.99 -5.36
CA TYR D 315 -42.14 13.21 -4.25
C TYR D 315 -42.93 11.93 -4.04
N ASP D 316 -44.26 12.04 -4.08
CA ASP D 316 -45.11 10.87 -3.92
C ASP D 316 -44.92 9.89 -5.06
N SER D 317 -44.79 10.40 -6.29
CA SER D 317 -44.65 9.51 -7.43
C SER D 317 -43.33 8.76 -7.37
N VAL D 318 -42.27 9.44 -6.93
CA VAL D 318 -40.96 8.81 -6.86
C VAL D 318 -40.96 7.72 -5.79
N ILE D 319 -41.52 8.03 -4.62
CA ILE D 319 -41.47 7.06 -3.54
C ILE D 319 -42.36 5.86 -3.89
N ASN D 320 -43.57 6.12 -4.38
CA ASN D 320 -44.46 5.01 -4.70
C ASN D 320 -43.89 4.17 -5.83
N THR D 321 -43.15 4.79 -6.76
CA THR D 321 -42.53 4.03 -7.83
C THR D 321 -41.47 3.10 -7.27
N ILE D 322 -40.66 3.60 -6.33
CA ILE D 322 -39.59 2.78 -5.77
C ILE D 322 -40.18 1.61 -4.99
N LEU D 323 -41.23 1.87 -4.21
CA LEU D 323 -41.81 0.85 -3.34
C LEU D 323 -42.38 -0.35 -4.11
N LYS D 324 -42.72 -0.18 -5.39
CA LYS D 324 -43.25 -1.29 -6.17
C LYS D 324 -42.21 -2.40 -6.35
N PHE D 325 -40.94 -2.05 -6.54
CA PHE D 325 -39.91 -3.05 -6.73
C PHE D 325 -39.41 -3.66 -5.43
N LEU D 326 -39.81 -3.13 -4.28
CA LEU D 326 -39.40 -3.65 -2.97
C LEU D 326 -40.66 -3.92 -2.17
N PRO D 327 -41.35 -5.03 -2.45
CA PRO D 327 -42.62 -5.30 -1.75
C PRO D 327 -42.47 -5.55 -0.27
N GLU D 328 -41.28 -5.94 0.21
CA GLU D 328 -41.12 -6.28 1.62
C GLU D 328 -41.25 -5.05 2.51
N PHE D 329 -40.72 -3.92 2.06
CA PHE D 329 -40.67 -2.71 2.89
C PHE D 329 -42.05 -2.06 2.97
N GLN D 330 -42.18 -1.15 3.93
CA GLN D 330 -43.44 -0.48 4.22
C GLN D 330 -43.44 0.99 3.85
N TRP D 331 -42.46 1.75 4.32
CA TRP D 331 -42.37 3.16 3.96
C TRP D 331 -40.92 3.60 3.98
N ILE D 332 -40.62 4.64 3.19
CA ILE D 332 -39.31 5.24 3.10
C ILE D 332 -39.45 6.72 3.43
N LYS D 333 -38.61 7.22 4.33
CA LYS D 333 -38.75 8.60 4.78
C LYS D 333 -37.37 9.25 4.88
N LEU D 334 -37.37 10.58 4.80
CA LEU D 334 -36.16 11.39 4.94
C LEU D 334 -36.19 12.06 6.30
N VAL D 335 -35.11 11.88 7.07
CA VAL D 335 -35.06 12.33 8.46
C VAL D 335 -33.94 13.36 8.59
N TYR D 336 -34.26 14.49 9.21
CA TYR D 336 -33.30 15.54 9.49
C TYR D 336 -32.89 15.47 10.96
N GLY D 337 -31.58 15.34 11.20
CA GLY D 337 -31.04 15.30 12.54
C GLY D 337 -29.55 15.49 12.55
N ASP D 338 -29.02 16.09 13.61
CA ASP D 338 -27.59 16.34 13.75
C ASP D 338 -27.05 17.13 12.56
N ASP D 339 -27.84 18.09 12.09
CA ASP D 339 -27.46 18.94 10.96
C ASP D 339 -27.14 18.09 9.73
N ASP D 340 -27.92 17.03 9.51
CA ASP D 340 -27.70 16.18 8.35
C ASP D 340 -28.98 15.41 8.05
N TYR D 341 -29.06 14.89 6.83
CA TYR D 341 -30.21 14.13 6.37
C TYR D 341 -29.84 12.67 6.19
N LYS D 342 -30.79 11.79 6.52
CA LYS D 342 -30.59 10.35 6.35
C LYS D 342 -31.88 9.71 5.87
N ILE D 343 -31.73 8.58 5.19
CA ILE D 343 -32.86 7.84 4.63
C ILE D 343 -33.20 6.70 5.58
N ILE D 344 -34.47 6.61 5.96
CA ILE D 344 -34.95 5.63 6.94
C ILE D 344 -35.96 4.74 6.24
N LEU D 345 -35.78 3.43 6.39
CA LEU D 345 -36.64 2.41 5.81
C LEU D 345 -37.29 1.59 6.92
N LYS D 346 -38.47 1.06 6.62
CA LYS D 346 -39.22 0.22 7.54
C LYS D 346 -39.28 -1.19 6.98
N LYS D 347 -38.85 -2.17 7.78
CA LYS D 347 -38.95 -3.57 7.38
C LYS D 347 -39.50 -4.35 8.55
N GLY D 348 -40.69 -4.94 8.38
CA GLY D 348 -41.29 -5.63 9.49
C GLY D 348 -41.62 -4.61 10.56
N GLU D 349 -40.85 -4.64 11.65
CA GLU D 349 -41.02 -3.73 12.77
C GLU D 349 -39.70 -3.08 13.16
N VAL D 350 -38.71 -3.10 12.26
CA VAL D 350 -37.39 -2.55 12.54
C VAL D 350 -37.05 -1.45 11.54
N GLU D 351 -36.47 -0.37 12.06
CA GLU D 351 -36.01 0.77 11.28
C GLU D 351 -34.60 0.50 10.76
N LEU D 352 -34.37 0.82 9.50
CA LEU D 352 -33.10 0.51 8.85
C LEU D 352 -32.57 1.76 8.17
N ASP D 353 -31.25 1.85 8.11
CA ASP D 353 -30.59 2.91 7.37
C ASP D 353 -30.33 2.43 5.95
N ILE D 354 -29.53 3.16 5.19
CA ILE D 354 -29.25 2.76 3.82
C ILE D 354 -28.00 1.88 3.73
N GLN D 355 -27.03 2.09 4.62
CA GLN D 355 -25.81 1.29 4.59
C GLN D 355 -26.05 -0.17 4.97
N GLN D 356 -27.13 -0.46 5.70
CA GLN D 356 -27.33 -1.78 6.29
C GLN D 356 -28.14 -2.72 5.40
N LEU D 357 -28.52 -2.30 4.21
CA LEU D 357 -29.25 -3.18 3.30
C LEU D 357 -28.30 -4.20 2.67
N SER D 358 -28.88 -5.16 1.95
CA SER D 358 -28.10 -6.17 1.27
C SER D 358 -27.72 -5.67 -0.12
N GLN D 359 -26.92 -6.47 -0.84
CA GLN D 359 -26.49 -6.07 -2.18
C GLN D 359 -27.63 -6.16 -3.19
N GLY D 360 -28.53 -7.12 -3.02
CA GLY D 360 -29.62 -7.27 -3.97
C GLY D 360 -30.57 -6.09 -3.96
N GLU D 361 -30.95 -5.62 -2.77
CA GLU D 361 -31.86 -4.48 -2.74
C GLU D 361 -31.14 -3.17 -3.03
N LYS D 362 -29.81 -3.15 -2.89
CA LYS D 362 -29.06 -1.96 -3.26
C LYS D 362 -29.04 -1.79 -4.77
N THR D 363 -28.92 -2.90 -5.50
CA THR D 363 -28.83 -2.81 -6.94
C THR D 363 -30.14 -2.28 -7.51
N ILE D 364 -31.26 -2.82 -7.03
CA ILE D 364 -32.55 -2.40 -7.55
C ILE D 364 -32.85 -0.96 -7.15
N PHE D 365 -32.48 -0.58 -5.92
CA PHE D 365 -32.76 0.78 -5.48
C PHE D 365 -32.00 1.78 -6.33
N THR D 366 -30.75 1.48 -6.67
CA THR D 366 -29.95 2.43 -7.45
C THR D 366 -30.45 2.48 -8.89
N LEU D 367 -30.72 1.32 -9.49
CA LEU D 367 -31.09 1.30 -10.90
C LEU D 367 -32.41 2.01 -11.11
N VAL D 368 -33.42 1.67 -10.31
CA VAL D 368 -34.73 2.26 -10.50
C VAL D 368 -34.70 3.75 -10.17
N GLY D 369 -33.96 4.14 -9.12
CA GLY D 369 -33.94 5.56 -8.78
C GLY D 369 -33.31 6.40 -9.87
N ASP D 370 -32.21 5.91 -10.47
CA ASP D 370 -31.59 6.72 -11.53
C ASP D 370 -32.46 6.73 -12.79
N LEU D 371 -33.13 5.62 -13.08
CA LEU D 371 -33.99 5.58 -14.26
C LEU D 371 -35.13 6.58 -14.12
N ALA D 372 -35.74 6.64 -12.94
CA ALA D 372 -36.82 7.60 -12.78
C ALA D 372 -36.30 9.02 -12.68
N ARG D 373 -35.04 9.21 -12.25
CA ARG D 373 -34.50 10.55 -12.14
C ARG D 373 -34.29 11.17 -13.51
N ARG D 374 -33.89 10.37 -14.49
CA ARG D 374 -33.63 10.96 -15.79
C ARG D 374 -34.94 11.35 -16.48
N LEU D 375 -35.95 10.49 -16.41
CA LEU D 375 -37.21 10.83 -17.04
C LEU D 375 -37.88 12.01 -16.34
N ILE D 376 -37.87 12.01 -15.00
CA ILE D 376 -38.46 13.10 -14.25
C ILE D 376 -37.72 14.41 -14.50
N LEU D 377 -36.49 14.35 -15.04
CA LEU D 377 -35.68 15.55 -15.18
C LEU D 377 -35.59 16.07 -16.60
N LEU D 378 -35.81 15.23 -17.60
CA LEU D 378 -35.73 15.64 -18.99
C LEU D 378 -37.08 15.92 -19.64
N ASN D 379 -38.19 15.72 -18.94
CA ASN D 379 -39.54 15.93 -19.47
C ASN D 379 -40.32 16.80 -18.51
N PRO D 380 -40.08 18.11 -18.52
CA PRO D 380 -40.67 19.00 -17.52
C PRO D 380 -42.09 19.47 -17.84
N ASN D 381 -42.78 18.85 -18.80
CA ASN D 381 -44.12 19.30 -19.18
C ASN D 381 -45.17 18.19 -19.21
N LEU D 382 -44.77 16.92 -19.20
CA LEU D 382 -45.75 15.84 -19.19
C LEU D 382 -46.50 15.82 -17.87
N SER D 383 -47.80 15.53 -17.94
CA SER D 383 -48.58 15.37 -16.71
C SER D 383 -48.06 14.20 -15.89
N ASN D 384 -47.74 13.09 -16.55
CA ASN D 384 -47.03 11.97 -15.93
C ASN D 384 -45.69 11.83 -16.63
N PRO D 385 -44.62 12.39 -16.08
CA PRO D 385 -43.34 12.41 -16.80
C PRO D 385 -42.72 11.05 -17.03
N LEU D 386 -43.25 9.98 -16.44
CA LEU D 386 -42.79 8.64 -16.80
C LEU D 386 -43.51 8.17 -18.05
N LEU D 387 -43.50 9.00 -19.09
CA LEU D 387 -44.14 8.66 -20.35
C LEU D 387 -43.34 9.13 -21.56
N GLY D 388 -42.06 9.42 -21.38
CA GLY D 388 -41.22 9.87 -22.47
C GLY D 388 -40.81 8.73 -23.37
N TYR D 389 -39.87 9.03 -24.27
CA TYR D 389 -39.38 8.05 -25.23
C TYR D 389 -37.86 7.93 -25.11
N GLY D 390 -37.35 6.74 -25.42
CA GLY D 390 -35.92 6.53 -25.36
C GLY D 390 -35.57 5.06 -25.52
N ILE D 391 -34.29 4.77 -25.28
CA ILE D 391 -33.74 3.43 -25.40
C ILE D 391 -32.82 3.17 -24.23
N VAL D 392 -32.94 1.97 -23.64
CA VAL D 392 -32.16 1.56 -22.48
C VAL D 392 -31.50 0.22 -22.79
N LEU D 393 -30.22 0.10 -22.45
CA LEU D 393 -29.44 -1.12 -22.64
C LEU D 393 -29.02 -1.64 -21.27
N ILE D 394 -29.32 -2.91 -21.01
CA ILE D 394 -29.02 -3.55 -19.73
C ILE D 394 -28.24 -4.83 -20.00
N ASP D 395 -27.15 -5.04 -19.26
CA ASP D 395 -26.33 -6.22 -19.38
C ASP D 395 -26.41 -7.02 -18.08
N GLU D 396 -26.74 -8.30 -18.19
CA GLU D 396 -26.77 -9.21 -17.04
C GLU D 396 -27.70 -8.70 -15.94
N ILE D 397 -28.99 -8.61 -16.30
CA ILE D 397 -29.99 -8.11 -15.39
C ILE D 397 -30.13 -8.98 -14.14
N ASP D 398 -29.64 -10.22 -14.20
CA ASP D 398 -29.84 -11.20 -13.14
C ASP D 398 -28.67 -11.24 -12.16
N LEU D 399 -28.08 -10.10 -11.86
CA LEU D 399 -26.98 -10.02 -10.90
C LEU D 399 -27.55 -9.86 -9.50
N HIS D 400 -27.20 -10.81 -8.61
CA HIS D 400 -27.59 -10.77 -7.20
C HIS D 400 -29.11 -10.75 -7.03
N LEU D 401 -29.78 -11.72 -7.65
CA LEU D 401 -31.22 -11.86 -7.52
C LEU D 401 -31.59 -13.32 -7.39
N HIS D 402 -32.46 -13.64 -6.43
CA HIS D 402 -32.94 -15.01 -6.32
C HIS D 402 -33.99 -15.29 -7.39
N PRO D 403 -34.25 -16.56 -7.70
CA PRO D 403 -35.16 -16.86 -8.82
C PRO D 403 -36.56 -16.27 -8.66
N GLN D 404 -37.04 -16.11 -7.43
CA GLN D 404 -38.37 -15.53 -7.26
C GLN D 404 -38.40 -14.10 -7.77
N TRP D 405 -37.34 -13.34 -7.52
CA TRP D 405 -37.31 -11.98 -8.04
C TRP D 405 -37.08 -12.00 -9.55
N GLN D 406 -36.36 -13.01 -10.03
CA GLN D 406 -36.05 -13.11 -11.45
C GLN D 406 -37.29 -13.40 -12.28
N GLN D 407 -38.34 -13.94 -11.67
CA GLN D 407 -39.54 -14.30 -12.42
C GLN D 407 -40.49 -13.13 -12.67
N THR D 408 -40.21 -11.95 -12.13
CA THR D 408 -41.13 -10.83 -12.28
C THR D 408 -40.49 -9.47 -12.56
N ILE D 409 -39.17 -9.39 -12.71
CA ILE D 409 -38.51 -8.11 -12.93
C ILE D 409 -38.82 -7.56 -14.32
N ILE D 410 -38.85 -8.42 -15.34
CA ILE D 410 -39.01 -7.92 -16.70
C ILE D 410 -40.42 -7.38 -16.93
N GLU D 411 -41.45 -8.09 -16.44
CA GLU D 411 -42.79 -7.59 -16.67
C GLU D 411 -43.04 -6.33 -15.87
N ARG D 412 -42.39 -6.20 -14.71
CA ARG D 412 -42.59 -5.01 -13.89
C ARG D 412 -41.97 -3.81 -14.59
N LEU D 413 -40.76 -3.99 -15.13
CA LEU D 413 -40.10 -2.86 -15.77
C LEU D 413 -40.85 -2.47 -17.02
N THR D 414 -41.36 -3.45 -17.76
CA THR D 414 -42.08 -3.14 -19.00
C THR D 414 -43.36 -2.38 -18.68
N SER D 415 -44.05 -2.80 -17.62
CA SER D 415 -45.33 -2.18 -17.26
C SER D 415 -45.16 -0.76 -16.77
N THR D 416 -44.11 -0.51 -15.97
CA THR D 416 -43.97 0.81 -15.37
C THR D 416 -43.49 1.87 -16.36
N PHE D 417 -42.64 1.51 -17.33
CA PHE D 417 -42.12 2.43 -18.35
C PHE D 417 -42.61 1.96 -19.71
N PRO D 418 -43.82 2.34 -20.11
CA PRO D 418 -44.38 1.79 -21.36
C PRO D 418 -43.72 2.30 -22.64
N ASN D 419 -43.49 3.59 -22.76
CA ASN D 419 -43.02 4.15 -24.03
C ASN D 419 -41.49 4.22 -24.08
N VAL D 420 -40.82 3.12 -23.75
CA VAL D 420 -39.37 3.03 -23.82
C VAL D 420 -39.00 1.73 -24.52
N GLN D 421 -37.82 1.72 -25.13
CA GLN D 421 -37.31 0.53 -25.82
C GLN D 421 -36.21 -0.08 -24.97
N PHE D 422 -36.33 -1.38 -24.70
CA PHE D 422 -35.41 -2.09 -23.83
C PHE D 422 -34.62 -3.12 -24.60
N VAL D 423 -33.31 -3.18 -24.36
CA VAL D 423 -32.45 -4.22 -24.92
C VAL D 423 -31.68 -4.85 -23.77
N ILE D 424 -31.92 -6.14 -23.52
CA ILE D 424 -31.36 -6.84 -22.37
C ILE D 424 -30.72 -8.15 -22.81
N THR D 425 -29.71 -8.59 -22.05
CA THR D 425 -29.04 -9.85 -22.27
C THR D 425 -29.08 -10.70 -21.00
N THR D 426 -29.15 -12.02 -21.19
CA THR D 426 -29.25 -12.96 -20.08
C THR D 426 -28.59 -14.27 -20.44
N HIS D 427 -28.36 -15.10 -19.42
CA HIS D 427 -27.99 -16.50 -19.66
C HIS D 427 -28.71 -17.45 -18.71
N SER D 428 -29.63 -16.97 -17.88
CA SER D 428 -30.35 -17.80 -16.91
C SER D 428 -31.66 -18.31 -17.51
N PRO D 429 -31.93 -19.61 -17.47
CA PRO D 429 -33.19 -20.12 -18.03
C PRO D 429 -34.43 -19.59 -17.33
N GLN D 430 -34.33 -19.20 -16.07
CA GLN D 430 -35.50 -18.70 -15.36
C GLN D 430 -35.99 -17.41 -15.99
N VAL D 431 -35.08 -16.53 -16.38
CA VAL D 431 -35.51 -15.28 -17.01
C VAL D 431 -36.11 -15.57 -18.37
N LEU D 432 -35.53 -16.53 -19.10
CA LEU D 432 -35.97 -16.83 -20.45
C LEU D 432 -37.37 -17.45 -20.46
N SER D 433 -37.72 -18.17 -19.40
CA SER D 433 -38.97 -18.92 -19.41
C SER D 433 -40.21 -18.05 -19.40
N THR D 434 -40.06 -16.74 -19.14
CA THR D 434 -41.21 -15.84 -19.04
C THR D 434 -41.24 -14.80 -20.15
N VAL D 435 -40.48 -14.99 -21.22
CA VAL D 435 -40.39 -14.04 -22.33
C VAL D 435 -41.15 -14.59 -23.52
N SER D 436 -41.85 -13.71 -24.24
CA SER D 436 -42.59 -14.10 -25.42
C SER D 436 -41.65 -14.58 -26.52
N SER D 437 -42.20 -15.42 -27.41
CA SER D 437 -41.38 -16.06 -28.44
C SER D 437 -40.94 -15.10 -29.53
N ARG D 438 -41.61 -13.96 -29.70
CA ARG D 438 -41.27 -13.02 -30.75
C ARG D 438 -40.22 -12.00 -30.31
N SER D 439 -39.75 -12.07 -29.08
CA SER D 439 -38.81 -11.10 -28.55
C SER D 439 -37.44 -11.68 -28.23
N VAL D 440 -37.24 -12.98 -28.43
CA VAL D 440 -36.00 -13.64 -28.05
C VAL D 440 -35.13 -13.87 -29.28
N ARG D 441 -33.82 -13.82 -29.08
CA ARG D 441 -32.83 -14.09 -30.10
C ARG D 441 -31.77 -15.01 -29.52
N ILE D 442 -31.41 -16.06 -30.26
CA ILE D 442 -30.48 -17.07 -29.76
C ILE D 442 -29.22 -17.02 -30.61
N LEU D 443 -28.07 -16.95 -29.94
CA LEU D 443 -26.78 -16.93 -30.61
C LEU D 443 -26.19 -18.33 -30.66
N GLN D 444 -25.58 -18.66 -31.79
CA GLN D 444 -24.94 -19.96 -31.99
C GLN D 444 -23.60 -19.76 -32.69
N GLU D 445 -22.70 -20.70 -32.48
CA GLU D 445 -21.39 -20.71 -33.14
C GLU D 445 -21.42 -21.85 -34.15
N VAL D 446 -21.45 -21.52 -35.44
CA VAL D 446 -21.54 -22.53 -36.48
C VAL D 446 -20.28 -22.44 -37.34
N GLU D 447 -19.62 -23.59 -37.53
CA GLU D 447 -18.41 -23.66 -38.33
C GLU D 447 -18.77 -23.93 -39.78
N VAL D 448 -18.51 -22.94 -40.65
CA VAL D 448 -18.77 -23.03 -42.07
C VAL D 448 -17.46 -22.85 -42.80
N ASP D 449 -17.16 -23.78 -43.73
CA ASP D 449 -15.93 -23.75 -44.50
C ASP D 449 -14.70 -23.74 -43.60
N GLY D 450 -14.79 -24.46 -42.48
CA GLY D 450 -13.66 -24.55 -41.58
C GLY D 450 -13.46 -23.36 -40.67
N VAL D 451 -14.34 -22.35 -40.72
CA VAL D 451 -14.23 -21.18 -39.88
C VAL D 451 -15.52 -21.02 -39.09
N ASN D 452 -15.40 -20.89 -37.77
CA ASN D 452 -16.57 -20.73 -36.90
C ASN D 452 -17.03 -19.29 -36.94
N ASP D 453 -18.31 -19.09 -37.28
CA ASP D 453 -18.92 -17.77 -37.37
C ASP D 453 -20.18 -17.73 -36.53
N LEU D 454 -20.35 -16.61 -35.82
CA LEU D 454 -21.52 -16.41 -34.99
C LEU D 454 -22.77 -16.24 -35.85
N ILE D 455 -23.87 -16.85 -35.42
CA ILE D 455 -25.13 -16.81 -36.14
C ILE D 455 -26.23 -16.54 -35.12
N VAL D 456 -27.37 -16.07 -35.62
CA VAL D 456 -28.53 -15.81 -34.78
C VAL D 456 -29.70 -16.64 -35.28
N SER D 457 -30.66 -16.87 -34.40
CA SER D 457 -31.81 -17.68 -34.74
C SER D 457 -32.97 -17.35 -33.79
N HIS D 458 -34.15 -17.84 -34.15
CA HIS D 458 -35.37 -17.68 -33.40
C HIS D 458 -36.03 -19.03 -33.21
N PRO D 459 -36.72 -19.25 -32.07
CA PRO D 459 -37.40 -20.51 -31.81
C PRO D 459 -38.57 -20.76 -32.77
N GLN E 2 -24.72 -0.70 67.22
CA GLN E 2 -23.32 -0.30 67.34
C GLN E 2 -22.39 -1.45 66.95
N LEU E 3 -21.48 -1.18 66.03
CA LEU E 3 -20.53 -2.18 65.56
C LEU E 3 -19.08 -1.77 65.74
N THR E 4 -18.77 -0.49 65.53
CA THR E 4 -17.39 -0.03 65.68
C THR E 4 -16.91 -0.14 67.12
N SER E 5 -17.83 -0.01 68.08
CA SER E 5 -17.45 -0.13 69.48
C SER E 5 -17.02 -1.56 69.78
N LYS E 6 -17.72 -2.55 69.23
CA LYS E 6 -17.39 -3.93 69.56
C LYS E 6 -16.00 -4.26 69.05
N ILE E 7 -15.68 -3.84 67.83
CA ILE E 7 -14.38 -4.16 67.25
C ILE E 7 -13.28 -3.44 68.00
N ILE E 8 -13.53 -2.18 68.40
CA ILE E 8 -12.52 -1.45 69.16
C ILE E 8 -12.27 -2.13 70.50
N SER E 9 -13.35 -2.51 71.20
CA SER E 9 -13.22 -3.11 72.52
C SER E 9 -12.54 -4.47 72.46
N LYS E 10 -12.88 -5.29 71.46
CA LYS E 10 -12.33 -6.65 71.39
C LYS E 10 -10.82 -6.63 71.17
N PHE E 11 -10.34 -5.73 70.31
CA PHE E 11 -8.92 -5.66 69.99
C PHE E 11 -8.18 -4.59 70.79
N ASN E 12 -8.85 -3.98 71.77
CA ASN E 12 -8.30 -2.92 72.63
C ASN E 12 -7.47 -1.93 71.83
N TYR E 13 -8.11 -1.32 70.84
CA TYR E 13 -7.51 -0.29 70.01
C TYR E 13 -7.87 1.09 70.55
N ASN E 14 -6.89 1.99 70.52
CA ASN E 14 -7.14 3.37 70.91
C ASN E 14 -7.72 4.16 69.73
N ARG E 15 -8.14 5.39 69.99
CA ARG E 15 -8.80 6.19 68.92
C ARG E 15 -7.83 6.45 67.76
N LEU E 16 -6.64 6.98 68.04
CA LEU E 16 -5.70 7.35 66.95
C LEU E 16 -5.30 6.12 66.12
N ALA E 17 -5.02 4.99 66.77
CA ALA E 17 -4.54 3.80 66.03
C ALA E 17 -5.62 3.31 65.07
N PHE E 18 -6.87 3.23 65.55
CA PHE E 18 -7.94 2.70 64.72
C PHE E 18 -8.16 3.61 63.52
N GLN E 19 -8.08 4.93 63.74
CA GLN E 19 -8.28 5.85 62.63
C GLN E 19 -7.16 5.70 61.62
N LEU E 20 -5.93 5.48 62.11
CA LEU E 20 -4.80 5.34 61.20
C LEU E 20 -4.96 4.11 60.34
N LEU E 21 -5.43 3.01 60.95
CA LEU E 21 -5.63 1.78 60.19
C LEU E 21 -6.79 1.91 59.20
N LEU E 22 -7.79 2.74 59.54
CA LEU E 22 -9.00 2.80 58.73
C LEU E 22 -8.71 3.30 57.32
N ASN E 23 -7.88 4.32 57.19
CA ASN E 23 -7.65 4.94 55.90
C ASN E 23 -6.48 4.34 55.15
N GLU E 24 -5.77 3.36 55.73
CA GLU E 24 -4.70 2.67 55.05
C GLU E 24 -4.99 1.18 54.86
N ALA E 25 -6.17 0.73 55.29
CA ALA E 25 -6.52 -0.71 55.20
C ALA E 25 -6.58 -1.23 53.76
N PRO E 26 -7.12 -0.50 52.76
CA PRO E 26 -7.32 -1.04 51.37
C PRO E 26 -6.01 -1.44 50.70
N LYS E 27 -4.89 -0.82 51.06
CA LYS E 27 -3.62 -1.09 50.33
C LYS E 27 -2.78 -2.24 50.95
N LYS E 28 -3.19 -2.82 52.09
CA LYS E 28 -2.36 -3.85 52.70
C LYS E 28 -2.65 -5.20 52.06
N TYR E 29 -2.28 -5.29 50.78
CA TYR E 29 -2.46 -6.52 50.01
C TYR E 29 -1.18 -6.84 49.27
N LYS E 30 -0.95 -8.13 49.05
CA LYS E 30 0.22 -8.61 48.31
C LYS E 30 -0.27 -9.36 47.09
N VAL E 31 0.29 -9.02 45.92
CA VAL E 31 -0.09 -9.60 44.65
C VAL E 31 0.99 -10.57 44.21
N TYR E 32 0.60 -11.78 43.82
CA TYR E 32 1.56 -12.79 43.42
C TYR E 32 0.93 -13.71 42.36
N TYR E 33 1.78 -14.49 41.71
CA TYR E 33 1.37 -15.41 40.67
C TYR E 33 1.42 -16.84 41.18
N ILE E 34 0.56 -17.68 40.62
CA ILE E 34 0.60 -19.10 40.95
C ILE E 34 0.62 -19.91 39.66
N PRO E 35 1.29 -21.06 39.63
CA PRO E 35 1.35 -21.86 38.40
C PRO E 35 -0.01 -22.46 38.07
N LYS E 36 -0.20 -22.73 36.78
CA LYS E 36 -1.43 -23.30 36.26
C LYS E 36 -1.20 -24.76 35.89
N ARG E 37 -2.25 -25.56 36.01
CA ARG E 37 -2.20 -26.97 35.61
C ARG E 37 -2.21 -27.02 34.09
N GLY E 38 -1.03 -27.11 33.50
CA GLY E 38 -0.88 -26.99 32.06
C GLY E 38 0.16 -25.94 31.71
N ALA E 39 -0.27 -24.84 31.11
CA ALA E 39 0.63 -23.74 30.79
C ALA E 39 -0.07 -22.43 31.10
N GLY E 40 0.62 -21.53 31.80
CA GLY E 40 0.10 -20.23 32.11
C GLY E 40 0.34 -19.91 33.57
N PHE E 41 -0.38 -18.90 34.07
CA PHE E 41 -0.25 -18.45 35.44
C PHE E 41 -1.55 -17.81 35.88
N ARG E 42 -1.70 -17.63 37.19
CA ARG E 42 -2.90 -17.02 37.75
C ARG E 42 -2.48 -15.92 38.72
N VAL E 43 -3.40 -14.98 38.93
CA VAL E 43 -3.16 -13.79 39.74
C VAL E 43 -3.92 -13.90 41.06
N ILE E 44 -3.21 -13.75 42.17
CA ILE E 44 -3.83 -13.77 43.49
C ILE E 44 -3.39 -12.53 44.26
N ALA E 45 -4.22 -12.11 45.20
CA ALA E 45 -3.93 -10.96 46.07
C ALA E 45 -4.45 -11.28 47.45
N GLN E 46 -3.55 -11.31 48.43
CA GLN E 46 -3.90 -11.72 49.79
C GLN E 46 -3.46 -10.68 50.81
N PRO E 47 -4.30 -10.40 51.82
CA PRO E 47 -3.96 -9.37 52.81
C PRO E 47 -2.88 -9.80 53.78
N THR E 48 -2.59 -8.95 54.75
CA THR E 48 -1.59 -9.24 55.77
C THR E 48 -2.22 -9.98 56.94
N LYS E 49 -1.36 -10.38 57.89
CA LYS E 49 -1.83 -11.12 59.06
C LYS E 49 -2.71 -10.27 59.96
N GLU E 50 -2.38 -8.99 60.12
CA GLU E 50 -3.15 -8.13 61.01
C GLU E 50 -4.57 -7.88 60.50
N LEU E 51 -4.76 -7.77 59.18
CA LEU E 51 -6.09 -7.54 58.65
C LEU E 51 -6.92 -8.81 58.54
N LYS E 52 -6.28 -9.98 58.49
CA LYS E 52 -7.02 -11.22 58.29
C LYS E 52 -7.79 -11.58 59.55
N ASN E 53 -7.15 -11.47 60.72
CA ASN E 53 -7.81 -11.96 61.92
C ASN E 53 -8.89 -11.00 62.38
N VAL E 54 -8.92 -9.78 61.87
CA VAL E 54 -10.05 -8.90 62.15
C VAL E 54 -11.16 -9.12 61.13
N GLN E 55 -10.81 -9.47 59.88
CA GLN E 55 -11.85 -9.80 58.90
C GLN E 55 -12.63 -11.03 59.35
N ARG E 56 -11.91 -12.03 59.88
CA ARG E 56 -12.59 -13.22 60.37
C ARG E 56 -13.51 -12.88 61.53
N PHE E 57 -13.09 -11.96 62.40
CA PHE E 57 -13.94 -11.58 63.52
C PHE E 57 -15.18 -10.88 63.01
N ILE E 58 -15.03 -10.08 61.96
CA ILE E 58 -16.17 -9.32 61.43
C ILE E 58 -17.22 -10.27 60.88
N VAL E 59 -16.77 -11.29 60.14
CA VAL E 59 -17.75 -12.18 59.51
C VAL E 59 -18.53 -13.00 60.55
N SER E 60 -18.01 -13.12 61.77
CA SER E 60 -18.74 -13.83 62.82
C SER E 60 -19.97 -13.07 63.27
N LEU E 61 -19.91 -11.73 63.25
CA LEU E 61 -21.06 -10.95 63.68
C LEU E 61 -22.17 -11.00 62.65
N LEU E 62 -21.83 -10.96 61.37
CA LEU E 62 -22.84 -10.91 60.31
C LEU E 62 -23.31 -12.29 59.88
N GLN E 63 -22.69 -13.38 60.36
CA GLN E 63 -23.16 -14.70 59.95
C GLN E 63 -24.60 -14.97 60.36
N PRO E 64 -25.04 -14.73 61.60
CA PRO E 64 -26.43 -15.04 61.97
C PRO E 64 -27.45 -13.98 61.61
N LYS E 65 -27.11 -13.01 60.76
CA LYS E 65 -28.02 -11.92 60.42
C LYS E 65 -28.32 -11.80 58.94
N LEU E 66 -27.56 -12.47 58.07
CA LEU E 66 -27.76 -12.38 56.63
C LEU E 66 -28.26 -13.71 56.08
N PRO E 67 -29.48 -13.76 55.54
CA PRO E 67 -30.00 -15.03 55.02
C PRO E 67 -29.30 -15.45 53.74
N VAL E 68 -29.10 -16.76 53.59
CA VAL E 68 -28.48 -17.37 52.43
C VAL E 68 -29.38 -18.48 51.93
N HIS E 69 -29.64 -18.50 50.62
CA HIS E 69 -30.50 -19.52 50.04
C HIS E 69 -29.88 -20.90 50.18
N HIS E 70 -30.75 -21.91 50.22
CA HIS E 70 -30.33 -23.28 50.45
C HIS E 70 -29.92 -24.02 49.18
N LYS E 71 -29.94 -23.35 48.03
CA LYS E 71 -29.48 -23.94 46.78
C LYS E 71 -28.03 -23.60 46.47
N ALA E 72 -27.35 -22.87 47.36
CA ALA E 72 -25.94 -22.56 47.22
C ALA E 72 -25.15 -23.55 48.07
N MET E 73 -24.22 -24.26 47.44
CA MET E 73 -23.50 -25.35 48.09
C MET E 73 -22.01 -25.06 48.20
N ALA E 74 -21.64 -23.80 48.37
CA ALA E 74 -20.24 -23.40 48.45
C ALA E 74 -20.01 -22.58 49.72
N TYR E 75 -18.90 -22.85 50.40
CA TYR E 75 -18.51 -22.14 51.62
C TYR E 75 -19.62 -22.19 52.67
N GLU E 76 -20.26 -23.35 52.80
CA GLU E 76 -21.35 -23.55 53.74
C GLU E 76 -21.03 -24.70 54.67
N TYR E 77 -21.46 -24.58 55.93
CA TYR E 77 -21.18 -25.61 56.91
C TYR E 77 -21.91 -26.90 56.57
N LYS E 78 -21.19 -28.02 56.73
CA LYS E 78 -21.74 -29.36 56.48
C LYS E 78 -22.30 -29.50 55.06
N LYS E 79 -21.62 -28.88 54.10
CA LYS E 79 -21.98 -29.01 52.69
C LYS E 79 -20.70 -29.16 51.87
N SER E 80 -20.78 -29.95 50.81
CA SER E 80 -19.59 -30.27 50.03
C SER E 80 -20.02 -30.63 48.61
N ILE E 81 -19.07 -31.17 47.84
CA ILE E 81 -19.33 -31.55 46.45
C ILE E 81 -20.27 -32.75 46.40
N LYS E 82 -20.14 -33.67 47.35
CA LYS E 82 -20.94 -34.89 47.32
C LYS E 82 -22.42 -34.56 47.41
N ASP E 83 -22.79 -33.60 48.26
CA ASP E 83 -24.18 -33.18 48.34
C ASP E 83 -24.61 -32.43 47.09
N ASN E 84 -23.66 -31.82 46.38
CA ASN E 84 -23.99 -31.10 45.16
C ASN E 84 -24.33 -32.07 44.03
N ALA E 85 -23.59 -33.16 43.94
CA ALA E 85 -23.80 -34.12 42.86
C ALA E 85 -24.98 -35.05 43.10
N LEU E 86 -25.50 -35.12 44.33
CA LEU E 86 -26.61 -36.02 44.61
C LEU E 86 -27.92 -35.52 44.03
N LEU E 87 -27.99 -34.25 43.64
CA LEU E 87 -29.22 -33.72 43.07
C LEU E 87 -29.40 -34.17 41.62
N HIS E 88 -28.32 -34.24 40.85
CA HIS E 88 -28.39 -34.56 39.43
C HIS E 88 -28.02 -36.01 39.14
N LYS E 89 -27.92 -36.86 40.15
CA LYS E 89 -27.43 -38.21 39.95
C LYS E 89 -28.41 -39.12 39.25
N ASP E 90 -29.66 -38.70 39.06
CA ASP E 90 -30.69 -39.56 38.48
C ASP E 90 -31.46 -38.90 37.34
N ASN E 91 -30.78 -38.03 36.58
CA ASN E 91 -31.41 -37.37 35.44
C ASN E 91 -30.55 -37.56 34.21
N ASN E 92 -31.18 -37.41 33.05
CA ASN E 92 -30.54 -37.77 31.78
C ASN E 92 -29.75 -36.61 31.19
N TYR E 93 -30.42 -35.50 30.90
CA TYR E 93 -29.80 -34.39 30.19
C TYR E 93 -29.33 -33.32 31.15
N ILE E 94 -28.13 -32.79 30.91
CA ILE E 94 -27.49 -31.82 31.79
C ILE E 94 -26.94 -30.66 30.97
N LEU E 95 -27.13 -29.45 31.48
CA LEU E 95 -26.59 -28.25 30.85
C LEU E 95 -25.83 -27.43 31.90
N LYS E 96 -24.67 -26.91 31.51
CA LYS E 96 -23.82 -26.17 32.44
C LYS E 96 -23.48 -24.81 31.86
N MET E 97 -23.40 -23.80 32.74
CA MET E 97 -23.08 -22.43 32.34
C MET E 97 -22.03 -21.87 33.30
N ASP E 98 -21.58 -20.64 33.02
CA ASP E 98 -20.53 -20.03 33.82
C ASP E 98 -20.59 -18.51 33.62
N PHE E 99 -20.18 -17.76 34.65
CA PHE E 99 -20.18 -16.30 34.62
C PHE E 99 -18.89 -15.76 33.99
N GLN E 100 -18.68 -14.46 34.11
CA GLN E 100 -17.48 -13.80 33.57
C GLN E 100 -16.94 -12.82 34.60
N ASN E 101 -15.76 -13.11 35.14
CA ASN E 101 -15.13 -12.28 36.16
C ASN E 101 -16.08 -12.01 37.32
N PHE E 102 -16.49 -13.09 37.98
CA PHE E 102 -17.56 -13.01 38.96
C PHE E 102 -17.17 -12.16 40.16
N PHE E 103 -15.94 -12.32 40.65
CA PHE E 103 -15.58 -11.75 41.94
C PHE E 103 -15.29 -10.25 41.90
N ASN E 104 -14.96 -9.68 40.75
CA ASN E 104 -14.64 -8.26 40.67
C ASN E 104 -15.80 -7.42 40.19
N LYS E 105 -17.00 -7.99 40.12
CA LYS E 105 -18.20 -7.24 39.78
C LYS E 105 -19.04 -6.86 40.99
N ILE E 106 -18.56 -7.15 42.20
CA ILE E 106 -19.24 -6.75 43.43
C ILE E 106 -18.56 -5.51 43.98
N LYS E 107 -19.34 -4.46 44.21
CA LYS E 107 -18.86 -3.17 44.63
C LYS E 107 -19.69 -2.69 45.82
N PRO E 108 -19.18 -1.77 46.62
CA PRO E 108 -19.97 -1.27 47.76
C PRO E 108 -21.28 -0.62 47.37
N ASP E 109 -21.40 -0.13 46.13
CA ASP E 109 -22.66 0.46 45.68
C ASP E 109 -23.77 -0.59 45.67
N ILE E 110 -23.46 -1.81 45.23
CA ILE E 110 -24.47 -2.84 45.20
C ILE E 110 -24.56 -3.56 46.53
N PHE E 111 -23.47 -3.57 47.30
CA PHE E 111 -23.48 -4.22 48.60
C PHE E 111 -24.40 -3.50 49.58
N PHE E 112 -24.34 -2.17 49.63
CA PHE E 112 -25.16 -1.44 50.59
C PHE E 112 -26.63 -1.39 50.17
N SER E 113 -26.92 -1.53 48.88
CA SER E 113 -28.30 -1.57 48.43
C SER E 113 -29.01 -2.80 48.98
N LYS E 114 -28.32 -3.94 49.00
CA LYS E 114 -28.96 -5.13 49.54
C LYS E 114 -29.14 -5.00 51.04
N LEU E 115 -28.21 -4.33 51.71
CA LEU E 115 -28.31 -4.18 53.16
C LEU E 115 -29.52 -3.33 53.52
N GLU E 116 -29.79 -2.29 52.73
CA GLU E 116 -30.93 -1.44 53.02
C GLU E 116 -32.26 -2.18 52.83
N ASN E 117 -32.30 -3.11 51.89
CA ASN E 117 -33.55 -3.80 51.59
C ASN E 117 -33.93 -4.82 52.67
N THR E 118 -32.95 -5.34 53.41
CA THR E 118 -33.25 -6.36 54.41
C THR E 118 -33.93 -5.80 55.64
N GLY E 119 -34.03 -4.48 55.78
CA GLY E 119 -34.67 -3.87 56.93
C GLY E 119 -33.74 -3.52 58.06
N LEU E 120 -32.46 -3.88 57.98
CA LEU E 120 -31.51 -3.54 59.02
C LEU E 120 -31.02 -2.12 58.81
N LYS E 121 -31.14 -1.29 59.83
CA LYS E 121 -30.67 0.09 59.78
C LYS E 121 -29.34 0.19 60.52
N LEU E 122 -28.35 0.80 59.88
CA LEU E 122 -27.02 0.92 60.43
C LEU E 122 -26.57 2.37 60.39
N ASP E 123 -25.71 2.74 61.34
CA ASP E 123 -25.25 4.11 61.45
C ASP E 123 -24.27 4.43 60.31
N SER E 124 -24.01 5.73 60.14
CA SER E 124 -23.09 6.15 59.09
C SER E 124 -21.66 5.77 59.42
N PHE E 125 -21.28 5.79 60.69
CA PHE E 125 -19.92 5.41 61.07
C PHE E 125 -19.68 3.94 60.75
N ASP E 126 -20.66 3.08 61.04
CA ASP E 126 -20.47 1.67 60.70
C ASP E 126 -20.40 1.49 59.19
N GLU E 127 -21.11 2.33 58.44
CA GLU E 127 -21.04 2.25 56.99
C GLU E 127 -19.62 2.58 56.51
N ASN E 128 -19.02 3.60 57.13
CA ASN E 128 -17.66 3.96 56.75
C ASN E 128 -16.69 2.86 57.12
N THR E 129 -16.86 2.26 58.30
CA THR E 129 -15.96 1.20 58.72
C THR E 129 -16.06 0.01 57.78
N LEU E 130 -17.29 -0.38 57.41
CA LEU E 130 -17.49 -1.53 56.54
C LEU E 130 -16.90 -1.26 55.15
N ARG E 131 -17.10 -0.05 54.62
CA ARG E 131 -16.67 0.23 53.26
C ARG E 131 -15.15 0.17 53.13
N ASN E 132 -14.41 0.56 54.18
CA ASN E 132 -12.97 0.69 54.12
C ASN E 132 -12.23 -0.51 54.69
N LEU E 133 -12.91 -1.62 54.95
CA LEU E 133 -12.26 -2.78 55.55
C LEU E 133 -12.36 -4.05 54.71
N LEU E 134 -13.50 -4.29 54.06
CA LEU E 134 -13.70 -5.52 53.30
C LEU E 134 -13.39 -5.37 51.82
N PHE E 135 -12.86 -4.23 51.38
CA PHE E 135 -12.71 -3.95 49.97
C PHE E 135 -11.25 -3.64 49.61
N TRP E 136 -10.90 -3.89 48.36
CA TRP E 136 -9.56 -3.72 47.84
C TRP E 136 -9.54 -2.61 46.79
N ARG E 137 -8.45 -1.84 46.77
CA ARG E 137 -8.30 -0.71 45.85
C ARG E 137 -7.06 -0.91 44.99
N PRO E 138 -7.21 -1.47 43.79
CA PRO E 138 -6.06 -1.58 42.88
C PRO E 138 -5.77 -0.26 42.18
N GLY E 139 -4.56 -0.18 41.64
CA GLY E 139 -4.15 1.02 40.92
C GLY E 139 -3.60 2.09 41.85
N LYS E 140 -3.62 3.32 41.35
CA LYS E 140 -3.11 4.45 42.10
C LYS E 140 -4.04 4.80 43.26
N LYS E 141 -3.55 5.66 44.15
CA LYS E 141 -4.32 6.06 45.33
C LYS E 141 -5.54 6.90 45.00
N ARG E 142 -5.63 7.43 43.78
CA ARG E 142 -6.77 8.25 43.37
C ARG E 142 -7.74 7.47 42.48
N SER E 143 -7.62 6.15 42.41
CA SER E 143 -8.51 5.36 41.56
C SER E 143 -9.95 5.46 42.03
N THR E 144 -10.18 5.42 43.34
CA THR E 144 -11.51 5.49 43.93
C THR E 144 -12.42 4.37 43.41
N THR E 145 -11.83 3.20 43.17
CA THR E 145 -12.57 2.02 42.75
C THR E 145 -12.24 0.88 43.71
N LEU E 146 -13.28 0.25 44.27
CA LEU E 146 -13.07 -0.85 45.24
C LEU E 146 -13.69 -2.14 44.70
N ILE E 147 -12.96 -3.25 44.77
CA ILE E 147 -13.48 -4.57 44.27
C ILE E 147 -13.39 -5.59 45.42
N LEU E 148 -14.34 -6.52 45.50
CA LEU E 148 -14.36 -7.49 46.63
C LEU E 148 -13.08 -8.34 46.61
N SER E 149 -12.66 -8.82 45.43
CA SER E 149 -11.43 -9.62 45.29
C SER E 149 -11.67 -11.06 45.76
N VAL E 150 -10.63 -11.90 45.73
CA VAL E 150 -10.74 -13.31 46.23
C VAL E 150 -9.45 -13.60 47.01
N GLY E 151 -9.49 -14.57 47.93
CA GLY E 151 -8.31 -14.82 48.77
C GLY E 151 -8.47 -14.13 50.11
N ALA E 152 -9.53 -13.33 50.26
CA ALA E 152 -9.79 -12.73 51.55
C ALA E 152 -10.82 -13.54 52.32
N PRO E 153 -10.71 -13.61 53.65
CA PRO E 153 -11.63 -14.44 54.43
C PRO E 153 -13.09 -14.02 54.36
N SER E 154 -13.40 -12.78 53.99
CA SER E 154 -14.79 -12.33 53.99
C SER E 154 -15.49 -12.36 52.65
N SER E 155 -14.76 -12.44 51.53
CA SER E 155 -15.40 -12.39 50.22
C SER E 155 -16.36 -13.55 49.95
N PRO E 156 -16.00 -14.82 50.22
CA PRO E 156 -16.91 -15.91 49.85
C PRO E 156 -18.26 -15.81 50.50
N PHE E 157 -18.32 -15.35 51.76
CA PHE E 157 -19.62 -15.28 52.41
C PHE E 157 -20.44 -14.15 51.83
N ILE E 158 -19.78 -13.04 51.46
CA ILE E 158 -20.50 -11.89 50.95
C ILE E 158 -21.17 -12.22 49.62
N SER E 159 -20.49 -13.00 48.78
CA SER E 159 -21.06 -13.30 47.47
C SER E 159 -22.36 -14.09 47.57
N ASN E 160 -22.41 -15.04 48.53
CA ASN E 160 -23.60 -15.85 48.68
C ASN E 160 -24.78 -15.00 49.10
N PHE E 161 -24.54 -14.06 50.02
CA PHE E 161 -25.64 -13.22 50.46
C PHE E 161 -26.10 -12.32 49.31
N VAL E 162 -25.15 -11.87 48.49
CA VAL E 162 -25.50 -10.95 47.40
C VAL E 162 -26.43 -11.63 46.41
N MET E 163 -26.15 -12.88 46.04
CA MET E 163 -26.93 -13.52 44.98
C MET E 163 -28.21 -14.21 45.47
N TYR E 164 -28.74 -13.82 46.64
CA TYR E 164 -29.93 -14.47 47.18
C TYR E 164 -31.15 -14.28 46.29
N ASP E 165 -31.35 -13.08 45.77
CA ASP E 165 -32.52 -12.84 44.93
C ASP E 165 -32.45 -13.63 43.64
N PHE E 166 -31.26 -13.74 43.05
CA PHE E 166 -31.14 -14.49 41.80
C PHE E 166 -31.44 -15.96 42.07
N ASP E 167 -30.95 -16.49 43.19
CA ASP E 167 -31.20 -17.90 43.49
C ASP E 167 -32.68 -18.15 43.68
N LYS E 168 -33.36 -17.25 44.42
CA LYS E 168 -34.77 -17.49 44.73
C LYS E 168 -35.61 -17.35 43.47
N SER E 169 -35.35 -16.32 42.66
CA SER E 169 -36.16 -16.09 41.48
C SER E 169 -35.98 -17.19 40.44
N LEU E 170 -34.79 -17.81 40.38
CA LEU E 170 -34.60 -18.86 39.38
C LEU E 170 -35.04 -20.23 39.87
N ASP E 171 -35.05 -20.48 41.18
CA ASP E 171 -35.38 -21.81 41.66
C ASP E 171 -36.84 -22.13 41.44
N ASP E 172 -37.74 -21.21 41.79
CA ASP E 172 -39.15 -21.53 41.65
C ASP E 172 -39.58 -21.54 40.18
N TRP E 173 -38.84 -20.85 39.30
CA TRP E 173 -39.15 -20.97 37.88
C TRP E 173 -38.73 -22.34 37.37
N CYS E 174 -37.61 -22.87 37.85
CA CYS E 174 -37.17 -24.18 37.40
C CYS E 174 -38.04 -25.28 37.97
N ARG E 175 -38.61 -25.08 39.16
CA ARG E 175 -39.46 -26.10 39.77
C ARG E 175 -40.71 -26.38 38.94
N ASN E 176 -41.32 -25.34 38.38
CA ASN E 176 -42.56 -25.49 37.61
C ASN E 176 -42.40 -26.22 36.28
N ASN E 177 -41.16 -26.46 35.82
CA ASN E 177 -40.96 -27.14 34.54
C ASN E 177 -40.17 -28.42 34.67
N GLY E 178 -40.02 -28.96 35.88
CA GLY E 178 -39.30 -30.21 36.06
C GLY E 178 -37.82 -30.11 35.74
N ILE E 179 -37.19 -29.05 36.23
CA ILE E 179 -35.77 -28.78 36.01
C ILE E 179 -35.10 -28.65 37.36
N THR E 180 -33.92 -29.26 37.51
CA THR E 180 -33.17 -29.18 38.75
C THR E 180 -32.07 -28.13 38.61
N TYR E 181 -31.87 -27.35 39.67
CA TYR E 181 -30.94 -26.23 39.64
C TYR E 181 -30.06 -26.20 40.88
N SER E 182 -28.79 -25.87 40.68
CA SER E 182 -27.84 -25.72 41.77
C SER E 182 -26.65 -24.88 41.30
N ARG E 183 -26.07 -24.15 42.24
CA ARG E 183 -24.97 -23.24 41.97
C ARG E 183 -23.82 -23.50 42.93
N TYR E 184 -22.60 -23.49 42.39
CA TYR E 184 -21.39 -23.60 43.18
C TYR E 184 -20.45 -22.46 42.79
N ALA E 185 -20.28 -21.50 43.71
CA ALA E 185 -19.50 -20.30 43.43
C ALA E 185 -20.08 -19.58 42.22
N ASP E 186 -19.44 -19.72 41.06
CA ASP E 186 -19.91 -19.09 39.83
C ASP E 186 -20.21 -20.11 38.74
N ASP E 187 -20.70 -21.28 39.16
CA ASP E 187 -21.13 -22.32 38.24
C ASP E 187 -22.62 -22.59 38.48
N ILE E 188 -23.37 -22.75 37.40
CA ILE E 188 -24.79 -23.07 37.46
C ILE E 188 -25.06 -24.30 36.61
N THR E 189 -25.80 -25.25 37.17
CA THR E 189 -26.06 -26.52 36.51
C THR E 189 -27.56 -26.79 36.47
N PHE E 190 -28.02 -27.35 35.36
CA PHE E 190 -29.41 -27.72 35.18
C PHE E 190 -29.48 -29.15 34.67
N SER E 191 -30.55 -29.85 35.04
CA SER E 191 -30.70 -31.23 34.60
C SER E 191 -32.18 -31.57 34.54
N THR E 192 -32.52 -32.49 33.64
CA THR E 192 -33.91 -32.87 33.41
C THR E 192 -33.98 -34.19 32.66
N ASN E 193 -35.20 -34.72 32.58
CA ASN E 193 -35.49 -35.94 31.85
C ASN E 193 -36.32 -35.72 30.58
N ILE E 194 -36.93 -34.55 30.41
CA ILE E 194 -37.79 -34.27 29.27
C ILE E 194 -36.93 -33.74 28.13
N LYS E 195 -37.22 -34.23 26.92
CA LYS E 195 -36.45 -33.84 25.74
C LYS E 195 -36.88 -32.47 25.24
N ASP E 196 -35.91 -31.68 24.80
CA ASP E 196 -36.14 -30.36 24.18
C ASP E 196 -36.88 -29.42 25.12
N ILE E 197 -36.30 -29.21 26.30
CA ILE E 197 -36.82 -28.24 27.26
C ILE E 197 -35.69 -27.39 27.79
N LEU E 198 -34.45 -27.81 27.54
CA LEU E 198 -33.27 -27.12 28.03
C LEU E 198 -32.74 -26.06 27.07
N CYS E 199 -33.37 -25.89 25.92
CA CYS E 199 -32.95 -24.91 24.92
C CYS E 199 -33.53 -23.53 25.15
N ARG E 200 -34.37 -23.35 26.17
CA ARG E 200 -35.00 -22.06 26.44
C ARG E 200 -34.42 -21.30 27.61
N VAL E 201 -33.76 -21.99 28.54
CA VAL E 201 -33.25 -21.37 29.77
C VAL E 201 -32.12 -20.36 29.56
N PRO E 202 -31.30 -20.42 28.49
CA PRO E 202 -30.30 -19.35 28.32
C PRO E 202 -30.89 -17.95 28.23
N LYS E 203 -32.08 -17.77 27.67
CA LYS E 203 -32.67 -16.44 27.66
C LYS E 203 -33.25 -16.08 29.02
N VAL E 204 -33.75 -17.07 29.75
CA VAL E 204 -34.37 -16.79 31.04
C VAL E 204 -33.32 -16.36 32.04
N VAL E 205 -32.17 -17.05 32.06
CA VAL E 205 -31.16 -16.69 33.03
C VAL E 205 -30.66 -15.28 32.73
N LYS E 206 -30.56 -14.93 31.44
CA LYS E 206 -30.10 -13.58 31.08
C LYS E 206 -31.09 -12.53 31.54
N LYS E 207 -32.39 -12.80 31.40
CA LYS E 207 -33.39 -11.83 31.84
C LYS E 207 -33.37 -11.66 33.35
N MET E 208 -33.26 -12.77 34.09
CA MET E 208 -33.21 -12.62 35.55
C MET E 208 -31.92 -11.95 35.97
N LEU E 209 -30.84 -12.19 35.22
CA LEU E 209 -29.55 -11.62 35.56
C LEU E 209 -29.63 -10.11 35.44
N SER E 210 -30.28 -9.62 34.38
CA SER E 210 -30.36 -8.19 34.19
C SER E 210 -31.35 -7.57 35.16
N LEU E 211 -32.39 -8.31 35.55
CA LEU E 211 -33.42 -7.74 36.39
C LEU E 211 -32.98 -7.63 37.85
N HIS E 212 -32.22 -8.59 38.34
CA HIS E 212 -31.90 -8.67 39.77
C HIS E 212 -30.53 -8.15 40.15
N VAL E 213 -29.48 -8.50 39.41
CA VAL E 213 -28.13 -8.03 39.74
C VAL E 213 -27.50 -7.39 38.51
N PRO E 214 -27.68 -6.09 38.31
CA PRO E 214 -27.08 -5.42 37.15
C PRO E 214 -25.57 -5.38 37.25
N GLY E 215 -24.93 -5.49 36.09
CA GLY E 215 -23.48 -5.46 36.01
C GLY E 215 -22.90 -6.82 35.67
N LEU E 216 -23.51 -7.89 36.19
CA LEU E 216 -23.04 -9.23 35.92
C LEU E 216 -23.36 -9.62 34.49
N SER E 217 -22.63 -10.62 33.99
CA SER E 217 -22.81 -11.07 32.61
C SER E 217 -22.39 -12.52 32.49
N ILE E 218 -22.83 -13.16 31.42
CA ILE E 218 -22.64 -14.58 31.20
C ILE E 218 -21.54 -14.78 30.16
N ASN E 219 -20.60 -15.67 30.45
CA ASN E 219 -19.57 -16.04 29.48
C ASN E 219 -20.19 -17.04 28.50
N GLU E 220 -20.16 -16.71 27.22
CA GLU E 220 -20.84 -17.52 26.22
C GLU E 220 -19.98 -18.60 25.61
N SER E 221 -18.73 -18.72 26.04
CA SER E 221 -17.82 -19.73 25.49
C SER E 221 -17.64 -20.92 26.43
N LYS E 222 -18.44 -21.01 27.49
CA LYS E 222 -18.33 -22.08 28.48
C LYS E 222 -19.71 -22.65 28.78
N THR E 223 -20.47 -22.96 27.74
CA THR E 223 -21.78 -23.56 27.86
C THR E 223 -21.71 -24.99 27.33
N ILE E 224 -22.30 -25.94 28.06
CA ILE E 224 -22.13 -27.35 27.71
C ILE E 224 -23.46 -28.08 27.82
N PHE E 225 -23.77 -28.90 26.82
CA PHE E 225 -24.91 -29.80 26.83
C PHE E 225 -24.41 -31.24 26.83
N THR E 226 -25.01 -32.08 27.68
CA THR E 226 -24.57 -33.46 27.83
C THR E 226 -25.77 -34.37 28.02
N SER E 227 -25.57 -35.65 27.72
CA SER E 227 -26.60 -36.68 27.87
C SER E 227 -25.93 -37.94 28.41
N MET E 228 -26.67 -39.04 28.36
CA MET E 228 -26.17 -40.31 28.91
C MET E 228 -25.25 -41.06 27.95
N ALA E 229 -25.05 -40.58 26.73
CA ALA E 229 -24.19 -41.25 25.77
C ALA E 229 -22.76 -40.68 25.75
N HIS E 230 -22.45 -39.73 26.63
CA HIS E 230 -21.15 -39.10 26.68
C HIS E 230 -20.68 -39.01 28.14
N ASN E 231 -19.53 -38.39 28.34
CA ASN E 231 -18.97 -38.25 29.68
C ASN E 231 -19.78 -37.24 30.48
N ARG E 232 -20.16 -37.62 31.68
CA ARG E 232 -20.94 -36.74 32.57
C ARG E 232 -20.22 -36.63 33.91
N HIS E 233 -20.05 -35.39 34.37
CA HIS E 233 -19.49 -35.16 35.70
C HIS E 233 -19.95 -33.80 36.19
N VAL E 234 -20.01 -33.65 37.51
CA VAL E 234 -20.45 -32.42 38.16
C VAL E 234 -19.38 -32.01 39.16
N THR E 235 -18.61 -30.97 38.80
CA THR E 235 -17.56 -30.44 39.67
C THR E 235 -16.61 -31.52 40.16
N GLY E 236 -16.23 -32.42 39.26
CA GLY E 236 -15.16 -33.35 39.52
C GLY E 236 -15.54 -34.75 39.96
N VAL E 237 -16.81 -35.11 39.93
CA VAL E 237 -17.25 -36.47 40.26
C VAL E 237 -17.99 -37.04 39.05
N THR E 238 -17.56 -38.21 38.61
CA THR E 238 -18.15 -38.83 37.43
C THR E 238 -19.45 -39.53 37.79
N LEU E 239 -20.43 -39.47 36.88
CA LEU E 239 -21.73 -40.09 37.06
C LEU E 239 -21.82 -41.33 36.17
N THR E 240 -21.91 -42.49 36.79
CA THR E 240 -22.13 -43.72 36.06
C THR E 240 -23.51 -43.68 35.40
N PRO E 241 -23.67 -44.25 34.20
CA PRO E 241 -25.02 -44.33 33.60
C PRO E 241 -26.02 -45.06 34.47
N GLN E 242 -25.57 -45.98 35.32
CA GLN E 242 -26.48 -46.62 36.25
C GLN E 242 -27.03 -45.62 37.28
N GLY E 243 -26.25 -44.58 37.59
CA GLY E 243 -26.67 -43.58 38.54
C GLY E 243 -25.90 -43.60 39.84
N ASN E 244 -24.61 -43.92 39.77
CA ASN E 244 -23.76 -44.02 40.95
C ASN E 244 -22.58 -43.07 40.81
N LEU E 245 -22.16 -42.50 41.93
CA LEU E 245 -20.98 -41.64 41.94
C LEU E 245 -19.71 -42.46 41.76
N SER E 246 -18.70 -41.84 41.15
CA SER E 246 -17.46 -42.54 40.86
C SER E 246 -16.33 -41.53 40.78
N ILE E 247 -15.09 -42.05 40.84
CA ILE E 247 -13.90 -41.22 40.79
C ILE E 247 -13.24 -41.32 39.42
N GLY E 248 -13.42 -42.45 38.74
CA GLY E 248 -12.82 -42.66 37.43
C GLY E 248 -11.95 -43.88 37.38
N ARG E 249 -11.89 -44.54 36.22
CA ARG E 249 -11.10 -45.76 36.10
C ARG E 249 -9.59 -45.49 36.07
N ASP E 250 -9.19 -44.33 35.51
CA ASP E 250 -7.78 -44.00 35.42
C ASP E 250 -7.15 -43.87 36.80
N ARG E 251 -7.86 -43.23 37.73
CA ARG E 251 -7.29 -43.08 39.06
C ARG E 251 -7.33 -44.39 39.82
N LYS E 252 -8.34 -45.22 39.57
CA LYS E 252 -8.41 -46.49 40.27
C LYS E 252 -7.20 -47.34 39.89
N ARG E 253 -6.87 -47.36 38.59
CA ARG E 253 -5.71 -48.14 38.17
C ARG E 253 -4.43 -47.51 38.65
N MET E 254 -4.37 -46.18 38.74
CA MET E 254 -3.14 -45.54 39.21
C MET E 254 -2.89 -45.90 40.67
N LEU E 255 -3.93 -45.85 41.50
CA LEU E 255 -3.73 -46.17 42.92
C LEU E 255 -3.41 -47.64 43.11
N PHE E 256 -3.99 -48.52 42.27
CA PHE E 256 -3.65 -49.92 42.38
C PHE E 256 -2.19 -50.15 42.04
N ALA E 257 -1.70 -49.44 41.02
CA ALA E 257 -0.29 -49.58 40.65
C ALA E 257 0.61 -49.06 41.75
N LYS E 258 0.22 -47.95 42.39
CA LYS E 258 1.06 -47.39 43.45
C LYS E 258 1.15 -48.36 44.62
N ILE E 259 0.03 -49.00 44.98
CA ILE E 259 0.08 -49.94 46.09
C ILE E 259 0.90 -51.16 45.72
N HIS E 260 0.79 -51.61 44.47
CA HIS E 260 1.57 -52.77 44.05
C HIS E 260 3.06 -52.46 44.12
N LYS E 261 3.46 -51.27 43.67
CA LYS E 261 4.87 -50.90 43.78
C LYS E 261 5.31 -50.76 45.23
N TYR E 262 4.40 -50.32 46.10
CA TYR E 262 4.75 -50.20 47.51
C TYR E 262 4.99 -51.56 48.13
N SER E 263 4.26 -52.58 47.67
CA SER E 263 4.47 -53.93 48.18
C SER E 263 5.87 -54.45 47.87
N LEU E 264 6.53 -53.92 46.85
CA LEU E 264 7.90 -54.28 46.53
C LEU E 264 8.93 -53.33 47.16
N GLY E 265 8.48 -52.36 47.95
CA GLY E 265 9.38 -51.41 48.59
C GLY E 265 10.12 -50.48 47.65
N LEU E 266 9.42 -49.92 46.66
CA LEU E 266 10.01 -49.01 45.68
C LEU E 266 9.33 -47.65 45.71
N LEU E 267 8.77 -47.26 46.85
CA LEU E 267 8.06 -46.00 47.00
C LEU E 267 8.77 -45.08 47.97
N SER E 268 9.03 -43.85 47.54
CA SER E 268 9.68 -42.85 48.39
C SER E 268 8.70 -42.36 49.45
N SER E 269 9.25 -41.70 50.47
CA SER E 269 8.43 -41.24 51.59
C SER E 269 7.41 -40.17 51.18
N GLU E 270 7.75 -39.31 50.21
CA GLU E 270 6.79 -38.30 49.78
C GLU E 270 5.56 -38.94 49.14
N GLU E 271 5.78 -40.00 48.34
CA GLU E 271 4.66 -40.60 47.67
C GLU E 271 3.78 -41.37 48.63
N ILE E 272 4.32 -41.79 49.79
CA ILE E 272 3.48 -42.49 50.75
C ILE E 272 2.41 -41.54 51.28
N ASN E 273 2.82 -40.32 51.63
CA ASN E 273 1.86 -39.34 52.13
C ASN E 273 0.89 -38.91 51.03
N LYS E 274 1.39 -38.76 49.81
CA LYS E 274 0.51 -38.33 48.72
C LYS E 274 -0.55 -39.38 48.44
N THR E 275 -0.14 -40.65 48.39
CA THR E 275 -1.11 -41.69 48.09
C THR E 275 -2.04 -41.91 49.26
N LYS E 276 -1.56 -41.72 50.50
CA LYS E 276 -2.44 -41.90 51.63
C LYS E 276 -3.56 -40.87 51.60
N GLY E 277 -3.22 -39.62 51.26
CA GLY E 277 -4.26 -38.60 51.20
C GLY E 277 -5.23 -38.86 50.07
N MET E 278 -4.71 -39.31 48.92
CA MET E 278 -5.60 -39.57 47.80
C MET E 278 -6.54 -40.71 48.11
N ILE E 279 -6.02 -41.75 48.77
CA ILE E 279 -6.83 -42.91 49.12
C ILE E 279 -7.93 -42.50 50.10
N ALA E 280 -7.59 -41.63 51.05
CA ALA E 280 -8.60 -41.20 52.01
C ALA E 280 -9.73 -40.44 51.32
N PHE E 281 -9.38 -39.58 50.37
CA PHE E 281 -10.42 -38.85 49.64
C PHE E 281 -11.27 -39.80 48.81
N ALA E 282 -10.65 -40.77 48.14
CA ALA E 282 -11.45 -41.68 47.33
C ALA E 282 -12.34 -42.56 48.20
N ASN E 283 -11.85 -42.94 49.39
CA ASN E 283 -12.67 -43.74 50.28
C ASN E 283 -13.89 -42.95 50.73
N TYR E 284 -13.71 -41.65 51.00
CA TYR E 284 -14.87 -40.85 51.38
C TYR E 284 -15.84 -40.72 50.22
N LEU E 285 -15.33 -40.65 48.98
CA LEU E 285 -16.22 -40.45 47.84
C LEU E 285 -17.03 -41.71 47.54
N GLU E 286 -16.38 -42.87 47.53
CA GLU E 286 -17.07 -44.12 47.20
C GLU E 286 -17.70 -44.77 48.43
N GLY E 287 -16.88 -45.06 49.44
CA GLY E 287 -17.33 -45.74 50.64
C GLY E 287 -16.97 -47.21 50.72
N ASP E 288 -16.45 -47.81 49.65
CA ASP E 288 -16.07 -49.22 49.68
C ASP E 288 -14.72 -49.44 49.01
N PHE E 289 -13.86 -48.42 48.97
CA PHE E 289 -12.56 -48.57 48.33
C PHE E 289 -11.60 -49.41 49.16
N LEU E 290 -11.62 -49.20 50.48
CA LEU E 290 -10.69 -49.93 51.34
C LEU E 290 -11.00 -51.41 51.36
N LEU E 291 -12.28 -51.78 51.30
CA LEU E 291 -12.61 -53.20 51.30
C LEU E 291 -12.05 -53.88 50.06
N ARG E 292 -12.15 -53.21 48.91
CA ARG E 292 -11.61 -53.77 47.68
C ARG E 292 -10.10 -53.91 47.75
N LEU E 293 -9.42 -52.90 48.33
CA LEU E 293 -7.97 -53.01 48.43
C LEU E 293 -7.57 -54.14 49.38
N GLN E 294 -8.30 -54.28 50.49
CA GLN E 294 -8.01 -55.33 51.46
C GLN E 294 -8.22 -56.71 50.85
N LYS E 295 -9.27 -56.87 50.05
CA LYS E 295 -9.54 -58.18 49.49
C LYS E 295 -8.52 -58.57 48.44
N LYS E 296 -7.67 -57.64 48.00
CA LYS E 296 -6.69 -57.91 46.97
C LYS E 296 -5.29 -58.11 47.55
N TYR E 297 -4.83 -57.18 48.39
CA TYR E 297 -3.48 -57.28 48.95
C TYR E 297 -3.45 -57.79 50.39
N GLY E 298 -4.58 -58.15 50.96
CA GLY E 298 -4.56 -58.63 52.34
C GLY E 298 -4.70 -57.50 53.34
N CYS E 299 -5.20 -57.84 54.53
CA CYS E 299 -5.40 -56.83 55.56
C CYS E 299 -4.09 -56.42 56.21
N GLU E 300 -3.13 -57.34 56.32
CA GLU E 300 -1.88 -57.01 57.01
C GLU E 300 -1.10 -55.94 56.27
N LEU E 301 -1.01 -56.04 54.95
CA LEU E 301 -0.23 -55.07 54.20
C LEU E 301 -0.90 -53.70 54.24
N ILE E 302 -2.23 -53.68 54.16
CA ILE E 302 -2.94 -52.40 54.18
C ILE E 302 -2.75 -51.75 55.54
N THR E 303 -2.87 -52.52 56.62
CA THR E 303 -2.72 -51.97 57.95
C THR E 303 -1.32 -51.42 58.16
N LYS E 304 -0.30 -52.16 57.69
CA LYS E 304 1.06 -51.69 57.84
C LYS E 304 1.28 -50.41 57.03
N PHE E 305 0.71 -50.33 55.83
CA PHE E 305 0.88 -49.14 55.02
C PHE E 305 0.22 -47.94 55.69
N LEU E 306 -0.97 -48.15 56.27
CA LEU E 306 -1.67 -47.05 56.92
C LEU E 306 -0.92 -46.56 58.15
N MET E 307 -0.35 -47.49 58.93
CA MET E 307 0.33 -47.09 60.16
C MET E 307 1.70 -46.49 59.91
N GLU E 308 2.22 -46.57 58.69
CA GLU E 308 3.54 -46.03 58.40
C GLU E 308 3.53 -44.51 58.53
N GLY E 309 4.56 -43.97 59.19
CA GLY E 309 4.66 -42.55 59.39
C GLY E 309 3.75 -42.01 60.48
PG ATP H . 31.91 24.83 -12.38
O1G ATP H . 32.02 24.60 -10.91
O2G ATP H . 30.53 24.48 -12.95
O3G ATP H . 32.98 24.09 -13.19
PB ATP H . 33.19 27.52 -12.53
O1B ATP H . 33.63 27.62 -11.12
O2B ATP H . 34.29 27.32 -13.55
O3B ATP H . 32.12 26.36 -12.73
PA ATP H . 31.46 29.21 -14.21
O1A ATP H . 30.14 28.57 -14.15
O2A ATP H . 32.27 28.89 -15.47
O3A ATP H . 32.36 28.80 -12.98
O5' ATP H . 31.37 30.78 -14.07
C5' ATP H . 31.20 31.40 -12.78
C4' ATP H . 31.39 32.88 -12.94
O4' ATP H . 30.61 33.34 -14.06
C3' ATP H . 30.92 33.73 -11.76
O3' ATP H . 32.02 34.05 -10.91
C2' ATP H . 30.34 34.99 -12.41
O2' ATP H . 31.06 36.16 -12.05
C1' ATP H . 30.46 34.73 -13.91
N9 ATP H . 29.32 35.15 -14.70
C8 ATP H . 28.22 34.39 -15.02
N7 ATP H . 27.34 35.01 -15.76
C5 ATP H . 27.89 36.27 -15.94
C6 ATP H . 27.45 37.41 -16.63
N6 ATP H . 26.29 37.47 -17.30
N1 ATP H . 28.24 38.50 -16.62
C2 ATP H . 29.39 38.45 -15.96
N3 ATP H . 29.92 37.44 -15.28
C4 ATP H . 29.11 36.36 -15.30
PG ATP I . -25.27 -11.18 0.72
O1G ATP I . -24.50 -12.40 0.36
O2G ATP I . -26.24 -10.74 -0.37
O3G ATP I . -24.40 -10.00 1.13
PB ATP I . -27.74 -11.69 2.34
O1B ATP I . -28.62 -10.91 1.45
O2B ATP I . -27.98 -13.19 2.37
O3B ATP I . -26.20 -11.46 1.99
PA ATP I . -27.00 -10.13 4.74
O1A ATP I . -26.32 -9.12 3.91
O2A ATP I . -26.10 -10.95 5.65
O3A ATP I . -27.80 -11.16 3.84
O5' ATP I . -28.13 -9.47 5.62
C5' ATP I . -29.14 -8.62 5.02
C4' ATP I . -30.12 -8.18 6.08
O4' ATP I . -29.40 -7.78 7.27
C3' ATP I . -30.98 -6.97 5.72
O3' ATP I . -32.23 -7.40 5.17
C2' ATP I . -31.18 -6.23 7.04
O2' ATP I . -32.54 -6.24 7.46
C1' ATP I . -30.30 -7.02 8.04
N9 ATP I . -29.53 -6.18 8.95
C8 ATP I . -28.26 -5.70 8.76
N7 ATP I . -27.81 -4.97 9.75
C5 ATP I . -28.86 -4.95 10.65
C6 ATP I . -29.03 -4.34 11.90
N6 ATP I . -28.09 -3.61 12.50
N1 ATP I . -30.20 -4.53 12.54
C2 ATP I . -31.15 -5.27 11.95
N3 ATP I . -31.10 -5.89 10.77
C4 ATP I . -29.93 -5.69 10.16
PG ATP J . -20.13 -10.84 -20.86
O1G ATP J . -20.01 -11.99 -19.92
O2G ATP J . -19.43 -9.57 -20.37
O3G ATP J . -21.58 -10.49 -21.23
PB ATP J . -19.62 -12.12 -23.50
O1B ATP J . -20.01 -13.48 -23.11
O2B ATP J . -20.58 -11.43 -24.47
O3B ATP J . -19.43 -11.17 -22.25
PA ATP J . -17.32 -11.01 -25.00
O1A ATP J . -16.77 -9.96 -24.12
O2A ATP J . -18.22 -10.48 -26.11
O3A ATP J . -18.18 -12.07 -24.18
O5' ATP J . -16.19 -11.88 -25.66
C5' ATP J . -16.51 -13.06 -26.43
C4' ATP J . -15.26 -13.66 -27.02
O4' ATP J . -14.69 -12.75 -27.97
C3' ATP J . -14.13 -13.95 -26.05
O3' ATP J . -14.22 -15.28 -25.54
C2' ATP J . -12.85 -13.76 -26.88
O2' ATP J . -12.18 -14.99 -27.10
C1' ATP J . -13.37 -13.17 -28.20
N9 ATP J . -12.59 -12.05 -28.71
C8 ATP J . -12.55 -10.78 -28.19
N7 ATP J . -11.77 -9.96 -28.85
C5 ATP J . -11.26 -10.75 -29.87
C6 ATP J . -10.36 -10.48 -30.93
N6 ATP J . -9.79 -9.28 -31.13
N1 ATP J . -10.06 -11.48 -31.77
C2 ATP J . -10.63 -12.68 -31.58
N3 ATP J . -11.49 -13.06 -30.63
C4 ATP J . -11.76 -12.04 -29.80
#